data_3CW5
# 
_entry.id   3CW5 
# 
_audit_conform.dict_name       mmcif_pdbx.dic 
_audit_conform.dict_version    5.377 
_audit_conform.dict_location   http://mmcif.pdb.org/dictionaries/ascii/mmcif_pdbx.dic 
# 
loop_
_database_2.database_id 
_database_2.database_code 
_database_2.pdbx_database_accession 
_database_2.pdbx_DOI 
PDB   3CW5         pdb_00003cw5 10.2210/pdb3cw5/pdb 
NDB   UR0139       ?            ?                   
RCSB  RCSB047284   ?            ?                   
WWPDB D_1000047284 ?            ?                   
# 
_pdbx_database_related.db_name        PDB 
_pdbx_database_related.db_id          3CW6 
_pdbx_database_related.content_type   unspecified 
_pdbx_database_related.details        'E. coli initiator tRNA at pH 8.0' 
# 
_pdbx_database_status.entry_id                        3CW5 
_pdbx_database_status.status_code                     REL 
_pdbx_database_status.status_code_sf                  REL 
_pdbx_database_status.deposit_site                    RCSB 
_pdbx_database_status.process_site                    RCSB 
_pdbx_database_status.recvd_initial_deposition_date   2008-04-21 
_pdbx_database_status.SG_entry                        N 
_pdbx_database_status.status_code_mr                  ? 
_pdbx_database_status.pdb_format_compatible           Y 
_pdbx_database_status.status_code_cs                  ? 
_pdbx_database_status.methods_development_category    ? 
_pdbx_database_status.status_code_nmr_data            ? 
# 
loop_
_audit_author.name 
_audit_author.pdbx_ordinal 
'Barraud, P.'  1 
'Schmitt, E.'  2 
'Mechulam, Y.' 3 
'Dardel, F.'   4 
'Tisne, C.'    5 
# 
_citation.id                        primary 
_citation.title                     
'A unique conformation of the anticodon stem-loop is associated with the capacity of tRNAfMet to initiate protein synthesis.' 
_citation.journal_abbrev            'Nucleic Acids Res.' 
_citation.journal_volume            36 
_citation.page_first                4894 
_citation.page_last                 4901 
_citation.year                      2008 
_citation.journal_id_ASTM           NARHAD 
_citation.country                   UK 
_citation.journal_id_ISSN           0305-1048 
_citation.journal_id_CSD            0389 
_citation.book_publisher            ? 
_citation.pdbx_database_id_PubMed   18653533 
_citation.pdbx_database_id_DOI      10.1093/nar/gkn462 
# 
loop_
_citation_author.citation_id 
_citation_author.name 
_citation_author.ordinal 
_citation_author.identifier_ORCID 
primary 'Barraud, P.'  1 ? 
primary 'Schmitt, E.'  2 ? 
primary 'Mechulam, Y.' 3 ? 
primary 'Dardel, F.'   4 ? 
primary 'Tisne, C.'    5 ? 
# 
_cell.entry_id           3CW5 
_cell.length_a           93.790 
_cell.length_b           93.790 
_cell.length_c           219.360 
_cell.angle_alpha        90.00 
_cell.angle_beta         90.00 
_cell.angle_gamma        120.00 
_cell.Z_PDB              12 
_cell.pdbx_unique_axis   ? 
# 
_symmetry.entry_id                         3CW5 
_symmetry.space_group_name_H-M             'P 64 2 2' 
_symmetry.pdbx_full_space_group_name_H-M   ? 
_symmetry.cell_setting                     ? 
_symmetry.Int_Tables_number                181 
# 
_entity.id                         1 
_entity.type                       polymer 
_entity.src_method                 man 
_entity.pdbx_description           'Initiator tRNA' 
_entity.formula_weight             24832.918 
_entity.pdbx_number_of_molecules   1 
_entity.pdbx_ec                    ? 
_entity.pdbx_mutation              ? 
_entity.pdbx_fragment              ? 
_entity.details                    ? 
# 
_entity_poly.entity_id                      1 
_entity_poly.type                           polyribonucleotide 
_entity_poly.nstd_linkage                   no 
_entity_poly.nstd_monomer                   yes 
_entity_poly.pdbx_seq_one_letter_code       
;CGCGGGG(4SU)GGAGCAGCCUGG(H2U)AGCUCGUCGGG(OMC)UCAUAACCCGAAGAUCGUCGG(5MU)(PSU)CAAA
UCCGGCCCCCGCAACCA
;
_entity_poly.pdbx_seq_one_letter_code_can   CGCGGGGUGGAGCAGCCUGGUAGCUCGUCGGGCUCAUAACCCGAAGAUCGUCGGUUCAAAUCCGGCCCCCGCAACCA 
_entity_poly.pdbx_strand_id                 A 
_entity_poly.pdbx_target_identifier         ? 
# 
loop_
_entity_poly_seq.entity_id 
_entity_poly_seq.num 
_entity_poly_seq.mon_id 
_entity_poly_seq.hetero 
1 1  C   n 
1 2  G   n 
1 3  C   n 
1 4  G   n 
1 5  G   n 
1 6  G   n 
1 7  G   n 
1 8  4SU n 
1 9  G   n 
1 10 G   n 
1 11 A   n 
1 12 G   n 
1 13 C   n 
1 14 A   n 
1 15 G   n 
1 16 C   n 
1 17 C   n 
1 18 U   n 
1 19 G   n 
1 20 G   n 
1 21 H2U n 
1 22 A   n 
1 23 G   n 
1 24 C   n 
1 25 U   n 
1 26 C   n 
1 27 G   n 
1 28 U   n 
1 29 C   n 
1 30 G   n 
1 31 G   n 
1 32 G   n 
1 33 OMC n 
1 34 U   n 
1 35 C   n 
1 36 A   n 
1 37 U   n 
1 38 A   n 
1 39 A   n 
1 40 C   n 
1 41 C   n 
1 42 C   n 
1 43 G   n 
1 44 A   n 
1 45 A   n 
1 46 G   n 
1 47 A   n 
1 48 U   n 
1 49 C   n 
1 50 G   n 
1 51 U   n 
1 52 C   n 
1 53 G   n 
1 54 G   n 
1 55 5MU n 
1 56 PSU n 
1 57 C   n 
1 58 A   n 
1 59 A   n 
1 60 A   n 
1 61 U   n 
1 62 C   n 
1 63 C   n 
1 64 G   n 
1 65 G   n 
1 66 C   n 
1 67 C   n 
1 68 C   n 
1 69 C   n 
1 70 C   n 
1 71 G   n 
1 72 C   n 
1 73 A   n 
1 74 A   n 
1 75 C   n 
1 76 C   n 
1 77 A   n 
# 
_entity_src_gen.entity_id                          1 
_entity_src_gen.pdbx_src_id                        1 
_entity_src_gen.pdbx_alt_source_flag               sample 
_entity_src_gen.pdbx_seq_type                      ? 
_entity_src_gen.pdbx_beg_seq_num                   ? 
_entity_src_gen.pdbx_end_seq_num                   ? 
_entity_src_gen.gene_src_common_name               ? 
_entity_src_gen.gene_src_genus                     ? 
_entity_src_gen.pdbx_gene_src_gene                 ? 
_entity_src_gen.gene_src_species                   ? 
_entity_src_gen.gene_src_strain                    ? 
_entity_src_gen.gene_src_tissue                    ? 
_entity_src_gen.gene_src_tissue_fraction           ? 
_entity_src_gen.gene_src_details                   ? 
_entity_src_gen.pdbx_gene_src_fragment             ? 
_entity_src_gen.pdbx_gene_src_scientific_name      'Escherichia coli' 
_entity_src_gen.pdbx_gene_src_ncbi_taxonomy_id     ? 
_entity_src_gen.pdbx_gene_src_variant              ? 
_entity_src_gen.pdbx_gene_src_cell_line            ? 
_entity_src_gen.pdbx_gene_src_atcc                 ? 
_entity_src_gen.pdbx_gene_src_organ                ? 
_entity_src_gen.pdbx_gene_src_organelle            ? 
_entity_src_gen.pdbx_gene_src_cell                 ? 
_entity_src_gen.pdbx_gene_src_cellular_location    ? 
_entity_src_gen.host_org_common_name               ? 
_entity_src_gen.pdbx_host_org_scientific_name      'Escherichia coli' 
_entity_src_gen.pdbx_host_org_ncbi_taxonomy_id     ? 
_entity_src_gen.host_org_genus                     ? 
_entity_src_gen.pdbx_host_org_gene                 ? 
_entity_src_gen.pdbx_host_org_organ                ? 
_entity_src_gen.host_org_species                   ? 
_entity_src_gen.pdbx_host_org_tissue               ? 
_entity_src_gen.pdbx_host_org_tissue_fraction      ? 
_entity_src_gen.pdbx_host_org_strain               JM101TR 
_entity_src_gen.pdbx_host_org_variant              ? 
_entity_src_gen.pdbx_host_org_cell_line            ? 
_entity_src_gen.pdbx_host_org_atcc                 ? 
_entity_src_gen.pdbx_host_org_culture_collection   ? 
_entity_src_gen.pdbx_host_org_cell                 ? 
_entity_src_gen.pdbx_host_org_organelle            ? 
_entity_src_gen.pdbx_host_org_cellular_location    ? 
_entity_src_gen.pdbx_host_org_vector_type          plasmid 
_entity_src_gen.pdbx_host_org_vector               ? 
_entity_src_gen.host_org_details                   ? 
_entity_src_gen.expression_system_id               ? 
_entity_src_gen.plasmid_name                       pBSTtRNAfMet 
_entity_src_gen.plasmid_details                    ? 
_entity_src_gen.pdbx_description                   ? 
# 
_struct_ref.id                         1 
_struct_ref.entity_id                  1 
_struct_ref.db_name                    GB 
_struct_ref.db_code                    X70452 
_struct_ref.pdbx_db_accession          312135 
_struct_ref.pdbx_align_begin           1 
_struct_ref.pdbx_seq_one_letter_code   CGCGGGGUGGAGCAGCCUGGNAGCUCGUCGGGCUCAUAACCCGAAGAUCGUCGGUNCAAAUCCGGCCCCCGCAACCA 
_struct_ref.pdbx_db_isoform            ? 
# 
_struct_ref_seq.align_id                      1 
_struct_ref_seq.ref_id                        1 
_struct_ref_seq.pdbx_PDB_id_code              3CW5 
_struct_ref_seq.pdbx_strand_id                A 
_struct_ref_seq.seq_align_beg                 1 
_struct_ref_seq.pdbx_seq_align_beg_ins_code   ? 
_struct_ref_seq.seq_align_end                 77 
_struct_ref_seq.pdbx_seq_align_end_ins_code   ? 
_struct_ref_seq.pdbx_db_accession             312135 
_struct_ref_seq.db_align_beg                  1 
_struct_ref_seq.pdbx_db_align_beg_ins_code    ? 
_struct_ref_seq.db_align_end                  77 
_struct_ref_seq.pdbx_db_align_end_ins_code    ? 
_struct_ref_seq.pdbx_auth_seq_align_beg       1 
_struct_ref_seq.pdbx_auth_seq_align_end       76 
# 
loop_
_chem_comp.id 
_chem_comp.type 
_chem_comp.mon_nstd_flag 
_chem_comp.name 
_chem_comp.pdbx_synonyms 
_chem_comp.formula 
_chem_comp.formula_weight 
4SU 'RNA linking' n "4-THIOURIDINE-5'-MONOPHOSPHATE"       ? 'C9 H13 N2 O8 P S' 340.247 
5MU 'RNA linking' n 
;5-METHYLURIDINE 5'-MONOPHOSPHATE
;
? 'C10 H15 N2 O9 P'  338.208 
A   'RNA linking' y "ADENOSINE-5'-MONOPHOSPHATE"           ? 'C10 H14 N5 O7 P'  347.221 
C   'RNA linking' y "CYTIDINE-5'-MONOPHOSPHATE"            ? 'C9 H14 N3 O8 P'   323.197 
G   'RNA linking' y "GUANOSINE-5'-MONOPHOSPHATE"           ? 'C10 H14 N5 O8 P'  363.221 
H2U 'RNA linking' n "5,6-DIHYDROURIDINE-5'-MONOPHOSPHATE"  ? 'C9 H15 N2 O9 P'   326.197 
OMC 'RNA linking' n "O2'-METHYLYCYTIDINE-5'-MONOPHOSPHATE" ? 'C10 H16 N3 O8 P'  337.223 
PSU 'RNA linking' n "PSEUDOURIDINE-5'-MONOPHOSPHATE"       ? 'C9 H13 N2 O9 P'   324.181 
U   'RNA linking' y "URIDINE-5'-MONOPHOSPHATE"             ? 'C9 H13 N2 O9 P'   324.181 
# 
_exptl.crystals_number   1 
_exptl.entry_id          3CW5 
_exptl.method            'X-RAY DIFFRACTION' 
# 
_exptl_crystal.id                    1 
_exptl_crystal.density_meas          ? 
_exptl_crystal.density_Matthews      5.61 
_exptl_crystal.density_percent_sol   78.07 
_exptl_crystal.description           ? 
_exptl_crystal.F_000                 ? 
_exptl_crystal.preparation           ? 
# 
_exptl_crystal_grow.crystal_id      1 
_exptl_crystal_grow.method          'VAPOR DIFFUSION' 
_exptl_crystal_grow.pH              4.6 
_exptl_crystal_grow.temp            292 
_exptl_crystal_grow.pdbx_details    '2.0 M Ammonium Sulphate, pH 4.6, vapor diffusion, temperature 292K' 
_exptl_crystal_grow.temp_details    ? 
_exptl_crystal_grow.pdbx_pH_range   . 
# 
loop_
_exptl_crystal_grow_comp.crystal_id 
_exptl_crystal_grow_comp.id 
_exptl_crystal_grow_comp.sol_id 
_exptl_crystal_grow_comp.name 
_exptl_crystal_grow_comp.conc 
_exptl_crystal_grow_comp.volume 
_exptl_crystal_grow_comp.details 
1 1 1 '(NH4)2SO4' ? ? ? 
1 2 2 '(NH4)2SO4' ? ? ? 
# 
_diffrn.id                     1 
_diffrn.ambient_temp           100 
_diffrn.ambient_temp_details   ? 
_diffrn.crystal_id             1 
# 
_diffrn_detector.diffrn_id              1 
_diffrn_detector.detector               ? 
_diffrn_detector.type                   ? 
_diffrn_detector.pdbx_collection_date   2006-11-25 
_diffrn_detector.details                ? 
# 
_diffrn_radiation.diffrn_id                        1 
_diffrn_radiation.pdbx_diffrn_protocol             'SINGLE WAVELENGTH' 
_diffrn_radiation.monochromator                    ? 
_diffrn_radiation.wavelength_id                    1 
_diffrn_radiation.pdbx_monochromatic_or_laue_m_l   M 
_diffrn_radiation.pdbx_scattering_type             x-ray 
# 
_diffrn_radiation_wavelength.id           1 
_diffrn_radiation_wavelength.wavelength   0.931 
_diffrn_radiation_wavelength.wt           1.0 
# 
_diffrn_source.diffrn_id                   1 
_diffrn_source.source                      SYNCHROTRON 
_diffrn_source.type                        'ESRF BEAMLINE ID14-3' 
_diffrn_source.pdbx_wavelength_list        0.931 
_diffrn_source.pdbx_wavelength             ? 
_diffrn_source.pdbx_synchrotron_site       ESRF 
_diffrn_source.pdbx_synchrotron_beamline   ID14-3 
# 
_reflns.entry_id                     3CW5 
_reflns.d_resolution_high            3.100 
_reflns.d_resolution_low             39.918 
_reflns.number_all                   10213 
_reflns.number_obs                   10063 
_reflns.pdbx_Rmerge_I_obs            0.099 
_reflns.pdbx_netI_over_sigmaI        3.800 
_reflns.pdbx_Rsym_value              0.099 
_reflns.pdbx_redundancy              7.900 
_reflns.percent_possible_obs         91.400 
_reflns.observed_criterion_sigma_F   ? 
_reflns.observed_criterion_sigma_I   ? 
_reflns.B_iso_Wilson_estimate        ? 
_reflns.R_free_details               ? 
_reflns.pdbx_chi_squared             ? 
_reflns.pdbx_scaling_rejects         ? 
_reflns.pdbx_ordinal                 1 
_reflns.pdbx_diffrn_id               1 
# 
loop_
_reflns_shell.d_res_high 
_reflns_shell.d_res_low 
_reflns_shell.number_measured_obs 
_reflns_shell.number_measured_all 
_reflns_shell.number_unique_obs 
_reflns_shell.Rmerge_I_obs 
_reflns_shell.meanI_over_sigI_obs 
_reflns_shell.pdbx_Rsym_value 
_reflns_shell.pdbx_chi_squared 
_reflns_shell.pdbx_redundancy 
_reflns_shell.percent_possible_obs 
_reflns_shell.number_unique_all 
_reflns_shell.percent_possible_all 
_reflns_shell.pdbx_ordinal 
_reflns_shell.pdbx_diffrn_id 
3.10 3.27  ? 2894  ? 0.476 1.5  0.476 ? 3.20 ? 899  59.80  1  1 
3.27 3.47  ? 7200  ? 0.407 1.8  0.407 ? 5.80 ? 1250 85.80  2  1 
3.47 3.71  ? 11202 ? 0.351 2.1  0.351 ? 8.30 ? 1345 96.50  3  1 
3.71 4.00  ? 11270 ? 0.249 3.0  0.249 ? 8.80 ? 1286 98.70  4  1 
4.00 4.38  ? 10640 ? 0.159 4.7  0.159 ? 8.80 ? 1208 99.30  5  1 
4.38 4.90  ? 9832  ? 0.096 7.2  0.096 ? 9.00 ? 1098 99.30  6  1 
4.90 5.66  ? 8911  ? 0.076 9.0  0.076 ? 9.00 ? 994  99.90  7  1 
5.66 6.93  ? 7963  ? 0.055 11.4 0.055 ? 9.30 ? 860  100.00 8  1 
6.93 9.80  ? 6374  ? 0.040 14.7 0.040 ? 9.20 ? 696  100.00 9  1 
9.80 76.25 ? 3185  ? 0.053 5.2  0.053 ? 7.50 ? 427  98.40  10 1 
# 
_refine.entry_id                                 3CW5 
_refine.ls_d_res_high                            3.100 
_refine.ls_d_res_low                             39.918 
_refine.pdbx_ls_sigma_F                          0.00 
_refine.ls_percent_reflns_obs                    92.690 
_refine.ls_number_reflns_obs                     10063 
_refine.pdbx_ls_cross_valid_method               THROUGHOUT 
_refine.pdbx_R_Free_selection_details            RANDOM 
_refine.ls_R_factor_obs                          0.244 
_refine.ls_R_factor_R_work                       0.241 
_refine.ls_R_factor_R_free                       0.271 
_refine.ls_percent_reflns_R_free                 10.000 
_refine.ls_number_reflns_R_free                  1020 
_refine.B_iso_mean                               19.463 
_refine.aniso_B[1][1]                            -0.520 
_refine.aniso_B[2][2]                            -0.520 
_refine.aniso_B[3][3]                            0.780 
_refine.aniso_B[1][2]                            -0.260 
_refine.aniso_B[1][3]                            0.000 
_refine.aniso_B[2][3]                            0.000 
_refine.correlation_coeff_Fo_to_Fc               0.907 
_refine.correlation_coeff_Fo_to_Fc_free          0.884 
_refine.pdbx_overall_ESU_R                       0.629 
_refine.pdbx_overall_ESU_R_Free                  0.377 
_refine.overall_SU_ML                            0.285 
_refine.overall_SU_B                             35.960 
_refine.solvent_model_details                    MASK 
_refine.pdbx_solvent_vdw_probe_radii             1.200 
_refine.pdbx_solvent_ion_probe_radii             0.800 
_refine.pdbx_solvent_shrinkage_radii             0.800 
_refine.pdbx_method_to_determine_struct          ? 
_refine.pdbx_stereochemistry_target_values       'MAXIMUM LIKELIHOOD' 
_refine.pdbx_ls_sigma_I                          ? 
_refine.ls_number_reflns_all                     10213 
_refine.ls_R_factor_all                          ? 
_refine.ls_redundancy_reflns_obs                 ? 
_refine.pdbx_data_cutoff_high_absF               ? 
_refine.pdbx_data_cutoff_low_absF                ? 
_refine.ls_number_parameters                     ? 
_refine.ls_number_restraints                     ? 
_refine.ls_R_factor_R_free_error                 ? 
_refine.ls_R_factor_R_free_error_details         ? 
_refine.pdbx_starting_model                      'E. coli tRNAfMet from 2FMT' 
_refine.pdbx_stereochem_target_val_spec_case     ? 
_refine.solvent_model_param_bsol                 ? 
_refine.solvent_model_param_ksol                 ? 
_refine.occupancy_max                            ? 
_refine.occupancy_min                            ? 
_refine.pdbx_isotropic_thermal_model             ? 
_refine.details                                  ? 
_refine.pdbx_data_cutoff_high_rms_absF           ? 
_refine.pdbx_overall_phase_error                 ? 
_refine.overall_SU_R_Cruickshank_DPI             ? 
_refine.overall_SU_R_free                        ? 
_refine.ls_wR_factor_R_free                      ? 
_refine.ls_wR_factor_R_work                      ? 
_refine.overall_FOM_free_R_set                   ? 
_refine.overall_FOM_work_R_set                   ? 
_refine.pdbx_refine_id                           'X-RAY DIFFRACTION' 
_refine.pdbx_TLS_residual_ADP_flag               'LIKELY RESIDUAL' 
_refine.pdbx_diffrn_id                           1 
_refine.pdbx_overall_SU_R_free_Cruickshank_DPI   ? 
_refine.pdbx_overall_SU_R_Blow_DPI               ? 
_refine.pdbx_overall_SU_R_free_Blow_DPI          ? 
# 
_refine_hist.pdbx_refine_id                   'X-RAY DIFFRACTION' 
_refine_hist.cycle_id                         LAST 
_refine_hist.pdbx_number_atoms_protein        0 
_refine_hist.pdbx_number_atoms_nucleic_acid   1645 
_refine_hist.pdbx_number_atoms_ligand         0 
_refine_hist.number_atoms_solvent             0 
_refine_hist.number_atoms_total               1645 
_refine_hist.d_res_high                       3.100 
_refine_hist.d_res_low                        39.918 
# 
loop_
_refine_ls_restr.type 
_refine_ls_restr.number 
_refine_ls_restr.dev_ideal 
_refine_ls_restr.dev_ideal_target 
_refine_ls_restr.weight 
_refine_ls_restr.pdbx_refine_id 
_refine_ls_restr.pdbx_restraint_function 
r_bond_refined_d         1837 0.009 0.021 ? 'X-RAY DIFFRACTION' ? 
r_angle_refined_deg      2863 1.735 3.000 ? 'X-RAY DIFFRACTION' ? 
r_chiral_restr           364  0.068 0.200 ? 'X-RAY DIFFRACTION' ? 
r_gen_planes_refined     799  0.005 0.020 ? 'X-RAY DIFFRACTION' ? 
r_nbd_refined            930  0.194 0.200 ? 'X-RAY DIFFRACTION' ? 
r_nbtor_refined          1188 0.293 0.200 ? 'X-RAY DIFFRACTION' ? 
r_xyhbond_nbd_refined    67   0.204 0.200 ? 'X-RAY DIFFRACTION' ? 
r_symmetry_vdw_refined   56   0.241 0.200 ? 'X-RAY DIFFRACTION' ? 
r_symmetry_hbond_refined 4    0.301 0.200 ? 'X-RAY DIFFRACTION' ? 
r_scbond_it              2598 0.756 3.000 ? 'X-RAY DIFFRACTION' ? 
r_scangle_it             2863 1.413 4.500 ? 'X-RAY DIFFRACTION' ? 
# 
_refine_ls_shell.d_res_high                       3.100 
_refine_ls_shell.d_res_low                        3.180 
_refine_ls_shell.pdbx_total_number_of_bins_used   20 
_refine_ls_shell.percent_reflns_obs               65.640 
_refine_ls_shell.number_reflns_R_work             464 
_refine_ls_shell.R_factor_all                     ? 
_refine_ls_shell.R_factor_R_work                  0.328 
_refine_ls_shell.R_factor_R_free                  0.434 
_refine_ls_shell.percent_reflns_R_free            ? 
_refine_ls_shell.number_reflns_R_free             50 
_refine_ls_shell.R_factor_R_free_error            ? 
_refine_ls_shell.number_reflns_all                514 
_refine_ls_shell.number_reflns_obs                ? 
_refine_ls_shell.redundancy_reflns_obs            ? 
_refine_ls_shell.pdbx_refine_id                   'X-RAY DIFFRACTION' 
# 
_struct.entry_id                  3CW5 
_struct.title                     'E. coli Initiator tRNA' 
_struct.pdbx_model_details        ? 
_struct.pdbx_CASP_flag            N 
_struct.pdbx_model_type_details   ? 
# 
_struct_keywords.entry_id        3CW5 
_struct_keywords.text            'tRNA, initiator, RNA' 
_struct_keywords.pdbx_keywords   RNA 
# 
_struct_asym.id                            A 
_struct_asym.pdbx_blank_PDB_chainid_flag   N 
_struct_asym.pdbx_modified                 N 
_struct_asym.entity_id                     1 
_struct_asym.details                       ? 
# 
loop_
_struct_conn.id 
_struct_conn.conn_type_id 
_struct_conn.pdbx_leaving_atom_flag 
_struct_conn.pdbx_PDB_id 
_struct_conn.ptnr1_label_asym_id 
_struct_conn.ptnr1_label_comp_id 
_struct_conn.ptnr1_label_seq_id 
_struct_conn.ptnr1_label_atom_id 
_struct_conn.pdbx_ptnr1_label_alt_id 
_struct_conn.pdbx_ptnr1_PDB_ins_code 
_struct_conn.pdbx_ptnr1_standard_comp_id 
_struct_conn.ptnr1_symmetry 
_struct_conn.ptnr2_label_asym_id 
_struct_conn.ptnr2_label_comp_id 
_struct_conn.ptnr2_label_seq_id 
_struct_conn.ptnr2_label_atom_id 
_struct_conn.pdbx_ptnr2_label_alt_id 
_struct_conn.pdbx_ptnr2_PDB_ins_code 
_struct_conn.ptnr1_auth_asym_id 
_struct_conn.ptnr1_auth_comp_id 
_struct_conn.ptnr1_auth_seq_id 
_struct_conn.ptnr2_auth_asym_id 
_struct_conn.ptnr2_auth_comp_id 
_struct_conn.ptnr2_auth_seq_id 
_struct_conn.ptnr2_symmetry 
_struct_conn.pdbx_ptnr3_label_atom_id 
_struct_conn.pdbx_ptnr3_label_seq_id 
_struct_conn.pdbx_ptnr3_label_comp_id 
_struct_conn.pdbx_ptnr3_label_asym_id 
_struct_conn.pdbx_ptnr3_label_alt_id 
_struct_conn.pdbx_ptnr3_PDB_ins_code 
_struct_conn.details 
_struct_conn.pdbx_dist_value 
_struct_conn.pdbx_value_order 
_struct_conn.pdbx_role 
covale1  covale both ? A G   7  "O3'" ? ? ? 1_555 A 4SU 8  P  ? ? A G   7  A 4SU 8  1_555 ? ? ? ? ? ? ?                       
1.596 ? ? 
covale2  covale both ? A 4SU 8  "O3'" ? ? ? 1_555 A G   9  P  ? ? A 4SU 8  A G   9  1_555 ? ? ? ? ? ? ?                       
1.595 ? ? 
covale3  covale both ? A G   20 "O3'" ? ? ? 1_555 A H2U 21 P  ? ? A G   19 A H2U 20 1_555 ? ? ? ? ? ? ?                       
1.593 ? ? 
covale4  covale both ? A H2U 21 "O3'" ? ? ? 1_555 A A   22 P  ? ? A H2U 20 A A   21 1_555 ? ? ? ? ? ? ?                       
1.606 ? ? 
covale5  covale both ? A G   32 "O3'" ? ? ? 1_555 A OMC 33 P  ? ? A G   31 A OMC 32 1_555 ? ? ? ? ? ? ?                       
1.601 ? ? 
covale6  covale both ? A OMC 33 "O3'" ? ? ? 1_555 A U   34 P  ? ? A OMC 32 A U   33 1_555 ? ? ? ? ? ? ?                       
1.592 ? ? 
covale7  covale both ? A G   54 "O3'" ? ? ? 1_555 A 5MU 55 P  ? ? A G   53 A 5MU 54 1_555 ? ? ? ? ? ? ?                       
1.603 ? ? 
covale8  covale both ? A 5MU 55 "O3'" ? ? ? 1_555 A PSU 56 P  ? ? A 5MU 54 A PSU 55 1_555 ? ? ? ? ? ? ?                       
1.602 ? ? 
covale9  covale both ? A PSU 56 "O3'" ? ? ? 1_555 A C   57 P  ? ? A PSU 55 A C   56 1_555 ? ? ? ? ? ? ?                       
1.602 ? ? 
hydrog1  hydrog ?    ? A G   2  N1    ? ? ? 1_555 A C   72 N3 ? ? A G   2  A C   71 1_555 ? ? ? ? ? ? WATSON-CRICK            ? ? 
? 
hydrog2  hydrog ?    ? A G   2  N2    ? ? ? 1_555 A C   72 O2 ? ? A G   2  A C   71 1_555 ? ? ? ? ? ? WATSON-CRICK            ? ? 
? 
hydrog3  hydrog ?    ? A G   2  O6    ? ? ? 1_555 A C   72 N4 ? ? A G   2  A C   71 1_555 ? ? ? ? ? ? WATSON-CRICK            ? ? 
? 
hydrog4  hydrog ?    ? A C   3  N3    ? ? ? 1_555 A G   71 N1 ? ? A C   3  A G   70 1_555 ? ? ? ? ? ? WATSON-CRICK            ? ? 
? 
hydrog5  hydrog ?    ? A C   3  N4    ? ? ? 1_555 A G   71 O6 ? ? A C   3  A G   70 1_555 ? ? ? ? ? ? WATSON-CRICK            ? ? 
? 
hydrog6  hydrog ?    ? A C   3  O2    ? ? ? 1_555 A G   71 N2 ? ? A C   3  A G   70 1_555 ? ? ? ? ? ? WATSON-CRICK            ? ? 
? 
hydrog7  hydrog ?    ? A G   4  N1    ? ? ? 1_555 A C   70 N3 ? ? A G   4  A C   69 1_555 ? ? ? ? ? ? WATSON-CRICK            ? ? 
? 
hydrog8  hydrog ?    ? A G   4  N2    ? ? ? 1_555 A C   70 O2 ? ? A G   4  A C   69 1_555 ? ? ? ? ? ? WATSON-CRICK            ? ? 
? 
hydrog9  hydrog ?    ? A G   4  O6    ? ? ? 1_555 A C   70 N4 ? ? A G   4  A C   69 1_555 ? ? ? ? ? ? WATSON-CRICK            ? ? 
? 
hydrog10 hydrog ?    ? A G   5  N1    ? ? ? 1_555 A C   69 N3 ? ? A G   5  A C   68 1_555 ? ? ? ? ? ? WATSON-CRICK            ? ? 
? 
hydrog11 hydrog ?    ? A G   5  N2    ? ? ? 1_555 A C   69 O2 ? ? A G   5  A C   68 1_555 ? ? ? ? ? ? WATSON-CRICK            ? ? 
? 
hydrog12 hydrog ?    ? A G   5  O6    ? ? ? 1_555 A C   69 N4 ? ? A G   5  A C   68 1_555 ? ? ? ? ? ? WATSON-CRICK            ? ? 
? 
hydrog13 hydrog ?    ? A G   6  N1    ? ? ? 1_555 A C   68 N3 ? ? A G   6  A C   67 1_555 ? ? ? ? ? ? WATSON-CRICK            ? ? 
? 
hydrog14 hydrog ?    ? A G   6  N2    ? ? ? 1_555 A C   68 O2 ? ? A G   6  A C   67 1_555 ? ? ? ? ? ? WATSON-CRICK            ? ? 
? 
hydrog15 hydrog ?    ? A G   6  O6    ? ? ? 1_555 A C   68 N4 ? ? A G   6  A C   67 1_555 ? ? ? ? ? ? WATSON-CRICK            ? ? 
? 
hydrog16 hydrog ?    ? A G   7  N1    ? ? ? 1_555 A C   67 N3 ? ? A G   7  A C   66 1_555 ? ? ? ? ? ? WATSON-CRICK            ? ? 
? 
hydrog17 hydrog ?    ? A G   7  N2    ? ? ? 1_555 A C   67 O2 ? ? A G   7  A C   66 1_555 ? ? ? ? ? ? WATSON-CRICK            ? ? 
? 
hydrog18 hydrog ?    ? A G   7  O6    ? ? ? 1_555 A C   67 N4 ? ? A G   7  A C   66 1_555 ? ? ? ? ? ? WATSON-CRICK            ? ? 
? 
hydrog19 hydrog ?    ? A 4SU 8  N3    ? ? ? 1_555 A A   14 N7 ? ? A 4SU 8  A A   14 1_555 ? ? ? ? ? ? 'REVERSED HOOGSTEEN'    ? ? 
? 
hydrog20 hydrog ?    ? A 4SU 8  O2    ? ? ? 1_555 A A   14 N6 ? ? A 4SU 8  A A   14 1_555 ? ? ? ? ? ? 'REVERSED HOOGSTEEN'    ? ? 
? 
hydrog21 hydrog ?    ? A G   10 N1    ? ? ? 1_555 A C   26 N3 ? ? A G   10 A C   25 1_555 ? ? ? ? ? ? WATSON-CRICK            ? ? 
? 
hydrog22 hydrog ?    ? A G   10 N2    ? ? ? 1_555 A C   26 O2 ? ? A G   10 A C   25 1_555 ? ? ? ? ? ? WATSON-CRICK            ? ? 
? 
hydrog23 hydrog ?    ? A G   10 O6    ? ? ? 1_555 A C   26 N4 ? ? A G   10 A C   25 1_555 ? ? ? ? ? ? WATSON-CRICK            ? ? 
? 
hydrog24 hydrog ?    ? A G   10 O6    ? ? ? 1_555 A G   46 N2 ? ? A G   10 A G   45 1_555 ? ? ? ? ? ? 'G-G MISPAIR'           ? ? 
? 
hydrog25 hydrog ?    ? A A   11 N1    ? ? ? 1_555 A U   25 N3 ? ? A A   11 A U   24 1_555 ? ? ? ? ? ? WATSON-CRICK            ? ? 
? 
hydrog26 hydrog ?    ? A A   11 N6    ? ? ? 1_555 A U   25 O4 ? ? A A   11 A U   24 1_555 ? ? ? ? ? ? WATSON-CRICK            ? ? 
? 
hydrog27 hydrog ?    ? A G   12 N1    ? ? ? 1_555 A C   24 N3 ? ? A G   12 A C   23 1_555 ? ? ? ? ? ? WATSON-CRICK            ? ? 
? 
hydrog28 hydrog ?    ? A G   12 N2    ? ? ? 1_555 A C   24 O2 ? ? A G   12 A C   23 1_555 ? ? ? ? ? ? WATSON-CRICK            ? ? 
? 
hydrog29 hydrog ?    ? A G   12 O6    ? ? ? 1_555 A C   24 N4 ? ? A G   12 A C   23 1_555 ? ? ? ? ? ? WATSON-CRICK            ? ? 
? 
hydrog30 hydrog ?    ? A C   13 N3    ? ? ? 1_555 A G   23 N1 ? ? A C   13 A G   22 1_555 ? ? ? ? ? ? WATSON-CRICK            ? ? 
? 
hydrog31 hydrog ?    ? A C   13 N4    ? ? ? 1_555 A G   23 O6 ? ? A C   13 A G   22 1_555 ? ? ? ? ? ? WATSON-CRICK            ? ? 
? 
hydrog32 hydrog ?    ? A C   13 O2    ? ? ? 1_555 A G   23 N2 ? ? A C   13 A G   22 1_555 ? ? ? ? ? ? WATSON-CRICK            ? ? 
? 
hydrog33 hydrog ?    ? A G   15 N1    ? ? ? 1_555 A C   49 O2 ? ? A G   15 A C   48 1_555 ? ? ? ? ? ? 'REVERSED WATSON-CRICK' ? ? 
? 
hydrog34 hydrog ?    ? A G   15 N2    ? ? ? 1_555 A C   49 N3 ? ? A G   15 A C   48 1_555 ? ? ? ? ? ? 'REVERSED WATSON-CRICK' ? ? 
? 
hydrog35 hydrog ?    ? A G   19 N1    ? ? ? 1_555 A PSU 56 O4 ? ? A G   18 A PSU 55 1_555 ? ? ? ? ? ? 'G-PSU MISPAIR'         ? ? 
? 
hydrog36 hydrog ?    ? A G   20 N1    ? ? ? 1_555 A C   57 N3 ? ? A G   19 A C   56 1_555 ? ? ? ? ? ? WATSON-CRICK            ? ? 
? 
hydrog37 hydrog ?    ? A G   20 N2    ? ? ? 1_555 A C   57 O2 ? ? A G   19 A C   56 1_555 ? ? ? ? ? ? WATSON-CRICK            ? ? 
? 
hydrog38 hydrog ?    ? A G   20 O6    ? ? ? 1_555 A C   57 N4 ? ? A G   19 A C   56 1_555 ? ? ? ? ? ? WATSON-CRICK            ? ? 
? 
hydrog39 hydrog ?    ? A G   23 N7    ? ? ? 1_555 A A   47 N6 ? ? A G   22 A A   46 1_555 ? ? ? ? ? ? 'G-A MISPAIR'           ? ? 
? 
hydrog40 hydrog ?    ? A G   27 N1    ? ? ? 1_555 A A   45 N1 ? ? A G   26 A A   44 1_555 ? ? ? ? ? ? TYPE_8_PAIR             ? ? 
? 
hydrog41 hydrog ?    ? A G   27 O6    ? ? ? 1_555 A A   45 N6 ? ? A G   26 A A   44 1_555 ? ? ? ? ? ? TYPE_8_PAIR             ? ? 
? 
hydrog42 hydrog ?    ? A U   28 N3    ? ? ? 1_555 A A   44 N1 ? ? A U   27 A A   43 1_555 ? ? ? ? ? ? WATSON-CRICK            ? ? 
? 
hydrog43 hydrog ?    ? A U   28 O4    ? ? ? 1_555 A A   44 N6 ? ? A U   27 A A   43 1_555 ? ? ? ? ? ? WATSON-CRICK            ? ? 
? 
hydrog44 hydrog ?    ? A C   29 N3    ? ? ? 1_555 A G   43 N1 ? ? A C   28 A G   42 1_555 ? ? ? ? ? ? WATSON-CRICK            ? ? 
? 
hydrog45 hydrog ?    ? A C   29 N4    ? ? ? 1_555 A G   43 O6 ? ? A C   28 A G   42 1_555 ? ? ? ? ? ? WATSON-CRICK            ? ? 
? 
hydrog46 hydrog ?    ? A C   29 O2    ? ? ? 1_555 A G   43 N2 ? ? A C   28 A G   42 1_555 ? ? ? ? ? ? WATSON-CRICK            ? ? 
? 
hydrog47 hydrog ?    ? A G   30 N7    ? ? ? 1_555 A A   38 N6 ? ? A G   29 A A   37 1_555 ? ? ? ? ? ? 'G-A MISPAIR'           ? ? 
? 
hydrog48 hydrog ?    ? A G   30 N1    ? ? ? 1_555 A C   42 N3 ? ? A G   29 A C   41 1_555 ? ? ? ? ? ? WATSON-CRICK            ? ? 
? 
hydrog49 hydrog ?    ? A G   30 N2    ? ? ? 1_555 A C   42 O2 ? ? A G   29 A C   41 1_555 ? ? ? ? ? ? WATSON-CRICK            ? ? 
? 
hydrog50 hydrog ?    ? A G   30 O6    ? ? ? 1_555 A C   42 N4 ? ? A G   29 A C   41 1_555 ? ? ? ? ? ? WATSON-CRICK            ? ? 
? 
hydrog51 hydrog ?    ? A G   31 N1    ? ? ? 1_555 A C   41 N3 ? ? A G   30 A C   40 1_555 ? ? ? ? ? ? WATSON-CRICK            ? ? 
? 
hydrog52 hydrog ?    ? A G   31 N2    ? ? ? 1_555 A C   41 O2 ? ? A G   30 A C   40 1_555 ? ? ? ? ? ? WATSON-CRICK            ? ? 
? 
hydrog53 hydrog ?    ? A G   31 O6    ? ? ? 1_555 A C   41 N4 ? ? A G   30 A C   40 1_555 ? ? ? ? ? ? WATSON-CRICK            ? ? 
? 
hydrog54 hydrog ?    ? A G   32 N1    ? ? ? 1_555 A C   40 N3 ? ? A G   31 A C   39 1_555 ? ? ? ? ? ? WATSON-CRICK            ? ? 
? 
hydrog55 hydrog ?    ? A G   32 N2    ? ? ? 1_555 A C   40 O2 ? ? A G   31 A C   39 1_555 ? ? ? ? ? ? WATSON-CRICK            ? ? 
? 
hydrog56 hydrog ?    ? A G   32 O6    ? ? ? 1_555 A C   40 N4 ? ? A G   31 A C   39 1_555 ? ? ? ? ? ? WATSON-CRICK            ? ? 
? 
hydrog57 hydrog ?    ? A OMC 33 O2    ? ? ? 1_555 A A   39 N6 ? ? A OMC 32 A A   38 1_555 ? ? ? ? ? ? 'OMC-A MISPAIR'         ? ? 
? 
hydrog58 hydrog ?    ? A G   50 N1    ? ? ? 1_555 A C   66 N3 ? ? A G   49 A C   65 1_555 ? ? ? ? ? ? WATSON-CRICK            ? ? 
? 
hydrog59 hydrog ?    ? A G   50 N2    ? ? ? 1_555 A C   66 O2 ? ? A G   49 A C   65 1_555 ? ? ? ? ? ? WATSON-CRICK            ? ? 
? 
hydrog60 hydrog ?    ? A G   50 O6    ? ? ? 1_555 A C   66 N4 ? ? A G   49 A C   65 1_555 ? ? ? ? ? ? WATSON-CRICK            ? ? 
? 
hydrog61 hydrog ?    ? A U   51 N3    ? ? ? 1_555 A G   65 O6 ? ? A U   50 A G   64 1_555 ? ? ? ? ? ? TYPE_28_PAIR            ? ? 
? 
hydrog62 hydrog ?    ? A U   51 O2    ? ? ? 1_555 A G   65 N1 ? ? A U   50 A G   64 1_555 ? ? ? ? ? ? TYPE_28_PAIR            ? ? 
? 
hydrog63 hydrog ?    ? A C   52 N3    ? ? ? 1_555 A G   64 N1 ? ? A C   51 A G   63 1_555 ? ? ? ? ? ? WATSON-CRICK            ? ? 
? 
hydrog64 hydrog ?    ? A C   52 N4    ? ? ? 1_555 A G   64 O6 ? ? A C   51 A G   63 1_555 ? ? ? ? ? ? WATSON-CRICK            ? ? 
? 
hydrog65 hydrog ?    ? A C   52 O2    ? ? ? 1_555 A G   64 N2 ? ? A C   51 A G   63 1_555 ? ? ? ? ? ? WATSON-CRICK            ? ? 
? 
hydrog66 hydrog ?    ? A G   53 N1    ? ? ? 1_555 A C   63 N3 ? ? A G   52 A C   62 1_555 ? ? ? ? ? ? WATSON-CRICK            ? ? 
? 
hydrog67 hydrog ?    ? A G   53 N2    ? ? ? 1_555 A C   63 O2 ? ? A G   52 A C   62 1_555 ? ? ? ? ? ? WATSON-CRICK            ? ? 
? 
hydrog68 hydrog ?    ? A G   53 O6    ? ? ? 1_555 A C   63 N4 ? ? A G   52 A C   62 1_555 ? ? ? ? ? ? WATSON-CRICK            ? ? 
? 
hydrog69 hydrog ?    ? A G   54 N1    ? ? ? 1_555 A C   62 N3 ? ? A G   53 A C   61 1_555 ? ? ? ? ? ? WATSON-CRICK            ? ? 
? 
hydrog70 hydrog ?    ? A G   54 N2    ? ? ? 1_555 A C   62 O2 ? ? A G   53 A C   61 1_555 ? ? ? ? ? ? WATSON-CRICK            ? ? 
? 
hydrog71 hydrog ?    ? A G   54 O6    ? ? ? 1_555 A C   62 N4 ? ? A G   53 A C   61 1_555 ? ? ? ? ? ? WATSON-CRICK            ? ? 
? 
hydrog72 hydrog ?    ? A 5MU 55 N3    ? ? ? 1_555 A A   59 N7 ? ? A 5MU 54 A A   58 1_555 ? ? ? ? ? ? 'REVERSED HOOGSTEEN'    ? ? 
? 
hydrog73 hydrog ?    ? A 5MU 55 O2    ? ? ? 1_555 A A   59 N6 ? ? A 5MU 54 A A   58 1_555 ? ? ? ? ? ? 'REVERSED HOOGSTEEN'    ? ? 
? 
# 
loop_
_struct_conn_type.id 
_struct_conn_type.criteria 
_struct_conn_type.reference 
covale ? ? 
hydrog ? ? 
# 
_atom_sites.entry_id                    3CW5 
_atom_sites.fract_transf_matrix[1][1]   0.01148678 
_atom_sites.fract_transf_matrix[1][2]   -0.00277032 
_atom_sites.fract_transf_matrix[1][3]   0.00345744 
_atom_sites.fract_transf_matrix[2][1]   0.00732466 
_atom_sites.fract_transf_matrix[2][2]   0.00875938 
_atom_sites.fract_transf_matrix[2][3]   0.00460522 
_atom_sites.fract_transf_matrix[3][1]   -0.00149487 
_atom_sites.fract_transf_matrix[3][2]   -0.00095766 
_atom_sites.fract_transf_matrix[3][3]   0.00419913 
_atom_sites.fract_transf_vector[1]      -0.265769 
_atom_sites.fract_transf_vector[2]      0.232994 
_atom_sites.fract_transf_vector[3]      -0.041236 
# 
loop_
_atom_type.symbol 
C 
N 
O 
P 
S 
# 
loop_
_atom_site.group_PDB 
_atom_site.id 
_atom_site.type_symbol 
_atom_site.label_atom_id 
_atom_site.label_alt_id 
_atom_site.label_comp_id 
_atom_site.label_asym_id 
_atom_site.label_entity_id 
_atom_site.label_seq_id 
_atom_site.pdbx_PDB_ins_code 
_atom_site.Cartn_x 
_atom_site.Cartn_y 
_atom_site.Cartn_z 
_atom_site.occupancy 
_atom_site.B_iso_or_equiv 
_atom_site.pdbx_formal_charge 
_atom_site.auth_seq_id 
_atom_site.auth_comp_id 
_atom_site.auth_asym_id 
_atom_site.auth_atom_id 
_atom_site.pdbx_PDB_model_num 
ATOM   1    O OP3   . C   A 1 1  ? 15.394  2.281   32.171  1.00 69.08 ? 1  C   A OP3   1 
ATOM   2    P P     . C   A 1 1  ? 15.843  0.924   32.554  1.00 69.23 ? 1  C   A P     1 
ATOM   3    O OP1   . C   A 1 1  ? 15.553  0.428   33.924  1.00 69.36 ? 1  C   A OP1   1 
ATOM   4    O OP2   . C   A 1 1  ? 17.327  0.902   32.408  1.00 69.44 ? 1  C   A OP2   1 
ATOM   5    O "O5'" . C   A 1 1  ? 15.195  -0.105  31.496  1.00 67.53 ? 1  C   A "O5'" 1 
ATOM   6    C "C5'" . C   A 1 1  ? 15.114  -1.511  31.798  1.00 65.34 ? 1  C   A "C5'" 1 
ATOM   7    C "C4'" . C   A 1 1  ? 13.973  -2.193  31.058  1.00 63.59 ? 1  C   A "C4'" 1 
ATOM   8    O "O4'" . C   A 1 1  ? 13.011  -2.730  32.003  1.00 63.89 ? 1  C   A "O4'" 1 
ATOM   9    C "C3'" . C   A 1 1  ? 13.196  -1.285  30.115  1.00 62.07 ? 1  C   A "C3'" 1 
ATOM   10   O "O3'" . C   A 1 1  ? 13.613  -1.548  28.781  1.00 58.92 ? 1  C   A "O3'" 1 
ATOM   11   C "C2'" . C   A 1 1  ? 11.726  -1.639  30.347  1.00 62.93 ? 1  C   A "C2'" 1 
ATOM   12   O "O2'" . C   A 1 1  ? 11.231  -2.622  29.455  1.00 63.13 ? 1  C   A "O2'" 1 
ATOM   13   C "C1'" . C   A 1 1  ? 11.718  -2.190  31.773  1.00 63.92 ? 1  C   A "C1'" 1 
ATOM   14   N N1    . C   A 1 1  ? 11.374  -1.210  32.885  1.00 64.35 ? 1  C   A N1    1 
ATOM   15   C C2    . C   A 1 1  ? 10.231  -0.373  32.837  1.00 64.34 ? 1  C   A C2    1 
ATOM   16   O O2    . C   A 1 1  ? 9.461   -0.395  31.867  1.00 64.41 ? 1  C   A O2    1 
ATOM   17   N N3    . C   A 1 1  ? 9.995   0.467   33.883  1.00 64.44 ? 1  C   A N3    1 
ATOM   18   C C4    . C   A 1 1  ? 10.826  0.498   34.936  1.00 64.51 ? 1  C   A C4    1 
ATOM   19   N N4    . C   A 1 1  ? 10.550  1.343   35.937  1.00 64.49 ? 1  C   A N4    1 
ATOM   20   C C5    . C   A 1 1  ? 11.980  -0.339  35.010  1.00 64.45 ? 1  C   A C5    1 
ATOM   21   C C6    . C   A 1 1  ? 12.203  -1.164  33.980  1.00 64.55 ? 1  C   A C6    1 
ATOM   22   P P     . G   A 1 2  ? 14.764  -0.681  28.083  1.00 56.37 ? 2  G   A P     1 
ATOM   23   O OP1   . G   A 1 2  ? 14.710  -1.005  26.635  1.00 56.45 ? 2  G   A OP1   1 
ATOM   24   O OP2   . G   A 1 2  ? 16.030  -0.884  28.827  1.00 56.14 ? 2  G   A OP2   1 
ATOM   25   O "O5'" . G   A 1 2  ? 14.275  0.834   28.290  1.00 53.38 ? 2  G   A "O5'" 1 
ATOM   26   C "C5'" . G   A 1 2  ? 13.358  1.380   27.344  1.00 48.47 ? 2  G   A "C5'" 1 
ATOM   27   C "C4'" . G   A 1 2  ? 12.752  2.698   27.784  1.00 44.76 ? 2  G   A "C4'" 1 
ATOM   28   O "O4'" . G   A 1 2  ? 13.721  3.761   27.620  1.00 42.83 ? 2  G   A "O4'" 1 
ATOM   29   C "C3'" . G   A 1 2  ? 11.545  3.091   26.948  1.00 43.14 ? 2  G   A "C3'" 1 
ATOM   30   O "O3'" . G   A 1 2  ? 10.356  2.886   27.688  1.00 42.73 ? 2  G   A "O3'" 1 
ATOM   31   C "C2'" . G   A 1 2  ? 11.747  4.563   26.606  1.00 42.10 ? 2  G   A "C2'" 1 
ATOM   32   O "O2'" . G   A 1 2  ? 11.099  5.440   27.504  1.00 41.87 ? 2  G   A "O2'" 1 
ATOM   33   C "C1'" . G   A 1 2  ? 13.254  4.719   26.694  1.00 41.27 ? 2  G   A "C1'" 1 
ATOM   34   N N9    . G   A 1 2  ? 13.904  4.500   25.409  1.00 40.85 ? 2  G   A N9    1 
ATOM   35   C C8    . G   A 1 2  ? 14.697  3.439   25.056  1.00 40.65 ? 2  G   A C8    1 
ATOM   36   N N7    . G   A 1 2  ? 15.143  3.504   23.839  1.00 40.52 ? 2  G   A N7    1 
ATOM   37   C C5    . G   A 1 2  ? 14.611  4.681   23.350  1.00 40.43 ? 2  G   A C5    1 
ATOM   38   C C6    . G   A 1 2  ? 14.753  5.273   22.080  1.00 40.51 ? 2  G   A C6    1 
ATOM   39   O O6    . G   A 1 2  ? 15.401  4.842   21.122  1.00 40.68 ? 2  G   A O6    1 
ATOM   40   N N1    . G   A 1 2  ? 14.052  6.473   21.976  1.00 40.74 ? 2  G   A N1    1 
ATOM   41   C C2    . G   A 1 2  ? 13.301  7.029   22.983  1.00 40.80 ? 2  G   A C2    1 
ATOM   42   N N2    . G   A 1 2  ? 12.688  8.190   22.708  1.00 40.80 ? 2  G   A N2    1 
ATOM   43   N N3    . G   A 1 2  ? 13.164  6.479   24.184  1.00 40.90 ? 2  G   A N3    1 
ATOM   44   C C4    . G   A 1 2  ? 13.841  5.309   24.299  1.00 40.64 ? 2  G   A C4    1 
ATOM   45   P P     . C   A 1 3  ? 9.019   2.567   26.875  1.00 43.10 ? 3  C   A P     1 
ATOM   46   O OP1   . C   A 1 3  ? 8.005   2.047   27.815  1.00 43.40 ? 3  C   A OP1   1 
ATOM   47   O OP2   . C   A 1 3  ? 9.380   1.758   25.680  1.00 43.19 ? 3  C   A OP2   1 
ATOM   48   O "O5'" . C   A 1 3  ? 8.554   4.021   26.393  1.00 42.02 ? 3  C   A "O5'" 1 
ATOM   49   C "C5'" . C   A 1 3  ? 8.365   4.226   25.004  1.00 39.73 ? 3  C   A "C5'" 1 
ATOM   50   C "C4'" . C   A 1 3  ? 8.096   5.665   24.633  1.00 37.87 ? 3  C   A "C4'" 1 
ATOM   51   O "O4'" . C   A 1 3  ? 9.324   6.366   24.305  1.00 37.69 ? 3  C   A "O4'" 1 
ATOM   52   C "C3'" . C   A 1 3  ? 7.291   5.679   23.366  1.00 36.84 ? 3  C   A "C3'" 1 
ATOM   53   O "O3'" . C   A 1 3  ? 5.953   5.842   23.690  1.00 36.20 ? 3  C   A "O3'" 1 
ATOM   54   C "C2'" . C   A 1 3  ? 7.824   6.840   22.546  1.00 37.00 ? 3  C   A "C2'" 1 
ATOM   55   O "O2'" . C   A 1 3  ? 7.114   8.032   22.792  1.00 38.04 ? 3  C   A "O2'" 1 
ATOM   56   C "C1'" . C   A 1 3  ? 9.283   6.899   22.991  1.00 36.71 ? 3  C   A "C1'" 1 
ATOM   57   N N1    . C   A 1 3  ? 10.149  6.082   22.077  1.00 36.19 ? 3  C   A N1    1 
ATOM   58   C C2    . C   A 1 3  ? 10.340  6.482   20.746  1.00 35.66 ? 3  C   A C2    1 
ATOM   59   O O2    . C   A 1 3  ? 9.812   7.516   20.328  1.00 35.81 ? 3  C   A O2    1 
ATOM   60   N N3    . C   A 1 3  ? 11.113  5.716   19.942  1.00 35.44 ? 3  C   A N3    1 
ATOM   61   C C4    . C   A 1 3  ? 11.676  4.602   20.416  1.00 35.84 ? 3  C   A C4    1 
ATOM   62   N N4    . C   A 1 3  ? 12.428  3.882   19.589  1.00 36.17 ? 3  C   A N4    1 
ATOM   63   C C5    . C   A 1 3  ? 11.498  4.167   21.758  1.00 35.91 ? 3  C   A C5    1 
ATOM   64   C C6    . C   A 1 3  ? 10.731  4.932   22.537  1.00 36.28 ? 3  C   A C6    1 
ATOM   65   P P     . G   A 1 4  ? 4.983   4.960   22.792  1.00 36.97 ? 4  G   A P     1 
ATOM   66   O OP1   . G   A 1 4  ? 3.665   5.640   22.758  1.00 37.76 ? 4  G   A OP1   1 
ATOM   67   O OP2   . G   A 1 4  ? 5.062   3.540   23.221  1.00 37.20 ? 4  G   A OP2   1 
ATOM   68   O "O5'" . G   A 1 4  ? 5.753   5.060   21.384  1.00 34.88 ? 4  G   A "O5'" 1 
ATOM   69   C "C5'" . G   A 1 4  ? 5.114   4.894   20.141  1.00 31.36 ? 4  G   A "C5'" 1 
ATOM   70   C "C4'" . G   A 1 4  ? 5.602   5.965   19.194  1.00 28.46 ? 4  G   A "C4'" 1 
ATOM   71   O "O4'" . G   A 1 4  ? 7.034   6.101   19.306  1.00 27.44 ? 4  G   A "O4'" 1 
ATOM   72   C "C3'" . G   A 1 4  ? 5.379   5.628   17.737  1.00 27.38 ? 4  G   A "C3'" 1 
ATOM   73   O "O3'" . G   A 1 4  ? 4.103   6.054   17.353  1.00 26.78 ? 4  G   A "O3'" 1 
ATOM   74   C "C2'" . G   A 1 4  ? 6.440   6.451   17.033  1.00 26.81 ? 4  G   A "C2'" 1 
ATOM   75   O "O2'" . G   A 1 4  ? 6.050   7.791   16.800  1.00 26.80 ? 4  G   A "O2'" 1 
ATOM   76   C "C1'" . G   A 1 4  ? 7.583   6.376   18.032  1.00 26.42 ? 4  G   A "C1'" 1 
ATOM   77   N N9    . G   A 1 4  ? 8.511   5.319   17.670  1.00 26.08 ? 4  G   A N9    1 
ATOM   78   C C8    . G   A 1 4  ? 8.797   4.181   18.377  1.00 26.09 ? 4  G   A C8    1 
ATOM   79   N N7    . G   A 1 4  ? 9.674   3.421   17.792  1.00 26.08 ? 4  G   A N7    1 
ATOM   80   C C5    . G   A 1 4  ? 9.982   4.096   16.627  1.00 25.99 ? 4  G   A C5    1 
ATOM   81   C C6    . G   A 1 4  ? 10.870  3.752   15.589  1.00 25.92 ? 4  G   A C6    1 
ATOM   82   O O6    . G   A 1 4  ? 11.568  2.743   15.518  1.00 26.06 ? 4  G   A O6    1 
ATOM   83   N N1    . G   A 1 4  ? 10.896  4.701   14.567  1.00 25.91 ? 4  G   A N1    1 
ATOM   84   C C2    . G   A 1 4  ? 10.146  5.851   14.562  1.00 26.05 ? 4  G   A C2    1 
ATOM   85   N N2    . G   A 1 4  ? 10.285  6.666   13.510  1.00 26.21 ? 4  G   A N2    1 
ATOM   86   N N3    . G   A 1 4  ? 9.306   6.184   15.533  1.00 26.29 ? 4  G   A N3    1 
ATOM   87   C C4    . G   A 1 4  ? 9.275   5.265   16.531  1.00 26.11 ? 4  G   A C4    1 
ATOM   88   P P     . G   A 1 5  ? 3.245   5.109   16.399  1.00 27.32 ? 5  G   A P     1 
ATOM   89   O OP1   . G   A 1 5  ? 1.914   5.750   16.277  1.00 27.98 ? 5  G   A OP1   1 
ATOM   90   O OP2   . G   A 1 5  ? 3.360   3.695   16.846  1.00 26.77 ? 5  G   A OP2   1 
ATOM   91   O "O5'" . G   A 1 5  ? 4.004   5.226   14.998  1.00 25.78 ? 5  G   A "O5'" 1 
ATOM   92   C "C5'" . G   A 1 5  ? 4.035   6.481   14.348  1.00 23.22 ? 5  G   A "C5'" 1 
ATOM   93   C "C4'" . G   A 1 5  ? 5.016   6.453   13.201  1.00 21.24 ? 5  G   A "C4'" 1 
ATOM   94   O "O4'" . G   A 1 5  ? 6.349   6.158   13.667  1.00 20.92 ? 5  G   A "O4'" 1 
ATOM   95   C "C3'" . G   A 1 5  ? 4.833   5.348   12.194  1.00 20.40 ? 5  G   A "C3'" 1 
ATOM   96   O "O3'" . G   A 1 5  ? 3.724   5.621   11.416  1.00 20.38 ? 5  G   A "O3'" 1 
ATOM   97   C "C2'" . G   A 1 5  ? 6.104   5.576   11.402  1.00 20.42 ? 5  G   A "C2'" 1 
ATOM   98   O "O2'" . G   A 1 5  ? 6.054   6.742   10.601  1.00 21.40 ? 5  G   A "O2'" 1 
ATOM   99   C "C1'" . G   A 1 5  ? 7.101   5.760   12.543  1.00 19.06 ? 5  G   A "C1'" 1 
ATOM   100  N N9    . G   A 1 5  ? 7.737   4.499   12.855  1.00 18.30 ? 5  G   A N9    1 
ATOM   101  C C8    . G   A 1 5  ? 7.580   3.751   13.982  1.00 18.10 ? 5  G   A C8    1 
ATOM   102  N N7    . G   A 1 5  ? 8.273   2.655   13.958  1.00 18.27 ? 5  G   A N7    1 
ATOM   103  C C5    . G   A 1 5  ? 8.920   2.680   12.742  1.00 17.82 ? 5  G   A C5    1 
ATOM   104  C C6    . G   A 1 5  ? 9.807   1.751   12.169  1.00 17.88 ? 5  G   A C6    1 
ATOM   105  O O6    . G   A 1 5  ? 10.202  0.687   12.659  1.00 17.80 ? 5  G   A O6    1 
ATOM   106  N N1    . G   A 1 5  ? 10.231  2.163   10.906  1.00 18.13 ? 5  G   A N1    1 
ATOM   107  C C2    . G   A 1 5  ? 9.840   3.331   10.288  1.00 18.18 ? 5  G   A C2    1 
ATOM   108  N N2    . G   A 1 5  ? 10.338  3.588   9.078   1.00 18.24 ? 5  G   A N2    1 
ATOM   109  N N3    . G   A 1 5  ? 9.010   4.206   10.820  1.00 18.11 ? 5  G   A N3    1 
ATOM   110  C C4    . G   A 1 5  ? 8.594   3.810   12.045  1.00 18.09 ? 5  G   A C4    1 
ATOM   111  P P     . G   A 1 6  ? 2.844   4.417   10.852  1.00 21.03 ? 6  G   A P     1 
ATOM   112  O OP1   . G   A 1 6  ? 1.656   5.088   10.294  1.00 22.52 ? 6  G   A OP1   1 
ATOM   113  O OP2   . G   A 1 6  ? 2.677   3.342   11.861  1.00 21.68 ? 6  G   A OP2   1 
ATOM   114  O "O5'" . G   A 1 6  ? 3.728   3.795   9.672   1.00 19.85 ? 6  G   A "O5'" 1 
ATOM   115  C "C5'" . G   A 1 6  ? 3.727   4.421   8.409   1.00 17.62 ? 6  G   A "C5'" 1 
ATOM   116  C "C4'" . G   A 1 6  ? 4.921   3.973   7.599   1.00 15.93 ? 6  G   A "C4'" 1 
ATOM   117  O "O4'" . G   A 1 6  ? 6.100   3.840   8.425   1.00 14.87 ? 6  G   A "O4'" 1 
ATOM   118  C "C3'" . G   A 1 6  ? 4.807   2.597   6.988   1.00 14.97 ? 6  G   A "C3'" 1 
ATOM   119  O "O3'" . G   A 1 6  ? 3.939   2.649   5.882   1.00 15.25 ? 6  G   A "O3'" 1 
ATOM   120  C "C2'" . G   A 1 6  ? 6.247   2.397   6.550   1.00 13.99 ? 6  G   A "C2'" 1 
ATOM   121  O "O2'" . G   A 1 6  ? 6.542   3.089   5.353   1.00 12.94 ? 6  G   A "O2'" 1 
ATOM   122  C "C1'" . G   A 1 6  ? 6.993   2.973   7.754   1.00 13.66 ? 6  G   A "C1'" 1 
ATOM   123  N N9    . G   A 1 6  ? 7.313   1.914   8.689   1.00 13.39 ? 6  G   A N9    1 
ATOM   124  C C8    . G   A 1 6  ? 6.851   1.786   9.972   1.00 13.31 ? 6  G   A C8    1 
ATOM   125  N N7    . G   A 1 6  ? 7.298   0.721   10.562  1.00 13.06 ? 6  G   A N7    1 
ATOM   126  C C5    . G   A 1 6  ? 8.096   0.107   9.615   1.00 12.79 ? 6  G   A C5    1 
ATOM   127  C C6    . G   A 1 6  ? 8.845   -1.084  9.692   1.00 13.08 ? 6  G   A C6    1 
ATOM   128  O O6    . G   A 1 6  ? 8.947   -1.858  10.647  1.00 13.25 ? 6  G   A O6    1 
ATOM   129  N N1    . G   A 1 6  ? 9.527   -1.349  8.505   1.00 13.33 ? 6  G   A N1    1 
ATOM   130  C C2    . G   A 1 6  ? 9.475   -0.551  7.386   1.00 13.27 ? 6  G   A C2    1 
ATOM   131  N N2    . G   A 1 6  ? 10.194  -0.940  6.329   1.00 13.34 ? 6  G   A N2    1 
ATOM   132  N N3    . G   A 1 6  ? 8.775   0.569   7.306   1.00 13.13 ? 6  G   A N3    1 
ATOM   133  C C4    . G   A 1 6  ? 8.114   0.831   8.455   1.00 12.90 ? 6  G   A C4    1 
ATOM   134  P P     . G   A 1 7  ? 3.059   1.363   5.542   1.00 14.56 ? 7  G   A P     1 
ATOM   135  O OP1   . G   A 1 7  ? 2.054   1.769   4.534   1.00 15.96 ? 7  G   A OP1   1 
ATOM   136  O OP2   . G   A 1 7  ? 2.641   0.710   6.797   1.00 15.48 ? 7  G   A OP2   1 
ATOM   137  O "O5'" . G   A 1 7  ? 4.089   0.367   4.864   1.00 14.42 ? 7  G   A "O5'" 1 
ATOM   138  C "C5'" . G   A 1 7  ? 4.749   0.705   3.661   1.00 13.56 ? 7  G   A "C5'" 1 
ATOM   139  C "C4'" . G   A 1 7  ? 5.768   -0.386  3.489   1.00 13.18 ? 7  G   A "C4'" 1 
ATOM   140  O "O4'" . G   A 1 7  ? 6.356   -0.659  4.787   1.00 12.97 ? 7  G   A "O4'" 1 
ATOM   141  C "C3'" . G   A 1 7  ? 5.141   -1.686  3.026   1.00 13.35 ? 7  G   A "C3'" 1 
ATOM   142  O "O3'" . G   A 1 7  ? 5.769   -2.104  1.835   1.00 13.81 ? 7  G   A "O3'" 1 
ATOM   143  C "C2'" . G   A 1 7  ? 5.411   -2.633  4.189   1.00 13.34 ? 7  G   A "C2'" 1 
ATOM   144  O "O2'" . G   A 1 7  ? 5.649   -3.958  3.764   1.00 14.54 ? 7  G   A "O2'" 1 
ATOM   145  C "C1'" . G   A 1 7  ? 6.653   -2.021  4.833   1.00 12.77 ? 7  G   A "C1'" 1 
ATOM   146  N N9    . G   A 1 7  ? 6.755   -2.490  6.205   1.00 12.58 ? 7  G   A N9    1 
ATOM   147  C C8    . G   A 1 7  ? 6.087   -2.020  7.308   1.00 12.79 ? 7  G   A C8    1 
ATOM   148  N N7    . G   A 1 7  ? 6.357   -2.676  8.404   1.00 12.71 ? 7  G   A N7    1 
ATOM   149  C C5    . G   A 1 7  ? 7.253   -3.652  7.994   1.00 12.68 ? 7  G   A C5    1 
ATOM   150  C C6    . G   A 1 7  ? 7.897   -4.668  8.737   1.00 12.74 ? 7  G   A C6    1 
ATOM   151  O O6    . G   A 1 7  ? 7.788   -4.901  9.945   1.00 12.86 ? 7  G   A O6    1 
ATOM   152  N N1    . G   A 1 7  ? 8.735   -5.451  7.945   1.00 12.68 ? 7  G   A N1    1 
ATOM   153  C C2    . G   A 1 7  ? 8.923   -5.264  6.594   1.00 12.81 ? 7  G   A C2    1 
ATOM   154  N N2    . G   A 1 7  ? 9.771   -6.097  5.972   1.00 13.10 ? 7  G   A N2    1 
ATOM   155  N N3    . G   A 1 7  ? 8.324   -4.316  5.888   1.00 12.57 ? 7  G   A N3    1 
ATOM   156  C C4    . G   A 1 7  ? 7.505   -3.551  6.647   1.00 12.43 ? 7  G   A C4    1 
HETATM 157  N N1    . 4SU A 1 8  ? -0.200  -0.721  0.558   1.00 23.05 ? 8  4SU A N1    1 
HETATM 158  C C2    . 4SU A 1 8  ? -1.260  0.134   0.137   1.00 23.38 ? 8  4SU A C2    1 
HETATM 159  N N3    . 4SU A 1 8  ? -1.232  1.451   0.403   1.00 23.22 ? 8  4SU A N3    1 
HETATM 160  C C4    . 4SU A 1 8  ? -0.206  2.000   1.068   1.00 23.14 ? 8  4SU A C4    1 
HETATM 161  C C5    . 4SU A 1 8  ? 0.851   1.194   1.492   1.00 22.87 ? 8  4SU A C5    1 
HETATM 162  C C6    . 4SU A 1 8  ? 0.837   -0.172  1.220   1.00 22.87 ? 8  4SU A C6    1 
HETATM 163  O O2    . 4SU A 1 8  ? -2.246  -0.329  -0.475  1.00 23.50 ? 8  4SU A O2    1 
HETATM 164  S S4    . 4SU A 1 8  ? -0.198  3.578   1.363   1.00 24.20 ? 8  4SU A S4    1 
HETATM 165  C "C1'" . 4SU A 1 8  ? -0.243  -2.169  0.245   1.00 21.72 ? 8  4SU A "C1'" 1 
HETATM 166  C "C2'" . 4SU A 1 8  ? -0.262  -2.256  -1.269  1.00 20.90 ? 8  4SU A "C2'" 1 
HETATM 167  O "O2'" . 4SU A 1 8  ? -0.704  -3.566  -1.624  1.00 21.24 ? 8  4SU A "O2'" 1 
HETATM 168  C "C3'" . 4SU A 1 8  ? 1.194   -2.245  -1.632  1.00 20.39 ? 8  4SU A "C3'" 1 
HETATM 169  C "C4'" . 4SU A 1 8  ? 1.664   -3.268  -0.605  1.00 18.96 ? 8  4SU A "C4'" 1 
HETATM 170  O "O3'" . 4SU A 1 8  ? 1.251   -2.607  -3.014  1.00 21.21 ? 8  4SU A "O3'" 1 
HETATM 171  O "O4'" . 4SU A 1 8  ? 0.966   -2.874  0.585   1.00 20.21 ? 8  4SU A "O4'" 1 
HETATM 172  C "C5'" . 4SU A 1 8  ? 3.159   -3.330  -0.347  1.00 17.62 ? 8  4SU A "C5'" 1 
HETATM 173  O "O5'" . 4SU A 1 8  ? 3.608   -2.286  0.519   1.00 16.03 ? 8  4SU A "O5'" 1 
HETATM 174  P P     . 4SU A 1 8  ? 5.132   -1.735  0.419   1.00 14.76 ? 8  4SU A P     1 
HETATM 175  O OP1   . 4SU A 1 8  ? 5.916   -2.542  -0.596  1.00 13.87 ? 8  4SU A OP1   1 
HETATM 176  O OP2   . 4SU A 1 8  ? 5.061   -0.233  0.280   1.00 14.09 ? 8  4SU A OP2   1 
ATOM   177  P P     . G   A 1 9  ? 2.629   -2.521  -3.814  1.00 22.46 ? 9  G   A P     1 
ATOM   178  O OP1   . G   A 1 9  ? 2.972   -3.937  -4.074  1.00 23.70 ? 9  G   A OP1   1 
ATOM   179  O OP2   . G   A 1 9  ? 3.560   -1.694  -3.021  1.00 23.35 ? 9  G   A OP2   1 
ATOM   180  O "O5'" . G   A 1 9  ? 2.428   -1.727  -5.196  1.00 21.16 ? 9  G   A "O5'" 1 
ATOM   181  C "C5'" . G   A 1 9  ? 1.645   -2.162  -6.334  1.00 19.31 ? 9  G   A "C5'" 1 
ATOM   182  C "C4'" . G   A 1 9  ? 2.114   -3.327  -7.214  1.00 16.64 ? 9  G   A "C4'" 1 
ATOM   183  O "O4'" . G   A 1 9  ? 0.885   -3.966  -7.620  1.00 15.92 ? 9  G   A "O4'" 1 
ATOM   184  C "C3'" . G   A 1 9  ? 2.765   -3.079  -8.578  1.00 16.67 ? 9  G   A "C3'" 1 
ATOM   185  O "O3'" . G   A 1 9  ? 3.257   -4.304  -9.122  1.00 18.07 ? 9  G   A "O3'" 1 
ATOM   186  C "C2'" . G   A 1 9  ? 1.588   -2.673  -9.459  1.00 15.45 ? 9  G   A "C2'" 1 
ATOM   187  O "O2'" . G   A 1 9  ? 1.777   -2.943  -10.832 1.00 14.17 ? 9  G   A "O2'" 1 
ATOM   188  C "C1'" . G   A 1 9  ? 0.552   -3.656  -8.960  1.00 14.19 ? 9  G   A "C1'" 1 
ATOM   189  N N9    . G   A 1 9  ? -0.808  -3.155  -8.973  1.00 13.52 ? 9  G   A N9    1 
ATOM   190  C C8    . G   A 1 9  ? -1.279  -1.963  -8.491  1.00 13.30 ? 9  G   A C8    1 
ATOM   191  N N7    . G   A 1 9  ? -2.564  -1.812  -8.650  1.00 13.44 ? 9  G   A N7    1 
ATOM   192  C C5    . G   A 1 9  ? -2.968  -2.986  -9.272  1.00 13.76 ? 9  G   A C5    1 
ATOM   193  C C6    . G   A 1 9  ? -4.253  -3.416  -9.691  1.00 13.79 ? 9  G   A C6    1 
ATOM   194  O O6    . G   A 1 9  ? -5.336  -2.813  -9.595  1.00 13.54 ? 9  G   A O6    1 
ATOM   195  N N1    . G   A 1 9  ? -4.200  -4.684  -10.280 1.00 13.65 ? 9  G   A N1    1 
ATOM   196  C C2    . G   A 1 9  ? -3.061  -5.443  -10.434 1.00 13.53 ? 9  G   A C2    1 
ATOM   197  N N2    . G   A 1 9  ? -3.186  -6.643  -11.018 1.00 13.66 ? 9  G   A N2    1 
ATOM   198  N N3    . G   A 1 9  ? -1.865  -5.049  -10.036 1.00 13.69 ? 9  G   A N3    1 
ATOM   199  C C4    . G   A 1 9  ? -1.893  -3.820  -9.471  1.00 13.71 ? 9  G   A C4    1 
ATOM   200  P P     . G   A 1 10 ? 4.810   -4.609  -9.324  1.00 19.26 ? 10 G   A P     1 
ATOM   201  O OP1   . G   A 1 10 ? 4.928   -5.851  -10.120 1.00 18.82 ? 10 G   A OP1   1 
ATOM   202  O OP2   . G   A 1 10 ? 5.395   -4.532  -7.966  1.00 20.20 ? 10 G   A OP2   1 
ATOM   203  O "O5'" . G   A 1 10 ? 5.421   -3.401  -10.182 1.00 19.65 ? 10 G   A "O5'" 1 
ATOM   204  C "C5'" . G   A 1 10 ? 6.803   -3.479  -10.532 1.00 20.32 ? 10 G   A "C5'" 1 
ATOM   205  C "C4'" . G   A 1 10 ? 7.427   -2.146  -10.913 1.00 20.85 ? 10 G   A "C4'" 1 
ATOM   206  O "O4'" . G   A 1 10 ? 6.849   -1.663  -12.153 1.00 20.85 ? 10 G   A "O4'" 1 
ATOM   207  C "C3'" . G   A 1 10 ? 7.232   -1.023  -9.911  1.00 21.24 ? 10 G   A "C3'" 1 
ATOM   208  O "O3'" . G   A 1 10 ? 8.299   -1.004  -8.979  1.00 21.82 ? 10 G   A "O3'" 1 
ATOM   209  C "C2'" . G   A 1 10 ? 7.256   0.217   -10.799 1.00 21.31 ? 10 G   A "C2'" 1 
ATOM   210  O "O2'" . G   A 1 10 ? 8.562   0.677   -11.078 1.00 21.77 ? 10 G   A "O2'" 1 
ATOM   211  C "C1'" . G   A 1 10 ? 6.587   -0.275  -12.074 1.00 20.99 ? 10 G   A "C1'" 1 
ATOM   212  N N9    . G   A 1 10 ? 5.142   -0.031  -12.071 1.00 21.05 ? 10 G   A N9    1 
ATOM   213  C C8    . G   A 1 10 ? 4.140   -0.971  -12.018 1.00 21.02 ? 10 G   A C8    1 
ATOM   214  N N7    . G   A 1 10 ? 2.937   -0.467  -12.026 1.00 21.07 ? 10 G   A N7    1 
ATOM   215  C C5    . G   A 1 10 ? 3.153   0.900   -12.082 1.00 21.07 ? 10 G   A C5    1 
ATOM   216  C C6    . G   A 1 10 ? 2.212   1.955   -12.109 1.00 21.11 ? 10 G   A C6    1 
ATOM   217  O O6    . G   A 1 10 ? 0.974   1.850   -12.096 1.00 20.95 ? 10 G   A O6    1 
ATOM   218  N N1    . G   A 1 10 ? 2.837   3.207   -12.165 1.00 20.68 ? 10 G   A N1    1 
ATOM   219  C C2    . G   A 1 10 ? 4.202   3.392   -12.193 1.00 20.58 ? 10 G   A C2    1 
ATOM   220  N N2    . G   A 1 10 ? 4.640   4.651   -12.242 1.00 20.92 ? 10 G   A N2    1 
ATOM   221  N N3    . G   A 1 10 ? 5.092   2.411   -12.164 1.00 20.53 ? 10 G   A N3    1 
ATOM   222  C C4    . G   A 1 10 ? 4.502   1.190   -12.108 1.00 20.99 ? 10 G   A C4    1 
ATOM   223  P P     . A   A 1 11 ? 8.091   -0.196  -7.616  1.00 22.75 ? 11 A   A P     1 
ATOM   224  O OP1   . A   A 1 11 ? 9.263   -0.425  -6.737  1.00 23.30 ? 11 A   A OP1   1 
ATOM   225  O OP2   . A   A 1 11 ? 6.733   -0.544  -7.135  1.00 23.51 ? 11 A   A OP2   1 
ATOM   226  O "O5'" . A   A 1 11 ? 8.075   1.341   -8.069  1.00 21.68 ? 11 A   A "O5'" 1 
ATOM   227  C "C5'" . A   A 1 11 ? 9.279   2.064   -8.311  1.00 20.18 ? 11 A   A "C5'" 1 
ATOM   228  C "C4'" . A   A 1 11 ? 8.975   3.546   -8.340  1.00 19.43 ? 11 A   A "C4'" 1 
ATOM   229  O "O4'" . A   A 1 11 ? 8.048   3.852   -9.406  1.00 19.19 ? 11 A   A "O4'" 1 
ATOM   230  C "C3'" . A   A 1 11 ? 8.251   4.030   -7.101  1.00 19.49 ? 11 A   A "C3'" 1 
ATOM   231  O "O3'" . A   A 1 11 ? 9.171   4.370   -6.101  1.00 19.34 ? 11 A   A "O3'" 1 
ATOM   232  C "C2'" . A   A 1 11 ? 7.474   5.249   -7.578  1.00 19.51 ? 11 A   A "C2'" 1 
ATOM   233  O "O2'" . A   A 1 11 ? 8.234   6.447   -7.627  1.00 19.83 ? 11 A   A "O2'" 1 
ATOM   234  C "C1'" . A   A 1 11 ? 7.069   4.778   -8.962  1.00 18.63 ? 11 A   A "C1'" 1 
ATOM   235  N N9    . A   A 1 11 ? 5.766   4.124   -8.977  1.00 18.43 ? 11 A   A N9    1 
ATOM   236  C C8    . A   A 1 11 ? 5.518   2.804   -9.222  1.00 18.41 ? 11 A   A C8    1 
ATOM   237  N N7    . A   A 1 11 ? 4.248   2.484   -9.194  1.00 18.27 ? 11 A   A N7    1 
ATOM   238  C C5    . A   A 1 11 ? 3.621   3.679   -8.900  1.00 18.09 ? 11 A   A C5    1 
ATOM   239  C C6    . A   A 1 11 ? 2.269   4.019   -8.728  1.00 18.16 ? 11 A   A C6    1 
ATOM   240  N N6    . A   A 1 11 ? 1.290   3.121   -8.836  1.00 18.76 ? 11 A   A N6    1 
ATOM   241  N N1    . A   A 1 11 ? 1.956   5.298   -8.438  1.00 18.00 ? 11 A   A N1    1 
ATOM   242  C C2    . A   A 1 11 ? 2.950   6.179   -8.338  1.00 18.11 ? 11 A   A C2    1 
ATOM   243  N N3    . A   A 1 11 ? 4.261   5.977   -8.479  1.00 18.32 ? 11 A   A N3    1 
ATOM   244  C C4    . A   A 1 11 ? 4.537   4.698   -8.760  1.00 18.10 ? 11 A   A C4    1 
ATOM   245  P P     . G   A 1 12 ? 8.734   3.979   -4.626  1.00 18.91 ? 12 G   A P     1 
ATOM   246  O OP1   . G   A 1 12 ? 9.901   4.250   -3.759  1.00 19.19 ? 12 G   A OP1   1 
ATOM   247  O OP2   . G   A 1 12 ? 8.123   2.618   -4.676  1.00 18.32 ? 12 G   A OP2   1 
ATOM   248  O "O5'" . G   A 1 12 ? 7.603   5.058   -4.306  1.00 17.66 ? 12 G   A "O5'" 1 
ATOM   249  C "C5'" . G   A 1 12 ? 7.964   6.409   -4.149  1.00 17.18 ? 12 G   A "C5'" 1 
ATOM   250  C "C4'" . G   A 1 12 ? 6.742   7.294   -4.238  1.00 17.62 ? 12 G   A "C4'" 1 
ATOM   251  O "O4'" . G   A 1 12 ? 5.923   6.916   -5.369  1.00 18.79 ? 12 G   A "O4'" 1 
ATOM   252  C "C3'" . G   A 1 12 ? 5.790   7.169   -3.068  1.00 17.50 ? 12 G   A "C3'" 1 
ATOM   253  O "O3'" . G   A 1 12 ? 6.263   7.941   -1.996  1.00 15.79 ? 12 G   A "O3'" 1 
ATOM   254  C "C2'" . G   A 1 12 ? 4.496   7.721   -3.663  1.00 18.55 ? 12 G   A "C2'" 1 
ATOM   255  O "O2'" . G   A 1 12 ? 4.437   9.127   -3.722  1.00 19.61 ? 12 G   A "O2'" 1 
ATOM   256  C "C1'" . G   A 1 12 ? 4.557   7.178   -5.082  1.00 19.22 ? 12 G   A "C1'" 1 
ATOM   257  N N9    . G   A 1 12 ? 3.786   5.951   -5.192  1.00 19.25 ? 12 G   A N9    1 
ATOM   258  C C8    . G   A 1 12 ? 4.285   4.679   -5.303  1.00 19.50 ? 12 G   A C8    1 
ATOM   259  N N7    . G   A 1 12 ? 3.358   3.770   -5.374  1.00 19.87 ? 12 G   A N7    1 
ATOM   260  C C5    . G   A 1 12 ? 2.170   4.486   -5.307  1.00 19.72 ? 12 G   A C5    1 
ATOM   261  C C6    . G   A 1 12 ? 0.824   4.037   -5.340  1.00 19.59 ? 12 G   A C6    1 
ATOM   262  O O6    . G   A 1 12 ? 0.420   2.871   -5.436  1.00 19.46 ? 12 G   A O6    1 
ATOM   263  N N1    . G   A 1 12 ? -0.098  5.083   -5.246  1.00 19.70 ? 12 G   A N1    1 
ATOM   264  C C2    . G   A 1 12 ? 0.245   6.413   -5.136  1.00 19.68 ? 12 G   A C2    1 
ATOM   265  N N2    . G   A 1 12 ? -0.770  7.288   -5.063  1.00 19.24 ? 12 G   A N2    1 
ATOM   266  N N3    . G   A 1 12 ? 1.507   6.843   -5.102  1.00 19.99 ? 12 G   A N3    1 
ATOM   267  C C4    . G   A 1 12 ? 2.416   5.833   -5.189  1.00 19.61 ? 12 G   A C4    1 
ATOM   268  P P     . C   A 1 13 ? 5.757   7.622   -0.514  1.00 15.93 ? 13 C   A P     1 
ATOM   269  O OP1   . C   A 1 13 ? 5.457   8.919   0.151   1.00 16.13 ? 13 C   A OP1   1 
ATOM   270  O OP2   . C   A 1 13 ? 6.696   6.663   0.115   1.00 15.89 ? 13 C   A OP2   1 
ATOM   271  O "O5'" . C   A 1 13 ? 4.399   6.823   -0.731  1.00 14.67 ? 13 C   A "O5'" 1 
ATOM   272  C "C5'" . C   A 1 13 ? 3.513   6.737   0.367   1.00 13.61 ? 13 C   A "C5'" 1 
ATOM   273  C "C4'" . C   A 1 13 ? 2.259   7.525   0.070   1.00 11.81 ? 13 C   A "C4'" 1 
ATOM   274  O "O4'" . C   A 1 13 ? 1.890   7.253   -1.310  1.00 12.82 ? 13 C   A "O4'" 1 
ATOM   275  C "C3'" . C   A 1 13 ? 1.087   7.103   0.929   1.00 10.51 ? 13 C   A "C3'" 1 
ATOM   276  O "O3'" . C   A 1 13 ? 0.867   8.058   1.923   1.00 10.30 ? 13 C   A "O3'" 1 
ATOM   277  C "C2'" . C   A 1 13 ? -0.096  7.099   -0.026  1.00 10.62 ? 13 C   A "C2'" 1 
ATOM   278  O "O2'" . C   A 1 13 ? -0.876  8.279   0.042   1.00 10.32 ? 13 C   A "O2'" 1 
ATOM   279  C "C1'" . C   A 1 13 ? 0.529   6.870   -1.403  1.00 10.54 ? 13 C   A "C1'" 1 
ATOM   280  N N1    . C   A 1 13 ? 0.374   5.439   -1.743  1.00 9.26  ? 13 C   A N1    1 
ATOM   281  C C2    . C   A 1 13 ? -0.888  5.004   -2.130  1.00 9.64  ? 13 C   A C2    1 
ATOM   282  O O2    . C   A 1 13 ? -1.796  5.845   -2.196  1.00 9.70  ? 13 C   A O2    1 
ATOM   283  N N3    . C   A 1 13 ? -1.075  3.686   -2.421  1.00 9.48  ? 13 C   A N3    1 
ATOM   284  C C4    . C   A 1 13 ? -0.057  2.835   -2.313  1.00 9.09  ? 13 C   A C4    1 
ATOM   285  N N4    . C   A 1 13 ? -0.265  1.550   -2.597  1.00 9.49  ? 13 C   A N4    1 
ATOM   286  C C5    . C   A 1 13 ? 1.236   3.268   -1.913  1.00 9.25  ? 13 C   A C5    1 
ATOM   287  C C6    . C   A 1 13 ? 1.404   4.561   -1.634  1.00 9.19  ? 13 C   A C6    1 
ATOM   288  P P     . A   A 1 14 ? -0.105  7.663   3.129   1.00 12.30 ? 14 A   A P     1 
ATOM   289  O OP1   . A   A 1 14 ? -0.545  8.857   3.893   1.00 12.24 ? 14 A   A OP1   1 
ATOM   290  O OP2   . A   A 1 14 ? 0.510   6.489   3.797   1.00 13.42 ? 14 A   A OP2   1 
ATOM   291  O "O5'" . A   A 1 14 ? -1.395  7.144   2.379   1.00 12.68 ? 14 A   A "O5'" 1 
ATOM   292  C "C5'" . A   A 1 14 ? -2.253  6.248   3.023   1.00 12.79 ? 14 A   A "C5'" 1 
ATOM   293  C "C4'" . A   A 1 14 ? -3.639  6.756   2.736   1.00 12.88 ? 14 A   A "C4'" 1 
ATOM   294  O "O4'" . A   A 1 14 ? -3.903  6.690   1.310   1.00 13.95 ? 14 A   A "O4'" 1 
ATOM   295  C "C3'" . A   A 1 14 ? -4.707  5.935   3.395   1.00 12.73 ? 14 A   A "C3'" 1 
ATOM   296  O "O3'" . A   A 1 14 ? -5.145  6.694   4.455   1.00 12.80 ? 14 A   A "O3'" 1 
ATOM   297  C "C2'" . A   A 1 14 ? -5.811  5.992   2.385   1.00 13.06 ? 14 A   A "C2'" 1 
ATOM   298  O "O2'" . A   A 1 14 ? -6.403  7.259   2.538   1.00 14.75 ? 14 A   A "O2'" 1 
ATOM   299  C "C1'" . A   A 1 14 ? -5.064  5.937   1.070   1.00 12.70 ? 14 A   A "C1'" 1 
ATOM   300  N N9    . A   A 1 14 ? -4.704  4.585   0.673   1.00 12.31 ? 14 A   A N9    1 
ATOM   301  C C8    . A   A 1 14 ? -3.455  4.038   0.552   1.00 12.14 ? 14 A   A C8    1 
ATOM   302  N N7    . A   A 1 14 ? -3.456  2.782   0.174   1.00 12.00 ? 14 A   A N7    1 
ATOM   303  C C5    . A   A 1 14 ? -4.802  2.489   0.050   1.00 12.35 ? 14 A   A C5    1 
ATOM   304  C C6    . A   A 1 14 ? -5.491  1.331   -0.336  1.00 12.45 ? 14 A   A C6    1 
ATOM   305  N N6    . A   A 1 14 ? -4.880  0.189   -0.656  1.00 12.71 ? 14 A   A N6    1 
ATOM   306  N N1    . A   A 1 14 ? -6.837  1.382   -0.375  1.00 12.25 ? 14 A   A N1    1 
ATOM   307  C C2    . A   A 1 14 ? -7.463  2.518   -0.062  1.00 12.03 ? 14 A   A C2    1 
ATOM   308  N N3    . A   A 1 14 ? -6.927  3.666   0.316   1.00 12.13 ? 14 A   A N3    1 
ATOM   309  C C4    . A   A 1 14 ? -5.587  3.586   0.350   1.00 12.38 ? 14 A   A C4    1 
ATOM   310  P P     . G   A 1 15 ? -5.530  5.901   5.766   1.00 15.07 ? 15 G   A P     1 
ATOM   311  O OP1   . G   A 1 15 ? -6.186  6.876   6.664   1.00 15.20 ? 15 G   A OP1   1 
ATOM   312  O OP2   . G   A 1 15 ? -4.314  5.147   6.159   1.00 15.31 ? 15 G   A OP2   1 
ATOM   313  O "O5'" . G   A 1 15 ? -6.584  4.768   5.332   1.00 14.93 ? 15 G   A "O5'" 1 
ATOM   314  C "C5'" . G   A 1 15 ? -7.924  5.059   4.973   1.00 13.91 ? 15 G   A "C5'" 1 
ATOM   315  C "C4'" . G   A 1 15 ? -8.528  3.787   4.425   1.00 13.95 ? 15 G   A "C4'" 1 
ATOM   316  O "O4'" . G   A 1 15 ? -7.790  3.309   3.278   1.00 14.32 ? 15 G   A "O4'" 1 
ATOM   317  C "C3'" . G   A 1 15 ? -8.490  2.629   5.389   1.00 13.73 ? 15 G   A "C3'" 1 
ATOM   318  O "O3'" . G   A 1 15 ? -9.662  2.716   6.158   1.00 13.12 ? 15 G   A "O3'" 1 
ATOM   319  C "C2'" . G   A 1 15 ? -8.521  1.412   4.485   1.00 14.51 ? 15 G   A "C2'" 1 
ATOM   320  O "O2'" . G   A 1 15 ? -9.835  1.108   4.070   1.00 17.70 ? 15 G   A "O2'" 1 
ATOM   321  C "C1'" . G   A 1 15 ? -7.781  1.897   3.262   1.00 13.93 ? 15 G   A "C1'" 1 
ATOM   322  N N9    . G   A 1 15 ? -6.396  1.485   3.180   1.00 13.84 ? 15 G   A N9    1 
ATOM   323  C C8    . G   A 1 15 ? -5.324  2.276   3.493   1.00 14.05 ? 15 G   A C8    1 
ATOM   324  N N7    . G   A 1 15 ? -4.186  1.684   3.317   1.00 13.79 ? 15 G   A N7    1 
ATOM   325  C C5    . G   A 1 15 ? -4.523  0.434   2.855   1.00 13.20 ? 15 G   A C5    1 
ATOM   326  C C6    . G   A 1 15 ? -3.676  -0.630  2.500   1.00 13.71 ? 15 G   A C6    1 
ATOM   327  O O6    . G   A 1 15 ? -2.445  -0.660  2.532   1.00 14.08 ? 15 G   A O6    1 
ATOM   328  N N1    . G   A 1 15 ? -4.386  -1.745  2.081   1.00 13.79 ? 15 G   A N1    1 
ATOM   329  C C2    . G   A 1 15 ? -5.753  -1.796  2.022   1.00 13.64 ? 15 G   A C2    1 
ATOM   330  N N2    . G   A 1 15 ? -6.229  -2.963  1.586   1.00 13.98 ? 15 G   A N2    1 
ATOM   331  N N3    . G   A 1 15 ? -6.575  -0.801  2.359   1.00 13.09 ? 15 G   A N3    1 
ATOM   332  C C4    . G   A 1 15 ? -5.884  0.285   2.764   1.00 13.11 ? 15 G   A C4    1 
ATOM   333  P P     . C   A 1 16 ? -9.474  2.832   7.728   1.00 13.08 ? 16 C   A P     1 
ATOM   334  O OP1   . C   A 1 16 ? -10.789 2.995   8.382   1.00 13.04 ? 16 C   A OP1   1 
ATOM   335  O OP2   . C   A 1 16 ? -8.421  3.867   7.989   1.00 14.12 ? 16 C   A OP2   1 
ATOM   336  O "O5'" . C   A 1 16 ? -8.906  1.370   8.016   1.00 10.42 ? 16 C   A "O5'" 1 
ATOM   337  C "C5'" . C   A 1 16 ? -9.818  0.392   8.329   1.00 11.11 ? 16 C   A "C5'" 1 
ATOM   338  C "C4'" . C   A 1 16 ? -9.124  -0.770  8.995   1.00 12.02 ? 16 C   A "C4'" 1 
ATOM   339  O "O4'" . C   A 1 16 ? -7.815  -0.925  8.417   1.00 12.66 ? 16 C   A "O4'" 1 
ATOM   340  C "C3'" . C   A 1 16 ? -8.912  -0.648  10.488  1.00 11.60 ? 16 C   A "C3'" 1 
ATOM   341  O "O3'" . C   A 1 16 ? -9.040  -1.936  11.047  1.00 10.71 ? 16 C   A "O3'" 1 
ATOM   342  C "C2'" . C   A 1 16 ? -7.484  -0.150  10.603  1.00 12.58 ? 16 C   A "C2'" 1 
ATOM   343  O "O2'" . C   A 1 16 ? -6.901  -0.582  11.811  1.00 13.18 ? 16 C   A "O2'" 1 
ATOM   344  C "C1'" . C   A 1 16 ? -6.859  -0.904  9.442   1.00 13.18 ? 16 C   A "C1'" 1 
ATOM   345  N N1    . C   A 1 16 ? -5.688  -0.278  8.859   1.00 12.98 ? 16 C   A N1    1 
ATOM   346  C C2    . C   A 1 16 ? -4.430  -0.768  9.178   1.00 13.50 ? 16 C   A C2    1 
ATOM   347  O O2    . C   A 1 16 ? -4.359  -1.717  9.965   1.00 14.62 ? 16 C   A O2    1 
ATOM   348  N N3    . C   A 1 16 ? -3.339  -0.186  8.619   1.00 13.59 ? 16 C   A N3    1 
ATOM   349  C C4    . C   A 1 16 ? -3.505  0.832   7.776   1.00 13.63 ? 16 C   A C4    1 
ATOM   350  N N4    . C   A 1 16 ? -2.437  1.391   7.229   1.00 13.99 ? 16 C   A N4    1 
ATOM   351  C C5    . C   A 1 16 ? -4.784  1.339   7.432   1.00 14.72 ? 16 C   A C5    1 
ATOM   352  C C6    . C   A 1 16 ? -5.842  0.750   7.993   1.00 14.17 ? 16 C   A C6    1 
ATOM   353  P P     . C   A 1 17 ? -10.359 -2.192  11.886  1.00 11.66 ? 17 C   A P     1 
ATOM   354  O OP1   . C   A 1 17 ? -10.320 -3.543  12.483  1.00 13.19 ? 17 C   A OP1   1 
ATOM   355  O OP2   . C   A 1 17 ? -11.504 -1.775  11.056  1.00 11.22 ? 17 C   A OP2   1 
ATOM   356  O "O5'" . C   A 1 17 ? -10.225 -1.152  13.076  1.00 13.16 ? 17 C   A "O5'" 1 
ATOM   357  C "C5'" . C   A 1 17 ? -9.118  -1.164  13.957  1.00 14.05 ? 17 C   A "C5'" 1 
ATOM   358  C "C4'" . C   A 1 17 ? -9.245  -0.021  14.939  1.00 14.47 ? 17 C   A "C4'" 1 
ATOM   359  O "O4'" . C   A 1 17 ? -9.314  1.251   14.256  1.00 14.31 ? 17 C   A "O4'" 1 
ATOM   360  C "C3'" . C   A 1 17 ? -10.522 -0.052  15.743  1.00 15.04 ? 17 C   A "C3'" 1 
ATOM   361  O "O3'" . C   A 1 17 ? -10.371 -0.913  16.831  1.00 16.42 ? 17 C   A "O3'" 1 
ATOM   362  C "C2'" . C   A 1 17 ? -10.526 1.364   16.251  1.00 16.04 ? 17 C   A "C2'" 1 
ATOM   363  O "O2'" . C   A 1 17 ? -9.631  1.481   17.324  1.00 18.41 ? 17 C   A "O2'" 1 
ATOM   364  C "C1'" . C   A 1 17 ? -10.024 2.162   15.062  1.00 16.56 ? 17 C   A "C1'" 1 
ATOM   365  N N1    . C   A 1 17 ? -11.206 2.760   14.391  1.00 17.54 ? 17 C   A N1    1 
ATOM   366  C C2    . C   A 1 17 ? -11.902 2.131   13.321  1.00 19.42 ? 17 C   A C2    1 
ATOM   367  O O2    . C   A 1 17 ? -11.549 1.051   12.825  1.00 20.35 ? 17 C   A O2    1 
ATOM   368  N N3    . C   A 1 17 ? -12.992 2.730   12.792  1.00 19.42 ? 17 C   A N3    1 
ATOM   369  C C4    . C   A 1 17 ? -13.397 3.895   13.282  1.00 19.02 ? 17 C   A C4    1 
ATOM   370  N N4    . C   A 1 17 ? -14.483 4.412   12.694  1.00 19.00 ? 17 C   A N4    1 
ATOM   371  C C5    . C   A 1 17 ? -12.724 4.541   14.380  1.00 18.71 ? 17 C   A C5    1 
ATOM   372  C C6    . C   A 1 17 ? -11.650 3.947   14.899  1.00 17.07 ? 17 C   A C6    1 
ATOM   373  P P     . U   A 1 18 A -11.691 -1.465  17.535  1.00 18.29 ? 17 U   A P     1 
ATOM   374  O OP1   . U   A 1 18 A -12.423 -0.268  18.035  1.00 17.60 ? 17 U   A OP1   1 
ATOM   375  O OP2   . U   A 1 18 A -11.346 -2.622  18.407  1.00 16.57 ? 17 U   A OP2   1 
ATOM   376  O "O5'" . U   A 1 18 A -12.455 -2.067  16.271  1.00 18.51 ? 17 U   A "O5'" 1 
ATOM   377  C "C5'" . U   A 1 18 A -13.529 -2.981  16.395  1.00 17.56 ? 17 U   A "C5'" 1 
ATOM   378  C "C4'" . U   A 1 18 A -14.474 -2.730  15.236  1.00 17.10 ? 17 U   A "C4'" 1 
ATOM   379  O "O4'" . U   A 1 18 A -15.124 -1.454  15.469  1.00 17.10 ? 17 U   A "O4'" 1 
ATOM   380  C "C3'" . U   A 1 18 A -13.831 -2.634  13.852  1.00 16.38 ? 17 U   A "C3'" 1 
ATOM   381  O "O3'" . U   A 1 18 A -14.725 -3.113  12.839  1.00 16.22 ? 17 U   A "O3'" 1 
ATOM   382  C "C2'" . U   A 1 18 A -13.679 -1.130  13.711  1.00 16.72 ? 17 U   A "C2'" 1 
ATOM   383  O "O2'" . U   A 1 18 A -13.596 -0.765  12.359  1.00 17.49 ? 17 U   A "O2'" 1 
ATOM   384  C "C1'" . U   A 1 18 A -14.992 -0.653  14.321  1.00 17.68 ? 17 U   A "C1'" 1 
ATOM   385  N N1    . U   A 1 18 A -15.098 0.753   14.803  1.00 18.00 ? 17 U   A N1    1 
ATOM   386  C C2    . U   A 1 18 A -15.962 1.648   14.194  1.00 18.55 ? 17 U   A C2    1 
ATOM   387  O O2    . U   A 1 18 A -16.669 1.381   13.248  1.00 19.89 ? 17 U   A O2    1 
ATOM   388  N N3    . U   A 1 18 A -16.009 2.904   14.724  1.00 18.90 ? 17 U   A N3    1 
ATOM   389  C C4    . U   A 1 18 A -15.273 3.360   15.802  1.00 19.26 ? 17 U   A C4    1 
ATOM   390  O O4    . U   A 1 18 A -15.393 4.531   16.176  1.00 19.37 ? 17 U   A O4    1 
ATOM   391  C C5    . U   A 1 18 A -14.396 2.370   16.390  1.00 19.57 ? 17 U   A C5    1 
ATOM   392  C C6    . U   A 1 18 A -14.347 1.132   15.891  1.00 18.70 ? 17 U   A C6    1 
ATOM   393  P P     . G   A 1 19 ? -14.931 -4.658  12.435  1.00 15.24 ? 18 G   A P     1 
ATOM   394  O OP1   . G   A 1 19 ? -16.162 -4.705  11.647  1.00 15.16 ? 18 G   A OP1   1 
ATOM   395  O OP2   . G   A 1 19 ? -14.745 -5.547  13.599  1.00 16.75 ? 18 G   A OP2   1 
ATOM   396  O "O5'" . G   A 1 19 ? -13.711 -4.964  11.469  1.00 16.26 ? 18 G   A "O5'" 1 
ATOM   397  C "C5'" . G   A 1 19 ? -13.621 -4.235  10.260  1.00 15.80 ? 18 G   A "C5'" 1 
ATOM   398  C "C4'" . G   A 1 19 ? -13.132 -5.138  9.153   1.00 13.83 ? 18 G   A "C4'" 1 
ATOM   399  O "O4'" . G   A 1 19 ? -12.656 -6.366  9.748   1.00 13.73 ? 18 G   A "O4'" 1 
ATOM   400  C "C3'" . G   A 1 19 ? -14.188 -5.512  8.131   1.00 12.10 ? 18 G   A "C3'" 1 
ATOM   401  O "O3'" . G   A 1 19 ? -13.562 -5.541  6.887   1.00 10.89 ? 18 G   A "O3'" 1 
ATOM   402  C "C2'" . G   A 1 19 ? -14.581 -6.917  8.533   1.00 12.95 ? 18 G   A "C2'" 1 
ATOM   403  O "O2'" . G   A 1 19 ? -14.909 -7.712  7.416   1.00 14.53 ? 18 G   A "O2'" 1 
ATOM   404  C "C1'" . G   A 1 19 ? -13.264 -7.434  9.070   1.00 12.51 ? 18 G   A "C1'" 1 
ATOM   405  N N9    . G   A 1 19 ? -13.445 -8.544  9.974   1.00 11.48 ? 18 G   A N9    1 
ATOM   406  C C8    . G   A 1 19 ? -13.979 -8.472  11.219  1.00 11.32 ? 18 G   A C8    1 
ATOM   407  N N7    . G   A 1 19 ? -14.026 -9.635  11.793  1.00 11.83 ? 18 G   A N7    1 
ATOM   408  C C5    . G   A 1 19 ? -13.497 -10.512 10.873  1.00 11.48 ? 18 G   A C5    1 
ATOM   409  C C6    . G   A 1 19 ? -13.319 -11.900 10.969  1.00 11.84 ? 18 G   A C6    1 
ATOM   410  O O6    . G   A 1 19 ? -13.606 -12.615 11.937  1.00 12.21 ? 18 G   A O6    1 
ATOM   411  N N1    . G   A 1 19 ? -12.753 -12.439 9.816   1.00 11.74 ? 18 G   A N1    1 
ATOM   412  C C2    . G   A 1 19 ? -12.406 -11.704 8.711   1.00 11.96 ? 18 G   A C2    1 
ATOM   413  N N2    . G   A 1 19 ? -11.865 -12.396 7.709   1.00 11.86 ? 18 G   A N2    1 
ATOM   414  N N3    . G   A 1 19 ? -12.579 -10.391 8.603   1.00 12.26 ? 18 G   A N3    1 
ATOM   415  C C4    . G   A 1 19 ? -13.132 -9.862  9.730   1.00 11.69 ? 18 G   A C4    1 
ATOM   416  P P     . G   A 1 20 ? -14.210 -4.753  5.671   1.00 11.79 ? 19 G   A P     1 
ATOM   417  O OP1   . G   A 1 20 ? -13.118 -4.272  4.781   1.00 11.60 ? 19 G   A OP1   1 
ATOM   418  O OP2   . G   A 1 20 ? -15.184 -3.768  6.183   1.00 11.57 ? 19 G   A OP2   1 
ATOM   419  O "O5'" . G   A 1 20 ? -15.054 -5.930  4.994   1.00 11.60 ? 19 G   A "O5'" 1 
ATOM   420  C "C5'" . G   A 1 20 ? -14.499 -6.785  4.004   1.00 11.47 ? 19 G   A "C5'" 1 
ATOM   421  C "C4'" . G   A 1 20 ? -15.631 -7.396  3.204   1.00 11.97 ? 19 G   A "C4'" 1 
ATOM   422  O "O4'" . G   A 1 20 ? -16.292 -8.436  3.960   1.00 12.23 ? 19 G   A "O4'" 1 
ATOM   423  C "C3'" . G   A 1 20 ? -16.717 -6.397  2.839   1.00 12.62 ? 19 G   A "C3'" 1 
ATOM   424  O "O3'" . G   A 1 20 ? -17.015 -6.384  1.439   1.00 11.93 ? 19 G   A "O3'" 1 
ATOM   425  C "C2'" . G   A 1 20 ? -17.893 -6.857  3.684   1.00 13.04 ? 19 G   A "C2'" 1 
ATOM   426  O "O2'" . G   A 1 20 ? -19.145 -6.623  3.079   1.00 16.50 ? 19 G   A "O2'" 1 
ATOM   427  C "C1'" . G   A 1 20 ? -17.664 -8.339  3.740   1.00 13.58 ? 19 G   A "C1'" 1 
ATOM   428  N N9    . G   A 1 20 ? -18.266 -8.875  4.922   1.00 13.97 ? 19 G   A N9    1 
ATOM   429  C C8    . G   A 1 20 ? -18.794 -8.134  5.943   1.00 14.64 ? 19 G   A C8    1 
ATOM   430  N N7    . G   A 1 20 ? -19.269 -8.845  6.921   1.00 15.18 ? 19 G   A N7    1 
ATOM   431  C C5    . G   A 1 20 ? -19.032 -10.145 6.502   1.00 15.05 ? 19 G   A C5    1 
ATOM   432  C C6    . G   A 1 20 ? -19.335 -11.342 7.167   1.00 14.84 ? 19 G   A C6    1 
ATOM   433  O O6    . G   A 1 20 ? -19.889 -11.444 8.264   1.00 14.95 ? 19 G   A O6    1 
ATOM   434  N N1    . G   A 1 20 ? -18.947 -12.465 6.450   1.00 14.22 ? 19 G   A N1    1 
ATOM   435  C C2    . G   A 1 20 ? -18.337 -12.411 5.228   1.00 14.35 ? 19 G   A C2    1 
ATOM   436  N N2    . G   A 1 20 ? -18.053 -13.606 4.704   1.00 14.95 ? 19 G   A N2    1 
ATOM   437  N N3    . G   A 1 20 ? -18.036 -11.290 4.575   1.00 14.09 ? 19 G   A N3    1 
ATOM   438  C C4    . G   A 1 20 ? -18.417 -10.193 5.272   1.00 14.43 ? 19 G   A C4    1 
HETATM 439  P P     . H2U A 1 21 ? -15.894 -6.752  0.369   1.00 12.17 ? 20 H2U A P     1 
HETATM 440  O OP1   . H2U A 1 21 ? -16.094 -8.221  0.060   1.00 11.84 ? 20 H2U A OP1   1 
HETATM 441  O OP2   . H2U A 1 21 ? -14.537 -6.214  0.762   1.00 10.75 ? 20 H2U A OP2   1 
HETATM 442  O "O5'" . H2U A 1 21 ? -16.335 -5.956  -0.954  1.00 12.42 ? 20 H2U A "O5'" 1 
HETATM 443  C "C5'" . H2U A 1 21 ? -16.205 -6.574  -2.252  1.00 10.22 ? 20 H2U A "C5'" 1 
HETATM 444  C "C4'" . H2U A 1 21 ? -15.202 -7.732  -2.354  1.00 8.44  ? 20 H2U A "C4'" 1 
HETATM 445  O "O4'" . H2U A 1 21 ? -15.816 -8.850  -2.957  1.00 7.53  ? 20 H2U A "O4'" 1 
HETATM 446  C "C3'" . H2U A 1 21 ? -14.061 -7.383  -3.280  1.00 9.24  ? 20 H2U A "C3'" 1 
HETATM 447  O "O3'" . H2U A 1 21 ? -12.907 -8.156  -2.933  1.00 10.96 ? 20 H2U A "O3'" 1 
HETATM 448  C "C1'" . H2U A 1 21 ? -15.661 -8.797  -4.384  1.00 9.35  ? 20 H2U A "C1'" 1 
HETATM 449  C "C2'" . H2U A 1 21 ? -14.542 -7.785  -4.650  1.00 8.87  ? 20 H2U A "C2'" 1 
HETATM 450  O "O2'" . H2U A 1 21 ? -13.568 -8.438  -5.439  1.00 8.05  ? 20 H2U A "O2'" 1 
HETATM 451  N N1    . H2U A 1 21 ? -16.886 -8.373  -5.095  1.00 10.99 ? 20 H2U A N1    1 
HETATM 452  C C2    . H2U A 1 21 ? -18.056 -8.148  -4.493  1.00 11.89 ? 20 H2U A C2    1 
HETATM 453  O O2    . H2U A 1 21 ? -18.162 -7.485  -3.482  1.00 14.24 ? 20 H2U A O2    1 
HETATM 454  N N3    . H2U A 1 21 ? -19.133 -8.615  -5.087  1.00 10.81 ? 20 H2U A N3    1 
HETATM 455  C C4    . H2U A 1 21 ? -19.242 -8.254  -6.348  1.00 11.75 ? 20 H2U A C4    1 
HETATM 456  O O4    . H2U A 1 21 ? -20.281 -8.352  -6.962  1.00 14.68 ? 20 H2U A O4    1 
HETATM 457  C C5    . H2U A 1 21 ? -18.005 -7.702  -7.028  1.00 11.24 ? 20 H2U A C5    1 
HETATM 458  C C6    . H2U A 1 21 ? -16.769 -8.444  -6.549  1.00 10.45 ? 20 H2U A C6    1 
ATOM   459  P P     . A   A 1 22 ? -11.533 -8.095  -3.762  1.00 11.27 ? 21 A   A P     1 
ATOM   460  O OP1   . A   A 1 22 ? -11.667 -8.659  -5.125  1.00 11.99 ? 21 A   A OP1   1 
ATOM   461  O OP2   . A   A 1 22 ? -10.552 -8.688  -2.848  1.00 12.59 ? 21 A   A OP2   1 
ATOM   462  O "O5'" . A   A 1 22 ? -11.245 -6.534  -3.936  1.00 12.59 ? 21 A   A "O5'" 1 
ATOM   463  C "C5'" . A   A 1 22 ? -10.251 -5.949  -3.132  1.00 14.48 ? 21 A   A "C5'" 1 
ATOM   464  C "C4'" . A   A 1 22 ? -10.011 -4.472  -3.392  1.00 16.31 ? 21 A   A "C4'" 1 
ATOM   465  O "O4'" . A   A 1 22 ? -8.692  -4.202  -2.853  1.00 16.77 ? 21 A   A "O4'" 1 
ATOM   466  C "C3'" . A   A 1 22 ? -10.016 -3.961  -4.836  1.00 17.46 ? 21 A   A "C3'" 1 
ATOM   467  O "O3'" . A   A 1 22 ? -10.459 -2.583  -4.900  1.00 19.72 ? 21 A   A "O3'" 1 
ATOM   468  C "C2'" . A   A 1 22 ? -8.547  -4.093  -5.229  1.00 17.37 ? 21 A   A "C2'" 1 
ATOM   469  O "O2'" . A   A 1 22 ? -8.128  -3.162  -6.209  1.00 17.29 ? 21 A   A "O2'" 1 
ATOM   470  C "C1'" . A   A 1 22 ? -7.830  -3.821  -3.906  1.00 17.16 ? 21 A   A "C1'" 1 
ATOM   471  N N9    . A   A 1 22 ? -6.572  -4.551  -3.786  1.00 16.79 ? 21 A   A N9    1 
ATOM   472  C C8    . A   A 1 22 ? -6.265  -5.756  -4.332  1.00 16.89 ? 21 A   A C8    1 
ATOM   473  N N7    . A   A 1 22 ? -5.055  -6.169  -4.074  1.00 17.11 ? 21 A   A N7    1 
ATOM   474  C C5    . A   A 1 22 ? -4.534  -5.160  -3.311  1.00 16.51 ? 21 A   A C5    1 
ATOM   475  C C6    . A   A 1 22 ? -3.279  -4.997  -2.733  1.00 16.84 ? 21 A   A C6    1 
ATOM   476  N N6    . A   A 1 22 ? -2.301  -5.900  -2.837  1.00 17.21 ? 21 A   A N6    1 
ATOM   477  N N1    . A   A 1 22 ? -3.077  -3.872  -2.029  1.00 16.95 ? 21 A   A N1    1 
ATOM   478  C C2    . A   A 1 22 ? -4.053  -2.964  -1.922  1.00 16.84 ? 21 A   A C2    1 
ATOM   479  N N3    . A   A 1 22 ? -5.272  -3.011  -2.437  1.00 16.66 ? 21 A   A N3    1 
ATOM   480  C C4    . A   A 1 22 ? -5.447  -4.149  -3.122  1.00 16.50 ? 21 A   A C4    1 
ATOM   481  P P     . G   A 1 23 ? -11.106 -1.929  -6.231  1.00 20.59 ? 22 G   A P     1 
ATOM   482  O OP1   . G   A 1 23 ? -12.519 -2.346  -6.389  1.00 21.16 ? 22 G   A OP1   1 
ATOM   483  O OP2   . G   A 1 23 ? -10.180 -2.121  -7.389  1.00 20.36 ? 22 G   A OP2   1 
ATOM   484  O "O5'" . G   A 1 23 ? -11.096 -0.409  -5.804  1.00 17.21 ? 22 G   A "O5'" 1 
ATOM   485  C "C5'" . G   A 1 23 ? -10.235 0.387   -6.569  1.00 15.05 ? 22 G   A "C5'" 1 
ATOM   486  C "C4'" . G   A 1 23 ? -10.108 1.701   -5.873  1.00 12.07 ? 22 G   A "C4'" 1 
ATOM   487  O "O4'" . G   A 1 23 ? -9.646  1.415   -4.541  1.00 12.33 ? 22 G   A "O4'" 1 
ATOM   488  C "C3'" . G   A 1 23 ? -9.103  2.628   -6.484  1.00 9.96  ? 22 G   A "C3'" 1 
ATOM   489  O "O3'" . G   A 1 23 ? -9.860  3.402   -7.344  1.00 9.06  ? 22 G   A "O3'" 1 
ATOM   490  C "C2'" . G   A 1 23 ? -8.775  3.422   -5.239  1.00 10.78 ? 22 G   A "C2'" 1 
ATOM   491  O "O2'" . G   A 1 23 ? -9.853  4.255   -4.867  1.00 10.95 ? 22 G   A "O2'" 1 
ATOM   492  C "C1'" . G   A 1 23 ? -8.630  2.329   -4.201  1.00 10.66 ? 22 G   A "C1'" 1 
ATOM   493  N N9    . G   A 1 23 ? -7.331  1.664   -4.201  1.00 10.22 ? 22 G   A N9    1 
ATOM   494  C C8    . G   A 1 23 ? -7.020  0.414   -4.690  1.00 10.25 ? 22 G   A C8    1 
ATOM   495  N N7    . G   A 1 23 ? -5.768  0.102   -4.542  1.00 10.14 ? 22 G   A N7    1 
ATOM   496  C C5    . G   A 1 23 ? -5.227  1.213   -3.912  1.00 9.85  ? 22 G   A C5    1 
ATOM   497  C C6    . G   A 1 23 ? -3.904  1.450   -3.495  1.00 10.18 ? 22 G   A C6    1 
ATOM   498  O O6    . G   A 1 23 ? -2.934  0.688   -3.621  1.00 10.27 ? 22 G   A O6    1 
ATOM   499  N N1    . G   A 1 23 ? -3.768  2.705   -2.897  1.00 10.15 ? 22 G   A N1    1 
ATOM   500  C C2    . G   A 1 23 ? -4.797  3.609   -2.730  1.00 10.20 ? 22 G   A C2    1 
ATOM   501  N N2    . G   A 1 23 ? -4.494  4.773   -2.132  1.00 10.16 ? 22 G   A N2    1 
ATOM   502  N N3    . G   A 1 23 ? -6.046  3.383   -3.107  1.00 9.64  ? 22 G   A N3    1 
ATOM   503  C C4    . G   A 1 23 ? -6.177  2.175   -3.688  1.00 9.38  ? 22 G   A C4    1 
ATOM   504  P P     . C   A 1 24 ? -9.194  4.322   -8.461  1.00 9.89  ? 23 C   A P     1 
ATOM   505  O OP1   . C   A 1 24 ? -10.312 4.999   -9.168  1.00 8.64  ? 23 C   A OP1   1 
ATOM   506  O OP2   . C   A 1 24 ? -8.219  3.470   -9.181  1.00 10.66 ? 23 C   A OP2   1 
ATOM   507  O "O5'" . C   A 1 24 ? -8.340  5.434   -7.680  1.00 9.54  ? 23 C   A "O5'" 1 
ATOM   508  C "C5'" . C   A 1 24 ? -9.029  6.339   -6.818  1.00 9.00  ? 23 C   A "C5'" 1 
ATOM   509  C "C4'" . C   A 1 24 ? -8.059  7.232   -6.109  1.00 8.38  ? 23 C   A "C4'" 1 
ATOM   510  O "O4'" . C   A 1 24 ? -7.318  6.493   -5.128  1.00 6.54  ? 23 C   A "O4'" 1 
ATOM   511  C "C3'" . C   A 1 24 ? -7.008  7.743   -7.063  1.00 9.88  ? 23 C   A "C3'" 1 
ATOM   512  O "O3'" . C   A 1 24 ? -7.526  8.881   -7.668  1.00 12.77 ? 23 C   A "O3'" 1 
ATOM   513  C "C2'" . C   A 1 24 ? -5.872  8.106   -6.137  1.00 8.53  ? 23 C   A "C2'" 1 
ATOM   514  O "O2'" . C   A 1 24 ? -6.124  9.362   -5.534  1.00 9.35  ? 23 C   A "O2'" 1 
ATOM   515  C "C1'" . C   A 1 24 ? -5.985  6.966   -5.129  1.00 6.56  ? 23 C   A "C1'" 1 
ATOM   516  N N1    . C   A 1 24 ? -5.087  5.813   -5.395  1.00 5.63  ? 23 C   A N1    1 
ATOM   517  C C2    . C   A 1 24 ? -3.759  5.847   -4.948  1.00 5.94  ? 23 C   A C2    1 
ATOM   518  O O2    . C   A 1 24 ? -3.336  6.840   -4.341  1.00 6.14  ? 23 C   A O2    1 
ATOM   519  N N3    . C   A 1 24 ? -2.956  4.778   -5.181  1.00 5.34  ? 23 C   A N3    1 
ATOM   520  C C4    . C   A 1 24 ? -3.439  3.733   -5.835  1.00 5.06  ? 23 C   A C4    1 
ATOM   521  N N4    . C   A 1 24 ? -2.624  2.707   -6.046  1.00 5.73  ? 23 C   A N4    1 
ATOM   522  C C5    . C   A 1 24 ? -4.776  3.684   -6.299  1.00 5.05  ? 23 C   A C5    1 
ATOM   523  C C6    . C   A 1 24 ? -5.558  4.732   -6.063  1.00 4.63  ? 23 C   A C6    1 
ATOM   524  P P     . U   A 1 25 ? -7.174  9.065   -9.193  1.00 14.97 ? 24 U   A P     1 
ATOM   525  O OP1   . U   A 1 25 ? -8.087  10.125  -9.678  1.00 15.56 ? 24 U   A OP1   1 
ATOM   526  O OP2   . U   A 1 25 ? -7.168  7.716   -9.810  1.00 15.76 ? 24 U   A OP2   1 
ATOM   527  O "O5'" . U   A 1 25 ? -5.658  9.587   -9.155  1.00 15.68 ? 24 U   A "O5'" 1 
ATOM   528  C "C5'" . U   A 1 25 ? -5.383  10.868  -8.572  1.00 16.39 ? 24 U   A "C5'" 1 
ATOM   529  C "C4'" . U   A 1 25 ? -3.901  11.166  -8.559  1.00 16.45 ? 24 U   A "C4'" 1 
ATOM   530  O "O4'" . U   A 1 25 ? -3.270  10.165  -7.733  1.00 17.16 ? 24 U   A "O4'" 1 
ATOM   531  C "C3'" . U   A 1 25 ? -3.268  10.968  -9.919  1.00 16.06 ? 24 U   A "C3'" 1 
ATOM   532  O "O3'" . U   A 1 25 ? -3.177  12.145  -10.665 1.00 16.32 ? 24 U   A "O3'" 1 
ATOM   533  C "C2'" . U   A 1 25 ? -1.884  10.405  -9.654  1.00 15.87 ? 24 U   A "C2'" 1 
ATOM   534  O "O2'" . U   A 1 25 ? -0.877  11.385  -9.799  1.00 14.87 ? 24 U   A "O2'" 1 
ATOM   535  C "C1'" . U   A 1 25 ? -1.977  9.875   -8.228  1.00 16.68 ? 24 U   A "C1'" 1 
ATOM   536  N N1    . U   A 1 25 ? -1.757  8.405   -8.236  1.00 16.56 ? 24 U   A N1    1 
ATOM   537  C C2    . U   A 1 25 ? -0.467  7.911   -8.384  1.00 16.88 ? 24 U   A C2    1 
ATOM   538  O O2    . U   A 1 25 ? 0.536   8.589   -8.503  1.00 17.29 ? 24 U   A O2    1 
ATOM   539  N N3    . U   A 1 25 ? -0.363  6.553   -8.395  1.00 17.06 ? 24 U   A N3    1 
ATOM   540  C C4    . U   A 1 25 ? -1.396  5.657   -8.279  1.00 16.65 ? 24 U   A C4    1 
ATOM   541  O O4    . U   A 1 25 ? -1.127  4.470   -8.309  1.00 16.54 ? 24 U   A O4    1 
ATOM   542  C C5    . U   A 1 25 ? -2.709  6.238   -8.130  1.00 17.06 ? 24 U   A C5    1 
ATOM   543  C C6    . U   A 1 25 ? -2.846  7.569   -8.114  1.00 16.33 ? 24 U   A C6    1 
ATOM   544  P P     . C   A 1 26 ? -3.065  11.844  -12.233 1.00 17.77 ? 25 C   A P     1 
ATOM   545  O OP1   . C   A 1 26 ? -3.621  12.994  -12.986 1.00 17.90 ? 25 C   A OP1   1 
ATOM   546  O OP2   . C   A 1 26 ? -3.631  10.485  -12.433 1.00 19.28 ? 25 C   A OP2   1 
ATOM   547  O "O5'" . C   A 1 26 ? -1.496  11.732  -12.486 1.00 16.84 ? 25 C   A "O5'" 1 
ATOM   548  C "C5'" . C   A 1 26 ? -0.940  10.692  -13.247 1.00 15.40 ? 25 C   A "C5'" 1 
ATOM   549  C "C4'" . C   A 1 26 ? 0.517   10.597  -12.863 1.00 15.35 ? 25 C   A "C4'" 1 
ATOM   550  O "O4'" . C   A 1 26 ? 0.644   9.936   -11.581 1.00 15.49 ? 25 C   A "O4'" 1 
ATOM   551  C "C3'" . C   A 1 26 ? 1.323   9.770   -13.836 1.00 15.44 ? 25 C   A "C3'" 1 
ATOM   552  O "O3'" . C   A 1 26 ? 1.892   10.631  -14.792 1.00 14.87 ? 25 C   A "O3'" 1 
ATOM   553  C "C2'" . C   A 1 26 ? 2.361   9.088   -12.961 1.00 15.72 ? 25 C   A "C2'" 1 
ATOM   554  O "O2'" . C   A 1 26 ? 3.535   9.849   -12.791 1.00 16.24 ? 25 C   A "O2'" 1 
ATOM   555  C "C1'" . C   A 1 26 ? 1.604   8.900   -11.647 1.00 15.89 ? 25 C   A "C1'" 1 
ATOM   556  N N1    . C   A 1 26 ? 0.925   7.563   -11.627 1.00 16.12 ? 25 C   A N1    1 
ATOM   557  C C2    . C   A 1 26 ? 1.706   6.394   -11.597 1.00 16.30 ? 25 C   A C2    1 
ATOM   558  O O2    . C   A 1 26 ? 2.937   6.480   -11.565 1.00 16.68 ? 25 C   A O2    1 
ATOM   559  N N3    . C   A 1 26 ? 1.092   5.186   -11.600 1.00 16.24 ? 25 C   A N3    1 
ATOM   560  C C4    . C   A 1 26 ? -0.238  5.117   -11.636 1.00 16.05 ? 25 C   A C4    1 
ATOM   561  N N4    . C   A 1 26 ? -0.783  3.905   -11.638 1.00 16.29 ? 25 C   A N4    1 
ATOM   562  C C5    . C   A 1 26 ? -1.065  6.281   -11.671 1.00 16.30 ? 25 C   A C5    1 
ATOM   563  C C6    . C   A 1 26 ? -0.443  7.468   -11.668 1.00 16.40 ? 25 C   A C6    1 
ATOM   564  P P     . G   A 1 27 ? 1.545   10.355  -16.323 1.00 14.59 ? 26 G   A P     1 
ATOM   565  O OP1   . G   A 1 27 ? 2.073   11.479  -17.114 1.00 14.71 ? 26 G   A OP1   1 
ATOM   566  O OP2   . G   A 1 27 ? 0.119   10.012  -16.473 1.00 15.45 ? 26 G   A OP2   1 
ATOM   567  O "O5'" . G   A 1 27 ? 2.369   9.015   -16.580 1.00 15.55 ? 26 G   A "O5'" 1 
ATOM   568  C "C5'" . G   A 1 27 ? 3.768   9.052   -16.426 1.00 17.76 ? 26 G   A "C5'" 1 
ATOM   569  C "C4'" . G   A 1 27 ? 4.292   7.669   -16.181 1.00 19.46 ? 26 G   A "C4'" 1 
ATOM   570  O "O4'" . G   A 1 27 ? 3.650   7.140   -15.004 1.00 20.54 ? 26 G   A "O4'" 1 
ATOM   571  C "C3'" . G   A 1 27 ? 3.887   6.687   -17.258 1.00 20.60 ? 26 G   A "C3'" 1 
ATOM   572  O "O3'" . G   A 1 27 ? 4.679   6.805   -18.411 1.00 20.31 ? 26 G   A "O3'" 1 
ATOM   573  C "C2'" . G   A 1 27 ? 4.076   5.365   -16.536 1.00 21.71 ? 26 G   A "C2'" 1 
ATOM   574  O "O2'" . G   A 1 27 ? 5.428   4.968   -16.432 1.00 22.17 ? 26 G   A "O2'" 1 
ATOM   575  C "C1'" . G   A 1 27 ? 3.484   5.742   -15.177 1.00 22.52 ? 26 G   A "C1'" 1 
ATOM   576  N N9    . G   A 1 27 ? 2.068   5.397   -15.078 1.00 22.88 ? 26 G   A N9    1 
ATOM   577  C C8    . G   A 1 27 ? 0.998   6.249   -14.927 1.00 23.22 ? 26 G   A C8    1 
ATOM   578  N N7    . G   A 1 27 ? -0.154  5.634   -14.873 1.00 23.21 ? 26 G   A N7    1 
ATOM   579  C C5    . G   A 1 27 ? 0.178   4.291   -14.995 1.00 23.19 ? 26 G   A C5    1 
ATOM   580  C C6    . G   A 1 27 ? -0.643  3.136   -15.010 1.00 23.30 ? 26 G   A C6    1 
ATOM   581  O O6    . G   A 1 27 ? -1.875  3.083   -14.910 1.00 23.45 ? 26 G   A O6    1 
ATOM   582  N N1    . G   A 1 27 ? 0.082   1.951   -15.165 1.00 23.18 ? 26 G   A N1    1 
ATOM   583  C C2    . G   A 1 27 ? 1.451   1.897   -15.290 1.00 23.18 ? 26 G   A C2    1 
ATOM   584  N N2    . G   A 1 27 ? 1.991   0.678   -15.418 1.00 23.09 ? 26 G   A N2    1 
ATOM   585  N N3    . G   A 1 27 ? 2.236   2.970   -15.278 1.00 23.37 ? 26 G   A N3    1 
ATOM   586  C C4    . G   A 1 27 ? 1.538   4.129   -15.128 1.00 23.10 ? 26 G   A C4    1 
ATOM   587  P P     . U   A 1 28 ? 3.888   6.828   -19.799 1.00 21.21 ? 27 U   A P     1 
ATOM   588  O OP1   . U   A 1 28 ? 4.795   7.399   -20.818 1.00 21.81 ? 27 U   A OP1   1 
ATOM   589  O OP2   . U   A 1 28 ? 2.553   7.430   -19.586 1.00 21.48 ? 27 U   A OP2   1 
ATOM   590  O "O5'" . U   A 1 28 ? 3.629   5.285   -20.102 1.00 21.26 ? 27 U   A "O5'" 1 
ATOM   591  C "C5'" . U   A 1 28 ? 4.710   4.372   -20.147 1.00 21.82 ? 27 U   A "C5'" 1 
ATOM   592  C "C4'" . U   A 1 28 ? 4.179   2.968   -20.318 1.00 22.33 ? 27 U   A "C4'" 1 
ATOM   593  O "O4'" . U   A 1 28 ? 3.482   2.587   -19.100 1.00 22.72 ? 27 U   A "O4'" 1 
ATOM   594  C "C3'" . U   A 1 28 ? 3.132   2.814   -21.412 1.00 22.28 ? 27 U   A "C3'" 1 
ATOM   595  O "O3'" . U   A 1 28 ? 3.703   2.675   -22.707 1.00 21.42 ? 27 U   A "O3'" 1 
ATOM   596  C "C2'" . U   A 1 28 ? 2.397   1.565   -20.940 1.00 22.82 ? 27 U   A "C2'" 1 
ATOM   597  O "O2'" . U   A 1 28 ? 3.026   0.355   -21.311 1.00 23.34 ? 27 U   A "O2'" 1 
ATOM   598  C "C1'" . U   A 1 28 ? 2.383   1.754   -19.421 1.00 22.91 ? 27 U   A "C1'" 1 
ATOM   599  N N1    . U   A 1 28 ? 1.098   2.376   -18.946 1.00 23.07 ? 27 U   A N1    1 
ATOM   600  C C2    . U   A 1 28 ? -0.038  1.589   -18.807 1.00 23.12 ? 27 U   A C2    1 
ATOM   601  O O2    . U   A 1 28 ? -0.078  0.397   -19.046 1.00 23.28 ? 27 U   A O2    1 
ATOM   602  N N3    . U   A 1 28 ? -1.159  2.253   -18.376 1.00 22.91 ? 27 U   A N3    1 
ATOM   603  C C4    . U   A 1 28 ? -1.261  3.599   -18.082 1.00 22.96 ? 27 U   A C4    1 
ATOM   604  O O4    . U   A 1 28 ? -2.333  4.053   -17.705 1.00 22.92 ? 27 U   A O4    1 
ATOM   605  C C5    . U   A 1 28 ? -0.044  4.355   -18.252 1.00 23.34 ? 27 U   A C5    1 
ATOM   606  C C6    . U   A 1 28 ? 1.063   3.732   -18.666 1.00 23.15 ? 27 U   A C6    1 
ATOM   607  P P     . C   A 1 29 ? 2.876   3.192   -23.984 1.00 21.77 ? 28 C   A P     1 
ATOM   608  O OP1   . C   A 1 29 ? 3.819   3.320   -25.114 1.00 22.31 ? 28 C   A OP1   1 
ATOM   609  O OP2   . C   A 1 29 ? 2.051   4.358   -23.602 1.00 21.97 ? 28 C   A OP2   1 
ATOM   610  O "O5'" . C   A 1 29 ? 1.868   1.999   -24.301 1.00 21.50 ? 28 C   A "O5'" 1 
ATOM   611  C "C5'" . C   A 1 29 ? 2.323   0.662   -24.472 1.00 21.26 ? 28 C   A "C5'" 1 
ATOM   612  C "C4'" . C   A 1 29 ? 1.124   -0.261  -24.484 1.00 20.99 ? 28 C   A "C4'" 1 
ATOM   613  O "O4'" . C   A 1 29 ? 0.523   -0.327  -23.165 1.00 20.71 ? 28 C   A "O4'" 1 
ATOM   614  C "C3'" . C   A 1 29 ? 0.017   0.261   -25.373 1.00 20.89 ? 28 C   A "C3'" 1 
ATOM   615  O "O3'" . C   A 1 29 ? 0.253   -0.152  -26.694 1.00 21.22 ? 28 C   A "O3'" 1 
ATOM   616  C "C2'" . C   A 1 29 ? -1.222  -0.370  -24.763 1.00 20.66 ? 28 C   A "C2'" 1 
ATOM   617  O "O2'" . C   A 1 29 ? -1.392  -1.708  -25.176 1.00 21.15 ? 28 C   A "O2'" 1 
ATOM   618  C "C1'" . C   A 1 29 ? -0.891  -0.285  -23.271 1.00 20.47 ? 28 C   A "C1'" 1 
ATOM   619  N N1    . C   A 1 29 ? -1.412  0.969   -22.614 1.00 20.14 ? 28 C   A N1    1 
ATOM   620  C C2    . C   A 1 29 ? -2.787  1.153   -22.395 1.00 20.09 ? 28 C   A C2    1 
ATOM   621  O O2    . C   A 1 29 ? -3.586  0.274   -22.737 1.00 20.29 ? 28 C   A O2    1 
ATOM   622  N N3    . C   A 1 29 ? -3.213  2.301   -21.806 1.00 20.04 ? 28 C   A N3    1 
ATOM   623  C C4    . C   A 1 29 ? -2.333  3.241   -21.441 1.00 20.24 ? 28 C   A C4    1 
ATOM   624  N N4    . C   A 1 29 ? -2.787  4.360   -20.865 1.00 20.36 ? 28 C   A N4    1 
ATOM   625  C C5    . C   A 1 29 ? -0.936  3.078   -21.652 1.00 20.11 ? 28 C   A C5    1 
ATOM   626  C C6    . C   A 1 29 ? -0.536  1.944   -22.232 1.00 19.94 ? 28 C   A C6    1 
ATOM   627  P P     . G   A 1 30 ? -0.077  0.880   -27.866 1.00 21.74 ? 29 G   A P     1 
ATOM   628  O OP1   . G   A 1 30 ? 0.642   0.436   -29.080 1.00 22.35 ? 29 G   A OP1   1 
ATOM   629  O OP2   . G   A 1 30 ? 0.139   2.262   -27.373 1.00 22.03 ? 29 G   A OP2   1 
ATOM   630  O "O5'" . G   A 1 30 ? -1.648  0.641   -28.057 1.00 21.35 ? 29 G   A "O5'" 1 
ATOM   631  C "C5'" . G   A 1 30 ? -2.123  -0.610  -28.556 1.00 20.30 ? 29 G   A "C5'" 1 
ATOM   632  C "C4'" . G   A 1 30 ? -3.624  -0.713  -28.401 1.00 19.47 ? 29 G   A "C4'" 1 
ATOM   633  O "O4'" . G   A 1 30 ? -3.951  -0.586  -27.002 1.00 19.31 ? 29 G   A "O4'" 1 
ATOM   634  C "C3'" . G   A 1 30 ? -4.410  0.427   -29.019 1.00 19.33 ? 29 G   A "C3'" 1 
ATOM   635  O "O3'" . G   A 1 30 ? -4.597  0.239   -30.403 1.00 19.46 ? 29 G   A "O3'" 1 
ATOM   636  C "C2'" . G   A 1 30 ? -5.725  0.344   -28.265 1.00 19.17 ? 29 G   A "C2'" 1 
ATOM   637  O "O2'" . G   A 1 30 ? -6.584  -0.669  -28.749 1.00 19.41 ? 29 G   A "O2'" 1 
ATOM   638  C "C1'" . G   A 1 30 ? -5.232  0.003   -26.868 1.00 18.88 ? 29 G   A "C1'" 1 
ATOM   639  N N9    . G   A 1 30 ? -5.148  1.166   -25.989 1.00 18.62 ? 29 G   A N9    1 
ATOM   640  C C8    . G   A 1 30 ? -4.013  1.758   -25.499 1.00 18.55 ? 29 G   A C8    1 
ATOM   641  N N7    . G   A 1 30 ? -4.258  2.779   -24.729 1.00 18.64 ? 29 G   A N7    1 
ATOM   642  C C5    . G   A 1 30 ? -5.642  2.870   -24.704 1.00 18.52 ? 29 G   A C5    1 
ATOM   643  C C6    . G   A 1 30 ? -6.496  3.785   -24.039 1.00 18.54 ? 29 G   A C6    1 
ATOM   644  O O6    . G   A 1 30 ? -6.190  4.727   -23.304 1.00 18.71 ? 29 G   A O6    1 
ATOM   645  N N1    . G   A 1 30 ? -7.841  3.534   -24.279 1.00 18.51 ? 29 G   A N1    1 
ATOM   646  C C2    . G   A 1 30 ? -8.304  2.515   -25.072 1.00 18.71 ? 29 G   A C2    1 
ATOM   647  N N2    . G   A 1 30 ? -9.635  2.420   -25.191 1.00 18.90 ? 29 G   A N2    1 
ATOM   648  N N3    . G   A 1 30 ? -7.520  1.649   -25.704 1.00 18.53 ? 29 G   A N3    1 
ATOM   649  C C4    . G   A 1 30 ? -6.204  1.882   -25.477 1.00 18.41 ? 29 G   A C4    1 
ATOM   650  P P     . G   A 1 31 ? -4.506  1.536   -31.327 1.00 19.76 ? 30 G   A P     1 
ATOM   651  O OP1   . G   A 1 31 ? -4.659  1.107   -32.734 1.00 19.83 ? 30 G   A OP1   1 
ATOM   652  O OP2   . G   A 1 31 ? -3.290  2.278   -30.923 1.00 20.08 ? 30 G   A OP2   1 
ATOM   653  O "O5'" . G   A 1 31 ? -5.776  2.405   -30.879 1.00 19.95 ? 30 G   A "O5'" 1 
ATOM   654  C "C5'" . G   A 1 31 ? -7.037  2.218   -31.515 1.00 20.33 ? 30 G   A "C5'" 1 
ATOM   655  C "C4'" . G   A 1 31 ? -8.183  2.714   -30.654 1.00 20.72 ? 30 G   A "C4'" 1 
ATOM   656  O "O4'" . G   A 1 31 ? -7.888  2.522   -29.245 1.00 21.35 ? 30 G   A "O4'" 1 
ATOM   657  C "C3'" . G   A 1 31 ? -8.461  4.207   -30.699 1.00 20.69 ? 30 G   A "C3'" 1 
ATOM   658  O "O3'" . G   A 1 31 ? -9.085  4.637   -31.901 1.00 20.14 ? 30 G   A "O3'" 1 
ATOM   659  C "C2'" . G   A 1 31 ? -9.374  4.340   -29.484 1.00 21.07 ? 30 G   A "C2'" 1 
ATOM   660  O "O2'" . G   A 1 31 ? -10.695 3.868   -29.665 1.00 21.48 ? 30 G   A "O2'" 1 
ATOM   661  C "C1'" . G   A 1 31 ? -8.613  3.472   -28.486 1.00 21.06 ? 30 G   A "C1'" 1 
ATOM   662  N N9    . G   A 1 31 ? -7.693  4.325   -27.755 1.00 21.06 ? 30 G   A N9    1 
ATOM   663  C C8    . G   A 1 31 ? -6.320  4.271   -27.707 1.00 21.16 ? 30 G   A C8    1 
ATOM   664  N N7    . G   A 1 31 ? -5.794  5.207   -26.964 1.00 21.14 ? 30 G   A N7    1 
ATOM   665  C C5    . G   A 1 31 ? -6.892  5.927   -26.511 1.00 21.01 ? 30 G   A C5    1 
ATOM   666  C C6    . G   A 1 31 ? -6.962  7.058   -25.673 1.00 20.94 ? 30 G   A C6    1 
ATOM   667  O O6    . G   A 1 31 ? -6.020  7.664   -25.157 1.00 21.11 ? 30 G   A O6    1 
ATOM   668  N N1    . G   A 1 31 ? -8.277  7.479   -25.457 1.00 20.97 ? 30 G   A N1    1 
ATOM   669  C C2    . G   A 1 31 ? -9.393  6.878   -25.993 1.00 21.04 ? 30 G   A C2    1 
ATOM   670  N N2    . G   A 1 31 ? -10.585 7.407   -25.693 1.00 21.10 ? 30 G   A N2    1 
ATOM   671  N N3    . G   A 1 31 ? -9.341  5.815   -26.777 1.00 21.05 ? 30 G   A N3    1 
ATOM   672  C C4    . G   A 1 31 ? -8.066  5.399   -26.990 1.00 21.07 ? 30 G   A C4    1 
ATOM   673  P P     . G   A 1 32 ? -8.659  6.058   -32.520 1.00 19.90 ? 31 G   A P     1 
ATOM   674  O OP1   . G   A 1 32 ? -8.113  5.805   -33.876 1.00 19.56 ? 31 G   A OP1   1 
ATOM   675  O OP2   . G   A 1 32 ? -7.836  6.772   -31.513 1.00 19.97 ? 31 G   A OP2   1 
ATOM   676  O "O5'" . G   A 1 32 ? -10.026 6.875   -32.661 1.00 19.01 ? 31 G   A "O5'" 1 
ATOM   677  C "C5'" . G   A 1 32 ? -11.212 6.475   -31.992 1.00 17.91 ? 31 G   A "C5'" 1 
ATOM   678  C "C4'" . G   A 1 32 ? -11.647 7.489   -30.950 1.00 17.24 ? 31 G   A "C4'" 1 
ATOM   679  O "O4'" . G   A 1 32 ? -10.999 7.242   -29.677 1.00 17.04 ? 31 G   A "O4'" 1 
ATOM   680  C "C3'" . G   A 1 32 ? -11.307 8.945   -31.211 1.00 16.89 ? 31 G   A "C3'" 1 
ATOM   681  O "O3'" . G   A 1 32 ? -12.168 9.483   -32.191 1.00 17.59 ? 31 G   A "O3'" 1 
ATOM   682  C "C2'" . G   A 1 32 ? -11.602 9.519   -29.832 1.00 16.60 ? 31 G   A "C2'" 1 
ATOM   683  O "O2'" . G   A 1 32 ? -12.984 9.691   -29.571 1.00 16.50 ? 31 G   A "O2'" 1 
ATOM   684  C "C1'" . G   A 1 32 ? -10.996 8.448   -28.932 1.00 16.04 ? 31 G   A "C1'" 1 
ATOM   685  N N9    . G   A 1 32 ? -9.624  8.778   -28.580 1.00 15.69 ? 31 G   A N9    1 
ATOM   686  C C8    . G   A 1 32 ? -8.497  8.078   -28.928 1.00 15.66 ? 31 G   A C8    1 
ATOM   687  N N7    . G   A 1 32 ? -7.397  8.608   -28.481 1.00 15.81 ? 31 G   A N7    1 
ATOM   688  C C5    . G   A 1 32 ? -7.821  9.739   -27.801 1.00 15.42 ? 31 G   A C5    1 
ATOM   689  C C6    . G   A 1 32 ? -7.066  10.711  -27.112 1.00 15.23 ? 31 G   A C6    1 
ATOM   690  O O6    . G   A 1 32 ? -5.841  10.750  -26.970 1.00 15.44 ? 31 G   A O6    1 
ATOM   691  N N1    . G   A 1 32 ? -7.870  11.703  -26.562 1.00 15.38 ? 31 G   A N1    1 
ATOM   692  C C2    . G   A 1 32 ? -9.243  11.738  -26.669 1.00 15.68 ? 31 G   A C2    1 
ATOM   693  N N2    . G   A 1 32 ? -9.864  12.762  -26.072 1.00 15.78 ? 31 G   A N2    1 
ATOM   694  N N3    . G   A 1 32 ? -9.965  10.830  -27.312 1.00 15.43 ? 31 G   A N3    1 
ATOM   695  C C4    . G   A 1 32 ? -9.190  9.860   -27.853 1.00 15.39 ? 31 G   A C4    1 
HETATM 696  N N1    . OMC A 1 33 ? -9.046  13.363  -29.485 1.00 16.01 ? 32 OMC A N1    1 
HETATM 697  C C2    . OMC A 1 33 ? -7.929  14.013  -28.937 1.00 15.95 ? 32 OMC A C2    1 
HETATM 698  N N3    . OMC A 1 33 ? -6.680  13.564  -29.243 1.00 16.05 ? 32 OMC A N3    1 
HETATM 699  C C4    . OMC A 1 33 ? -6.514  12.512  -30.049 1.00 16.01 ? 32 OMC A C4    1 
HETATM 700  C C5    . OMC A 1 33 ? -7.634  11.829  -30.620 1.00 16.01 ? 32 OMC A C5    1 
HETATM 701  C C6    . OMC A 1 33 ? -8.862  12.285  -30.315 1.00 16.18 ? 32 OMC A C6    1 
HETATM 702  O O2    . OMC A 1 33 ? -8.096  14.984  -28.192 1.00 15.73 ? 32 OMC A O2    1 
HETATM 703  N N4    . OMC A 1 33 ? -5.262  12.118  -30.310 1.00 15.86 ? 32 OMC A N4    1 
HETATM 704  C "C1'" . OMC A 1 33 ? -10.428 13.861  -29.147 1.00 16.19 ? 32 OMC A "C1'" 1 
HETATM 705  C "C2'" . OMC A 1 33 ? -10.861 15.110  -29.905 1.00 16.77 ? 32 OMC A "C2'" 1 
HETATM 706  O "O2'" . OMC A 1 33 ? -11.647 15.936  -29.072 1.00 17.59 ? 32 OMC A "O2'" 1 
HETATM 707  C CM2   . OMC A 1 33 ? -11.271 17.289  -28.852 1.00 18.16 ? 32 OMC A CM2   1 
HETATM 708  C "C3'" . OMC A 1 33 ? -11.667 14.482  -31.028 1.00 16.49 ? 32 OMC A "C3'" 1 
HETATM 709  C "C4'" . OMC A 1 33 ? -12.402 13.375  -30.302 1.00 16.69 ? 32 OMC A "C4'" 1 
HETATM 710  O "O4'" . OMC A 1 33 ? -11.411 12.866  -29.374 1.00 16.41 ? 32 OMC A "O4'" 1 
HETATM 711  O "O3'" . OMC A 1 33 ? -12.607 15.341  -31.640 1.00 15.93 ? 32 OMC A "O3'" 1 
HETATM 712  C "C5'" . OMC A 1 33 ? -12.819 12.294  -31.270 1.00 17.17 ? 32 OMC A "C5'" 1 
HETATM 713  O "O5'" . OMC A 1 33 ? -11.676 11.937  -32.038 1.00 17.68 ? 32 OMC A "O5'" 1 
HETATM 714  P P     . OMC A 1 33 ? -11.716 10.733  -33.083 1.00 18.21 ? 32 OMC A P     1 
HETATM 715  O OP1   . OMC A 1 33 ? -12.797 10.994  -34.062 1.00 18.22 ? 32 OMC A OP1   1 
HETATM 716  O OP2   . OMC A 1 33 ? -10.331 10.518  -33.568 1.00 18.53 ? 32 OMC A OP2   1 
ATOM   717  P P     . U   A 1 34 ? -12.158 16.235  -32.878 1.00 15.29 ? 33 U   A P     1 
ATOM   718  O OP1   . U   A 1 34 ? -13.351 16.813  -33.539 1.00 15.17 ? 33 U   A OP1   1 
ATOM   719  O OP2   . U   A 1 34 ? -11.169 15.494  -33.699 1.00 15.44 ? 33 U   A OP2   1 
ATOM   720  O "O5'" . U   A 1 34 ? -11.427 17.371  -32.032 1.00 14.67 ? 33 U   A "O5'" 1 
ATOM   721  C "C5'" . U   A 1 34 ? -10.624 18.313  -32.674 1.00 13.69 ? 33 U   A "C5'" 1 
ATOM   722  C "C4'" . U   A 1 34 ? -9.368  18.588  -31.879 1.00 12.49 ? 33 U   A "C4'" 1 
ATOM   723  O "O4'" . U   A 1 34 ? -8.905  17.409  -31.175 1.00 11.93 ? 33 U   A "O4'" 1 
ATOM   724  C "C3'" . U   A 1 34 ? -8.179  18.938  -32.741 1.00 11.88 ? 33 U   A "C3'" 1 
ATOM   725  O "O3'" . U   A 1 34 ? -8.300  20.254  -33.204 1.00 11.24 ? 33 U   A "O3'" 1 
ATOM   726  C "C2'" . U   A 1 34 ? -7.073  18.780  -31.721 1.00 11.94 ? 33 U   A "C2'" 1 
ATOM   727  O "O2'" . U   A 1 34 ? -7.074  19.823  -30.768 1.00 12.38 ? 33 U   A "O2'" 1 
ATOM   728  C "C1'" . U   A 1 34 ? -7.491  17.466  -31.064 1.00 11.68 ? 33 U   A "C1'" 1 
ATOM   729  N N1    . U   A 1 34 ? -6.872  16.241  -31.687 1.00 11.34 ? 33 U   A N1    1 
ATOM   730  C C2    . U   A 1 34 ? -5.493  16.053  -31.695 1.00 11.21 ? 33 U   A C2    1 
ATOM   731  O O2    . U   A 1 34 ? -4.683  16.830  -31.226 1.00 11.36 ? 33 U   A O2    1 
ATOM   732  N N3    . U   A 1 34 ? -5.066  14.895  -32.292 1.00 11.25 ? 33 U   A N3    1 
ATOM   733  C C4    . U   A 1 34 ? -5.855  13.921  -32.877 1.00 11.47 ? 33 U   A C4    1 
ATOM   734  O O4    . U   A 1 34 ? -5.329  12.932  -33.375 1.00 11.55 ? 33 U   A O4    1 
ATOM   735  C C5    . U   A 1 34 ? -7.271  14.181  -32.833 1.00 11.52 ? 33 U   A C5    1 
ATOM   736  C C6    . U   A 1 34 ? -7.715  15.299  -32.247 1.00 11.36 ? 33 U   A C6    1 
ATOM   737  P P     . C   A 1 35 ? -8.695  20.450  -34.734 1.00 11.29 ? 34 C   A P     1 
ATOM   738  O OP1   . C   A 1 35 ? -8.603  21.894  -35.042 1.00 11.42 ? 34 C   A OP1   1 
ATOM   739  O OP2   . C   A 1 35 ? -9.961  19.725  -34.976 1.00 11.28 ? 34 C   A OP2   1 
ATOM   740  O "O5'" . C   A 1 35 ? -7.531  19.666  -35.508 1.00 10.82 ? 34 C   A "O5'" 1 
ATOM   741  C "C5'" . C   A 1 35 ? -7.149  20.017  -36.844 1.00 9.46  ? 34 C   A "C5'" 1 
ATOM   742  C "C4'" . C   A 1 35 ? -5.637  20.031  -37.005 1.00 8.80  ? 34 C   A "C4'" 1 
ATOM   743  O "O4'" . C   A 1 35 ? -5.137  21.370  -36.774 1.00 8.67  ? 34 C   A "O4'" 1 
ATOM   744  C "C3'" . C   A 1 35 ? -4.868  19.175  -36.007 1.00 8.46  ? 34 C   A "C3'" 1 
ATOM   745  O "O3'" . C   A 1 35 ? -4.797  17.824  -36.422 1.00 7.78  ? 34 C   A "O3'" 1 
ATOM   746  C "C2'" . C   A 1 35 ? -3.499  19.844  -35.955 1.00 8.65  ? 34 C   A "C2'" 1 
ATOM   747  O "O2'" . C   A 1 35 ? -2.580  19.358  -36.914 1.00 8.51  ? 34 C   A "O2'" 1 
ATOM   748  C "C1'" . C   A 1 35 ? -3.854  21.315  -36.176 1.00 9.14  ? 34 C   A "C1'" 1 
ATOM   749  N N1    . C   A 1 35 ? -3.859  22.059  -34.871 1.00 9.82  ? 34 C   A N1    1 
ATOM   750  C C2    . C   A 1 35 ? -2.684  22.696  -34.429 1.00 10.04 ? 34 C   A C2    1 
ATOM   751  O O2    . C   A 1 35 ? -1.657  22.658  -35.122 1.00 9.95  ? 34 C   A O2    1 
ATOM   752  N N3    . C   A 1 35 ? -2.707  23.352  -33.238 1.00 9.94  ? 34 C   A N3    1 
ATOM   753  C C4    . C   A 1 35 ? -3.824  23.382  -32.503 1.00 9.58  ? 34 C   A C4    1 
ATOM   754  N N4    . C   A 1 35 ? -3.787  24.043  -31.346 1.00 9.65  ? 34 C   A N4    1 
ATOM   755  C C5    . C   A 1 35 ? -5.029  22.741  -32.925 1.00 9.70  ? 34 C   A C5    1 
ATOM   756  C C6    . C   A 1 35 ? -4.997  22.097  -34.098 1.00 10.03 ? 34 C   A C6    1 
ATOM   757  P P     . A   A 1 36 ? -5.091  16.688  -35.336 1.00 7.14  ? 35 A   A P     1 
ATOM   758  O OP1   . A   A 1 36 ? -4.961  15.377  -36.008 1.00 7.31  ? 35 A   A OP1   1 
ATOM   759  O OP2   . A   A 1 36 ? -6.352  17.028  -34.634 1.00 7.01  ? 35 A   A OP2   1 
ATOM   760  O "O5'" . A   A 1 36 ? -3.860  16.863  -34.332 1.00 6.77  ? 35 A   A "O5'" 1 
ATOM   761  C "C5'" . A   A 1 36 ? -2.588  16.361  -34.727 1.00 6.02  ? 35 A   A "C5'" 1 
ATOM   762  C "C4'" . A   A 1 36 ? -1.482  16.958  -33.885 1.00 5.50  ? 35 A   A "C4'" 1 
ATOM   763  O "O4'" . A   A 1 36 ? -1.649  18.388  -33.795 1.00 5.12  ? 35 A   A "O4'" 1 
ATOM   764  C "C3'" . A   A 1 36 ? -1.463  16.497  -32.446 1.00 5.12  ? 35 A   A "C3'" 1 
ATOM   765  O "O3'" . A   A 1 36 ? -0.692  15.337  -32.363 1.00 6.30  ? 35 A   A "O3'" 1 
ATOM   766  C "C2'" . A   A 1 36 ? -0.737  17.627  -31.749 1.00 4.59  ? 35 A   A "C2'" 1 
ATOM   767  O "O2'" . A   A 1 36 ? 0.664   17.458  -31.771 1.00 4.50  ? 35 A   A "O2'" 1 
ATOM   768  C "C1'" . A   A 1 36 ? -1.168  18.845  -32.553 1.00 4.46  ? 35 A   A "C1'" 1 
ATOM   769  N N9    . A   A 1 36 ? -2.271  19.505  -31.886 1.00 4.36  ? 35 A   A N9    1 
ATOM   770  C C8    . A   A 1 36 ? -3.546  19.633  -32.351 1.00 4.27  ? 35 A   A C8    1 
ATOM   771  N N7    . A   A 1 36 ? -4.330  20.267  -31.520 1.00 4.59  ? 35 A   A N7    1 
ATOM   772  C C5    . A   A 1 36 ? -3.523  20.568  -30.431 1.00 4.68  ? 35 A   A C5    1 
ATOM   773  C C6    . A   A 1 36 ? -3.757  21.234  -29.200 1.00 4.42  ? 35 A   A C6    1 
ATOM   774  N N6    . A   A 1 36 ? -4.938  21.747  -28.838 1.00 4.33  ? 35 A   A N6    1 
ATOM   775  N N1    . A   A 1 36 ? -2.720  21.359  -28.344 1.00 4.24  ? 35 A   A N1    1 
ATOM   776  C C2    . A   A 1 36 ? -1.534  20.848  -28.690 1.00 4.34  ? 35 A   A C2    1 
ATOM   777  N N3    . A   A 1 36 ? -1.191  20.208  -29.808 1.00 4.34  ? 35 A   A N3    1 
ATOM   778  C C4    . A   A 1 36 ? -2.241  20.098  -30.646 1.00 4.56  ? 35 A   A C4    1 
ATOM   779  P P     . U   A 1 37 ? -1.320  14.062  -31.658 1.00 7.34  ? 36 U   A P     1 
ATOM   780  O OP1   . U   A 1 37 ? -0.195  13.183  -31.269 1.00 7.25  ? 36 U   A OP1   1 
ATOM   781  O OP2   . U   A 1 37 ? -2.428  13.545  -32.485 1.00 7.79  ? 36 U   A OP2   1 
ATOM   782  O "O5'" . U   A 1 37 ? -2.015  14.709  -30.384 1.00 9.81  ? 36 U   A "O5'" 1 
ATOM   783  C "C5'" . U   A 1 37 ? -1.606  14.343  -29.086 1.00 13.32 ? 36 U   A "C5'" 1 
ATOM   784  C "C4'" . U   A 1 37 ? -0.246  14.932  -28.719 1.00 15.05 ? 36 U   A "C4'" 1 
ATOM   785  O "O4'" . U   A 1 37 ? -0.129  16.335  -29.076 1.00 15.24 ? 36 U   A "O4'" 1 
ATOM   786  C "C3'" . U   A 1 37 ? 0.036   14.837  -27.228 1.00 15.95 ? 36 U   A "C3'" 1 
ATOM   787  O "O3'" . U   A 1 37 ? 0.952   13.769  -27.042 1.00 17.24 ? 36 U   A "O3'" 1 
ATOM   788  C "C2'" . U   A 1 37 ? 0.627   16.193  -26.878 1.00 15.80 ? 36 U   A "C2'" 1 
ATOM   789  O "O2'" . U   A 1 37 ? 2.024   16.204  -27.075 1.00 16.41 ? 36 U   A "O2'" 1 
ATOM   790  C "C1'" . U   A 1 37 ? -0.027  17.117  -27.901 1.00 15.55 ? 36 U   A "C1'" 1 
ATOM   791  N N1    . U   A 1 37 ? -1.381  17.692  -27.517 1.00 15.40 ? 36 U   A N1    1 
ATOM   792  C C2    . U   A 1 37 ? -1.518  18.459  -26.377 1.00 15.31 ? 36 U   A C2    1 
ATOM   793  O O2    . U   A 1 37 ? -0.603  18.716  -25.625 1.00 15.51 ? 36 U   A O2    1 
ATOM   794  N N3    . U   A 1 37 ? -2.786  18.930  -26.136 1.00 15.68 ? 36 U   A N3    1 
ATOM   795  C C4    . U   A 1 37 ? -3.919  18.726  -26.905 1.00 15.77 ? 36 U   A C4    1 
ATOM   796  O O4    . U   A 1 37 ? -4.992  19.210  -26.562 1.00 15.89 ? 36 U   A O4    1 
ATOM   797  C C5    . U   A 1 37 ? -3.713  17.924  -28.080 1.00 15.60 ? 36 U   A C5    1 
ATOM   798  C C6    . U   A 1 37 ? -2.482  17.460  -28.327 1.00 15.66 ? 36 U   A C6    1 
ATOM   799  P P     . A   A 1 38 ? 0.398   12.271  -27.091 1.00 17.96 ? 37 A   A P     1 
ATOM   800  O OP1   . A   A 1 38 ? 1.193   11.467  -26.135 1.00 18.46 ? 37 A   A OP1   1 
ATOM   801  O OP2   . A   A 1 38 ? 0.300   11.834  -28.501 1.00 17.79 ? 37 A   A OP2   1 
ATOM   802  O "O5'" . A   A 1 38 ? -1.075  12.474  -26.500 1.00 18.70 ? 37 A   A "O5'" 1 
ATOM   803  C "C5'" . A   A 1 38 ? -1.553  11.600  -25.500 1.00 19.81 ? 37 A   A "C5'" 1 
ATOM   804  C "C4'" . A   A 1 38 ? -1.689  12.252  -24.129 1.00 20.30 ? 37 A   A "C4'" 1 
ATOM   805  O "O4'" . A   A 1 38 ? -2.212  11.251  -23.225 1.00 20.44 ? 37 A   A "O4'" 1 
ATOM   806  C "C3'" . A   A 1 38 ? -0.443  12.698  -23.376 1.00 21.12 ? 37 A   A "C3'" 1 
ATOM   807  O "O3'" . A   A 1 38 ? -0.895  13.487  -22.247 1.00 22.03 ? 37 A   A "O3'" 1 
ATOM   808  C "C2'" . A   A 1 38 ? 0.134   11.329  -22.997 1.00 21.13 ? 37 A   A "C2'" 1 
ATOM   809  O "O2'" . A   A 1 38 ? 1.049   11.339  -21.916 1.00 21.45 ? 37 A   A "O2'" 1 
ATOM   810  C "C1'" . A   A 1 38 ? -1.130  10.530  -22.649 1.00 20.88 ? 37 A   A "C1'" 1 
ATOM   811  N N9    . A   A 1 38 ? -1.166  9.167   -23.191 1.00 20.71 ? 37 A   A N9    1 
ATOM   812  C C8    . A   A 1 38 ? -0.158  8.500   -23.835 1.00 20.78 ? 37 A   A C8    1 
ATOM   813  N N7    . A   A 1 38 ? -0.472  7.288   -24.220 1.00 20.70 ? 37 A   A N7    1 
ATOM   814  C C5    . A   A 1 38 ? -1.780  7.150   -23.805 1.00 20.50 ? 37 A   A C5    1 
ATOM   815  C C6    . A   A 1 38 ? -2.693  6.088   -23.919 1.00 20.86 ? 37 A   A C6    1 
ATOM   816  N N6    . A   A 1 38 ? -2.386  4.929   -24.512 1.00 20.85 ? 37 A   A N6    1 
ATOM   817  N N1    . A   A 1 38 ? -3.927  6.267   -23.395 1.00 20.96 ? 37 A   A N1    1 
ATOM   818  C C2    . A   A 1 38 ? -4.228  7.431   -22.802 1.00 20.67 ? 37 A   A C2    1 
ATOM   819  N N3    . A   A 1 38 ? -3.450  8.499   -22.644 1.00 20.54 ? 37 A   A N3    1 
ATOM   820  C C4    . A   A 1 38 ? -2.228  8.293   -23.169 1.00 20.40 ? 37 A   A C4    1 
ATOM   821  P P     . A   A 1 39 ? 0.037   14.163  -21.117 1.00 22.42 ? 38 A   A P     1 
ATOM   822  O OP1   . A   A 1 39 ? 1.350   14.537  -21.692 1.00 22.89 ? 38 A   A OP1   1 
ATOM   823  O OP2   . A   A 1 39 ? -0.039  13.302  -19.921 1.00 22.69 ? 38 A   A OP2   1 
ATOM   824  O "O5'" . A   A 1 39 ? -0.736  15.508  -20.774 1.00 23.26 ? 38 A   A "O5'" 1 
ATOM   825  C "C5'" . A   A 1 39 ? -2.130  15.477  -20.784 1.00 24.95 ? 38 A   A "C5'" 1 
ATOM   826  C "C4'" . A   A 1 39 ? -2.704  16.855  -20.576 1.00 26.73 ? 38 A   A "C4'" 1 
ATOM   827  O "O4'" . A   A 1 39 ? -2.462  17.695  -21.735 1.00 27.18 ? 38 A   A "O4'" 1 
ATOM   828  C "C3'" . A   A 1 39 ? -4.205  16.771  -20.410 1.00 27.88 ? 38 A   A "C3'" 1 
ATOM   829  O "O3'" . A   A 1 39 ? -4.499  16.933  -19.039 1.00 29.23 ? 38 A   A "O3'" 1 
ATOM   830  C "C2'" . A   A 1 39 ? -4.760  17.880  -21.297 1.00 27.94 ? 38 A   A "C2'" 1 
ATOM   831  O "O2'" . A   A 1 39 ? -4.911  19.102  -20.603 1.00 28.43 ? 38 A   A "O2'" 1 
ATOM   832  C "C1'" . A   A 1 39 ? -3.687  17.991  -22.381 1.00 27.61 ? 38 A   A "C1'" 1 
ATOM   833  N N9    . A   A 1 39 ? -3.824  17.103  -23.543 1.00 27.51 ? 38 A   A N9    1 
ATOM   834  C C8    . A   A 1 39 ? -2.833  16.331  -24.083 1.00 27.73 ? 38 A   A C8    1 
ATOM   835  N N7    . A   A 1 39 ? -3.193  15.624  -25.122 1.00 27.75 ? 38 A   A N7    1 
ATOM   836  C C5    . A   A 1 39 ? -4.524  15.951  -25.281 1.00 27.58 ? 38 A   A C5    1 
ATOM   837  C C6    . A   A 1 39 ? -5.486  15.535  -26.222 1.00 27.71 ? 38 A   A C6    1 
ATOM   838  N N6    . A   A 1 39 ? -5.214  14.662  -27.198 1.00 27.69 ? 38 A   A N6    1 
ATOM   839  N N1    . A   A 1 39 ? -6.729  16.053  -26.120 1.00 27.67 ? 38 A   A N1    1 
ATOM   840  C C2    . A   A 1 39 ? -6.986  16.932  -25.143 1.00 27.61 ? 38 A   A C2    1 
ATOM   841  N N3    . A   A 1 39 ? -6.160  17.394  -24.204 1.00 27.51 ? 38 A   A N3    1 
ATOM   842  C C4    . A   A 1 39 ? -4.932  16.864  -24.325 1.00 27.40 ? 38 A   A C4    1 
ATOM   843  P P     . C   A 1 40 ? -5.086  15.692  -18.212 1.00 30.78 ? 39 C   A P     1 
ATOM   844  O OP1   . C   A 1 40 ? -5.105  16.143  -16.803 1.00 31.34 ? 39 C   A OP1   1 
ATOM   845  O OP2   . C   A 1 40 ? -4.401  14.416  -18.537 1.00 30.23 ? 39 C   A OP2   1 
ATOM   846  O "O5'" . C   A 1 40 ? -6.571  15.592  -18.796 1.00 31.11 ? 39 C   A "O5'" 1 
ATOM   847  C "C5'" . C   A 1 40 ? -7.407  16.741  -18.776 1.00 32.35 ? 39 C   A "C5'" 1 
ATOM   848  C "C4'" . C   A 1 40 ? -8.507  16.582  -19.794 1.00 33.23 ? 39 C   A "C4'" 1 
ATOM   849  O "O4'" . C   A 1 40 ? -7.934  16.673  -21.113 1.00 33.22 ? 39 C   A "O4'" 1 
ATOM   850  C "C3'" . C   A 1 40 ? -9.145  15.209  -19.789 1.00 34.19 ? 39 C   A "C3'" 1 
ATOM   851  O "O3'" . C   A 1 40 ? -10.113 15.123  -18.762 1.00 36.04 ? 39 C   A "O3'" 1 
ATOM   852  C "C2'" . C   A 1 40 ? -9.745  15.145  -21.182 1.00 33.82 ? 39 C   A "C2'" 1 
ATOM   853  O "O2'" . C   A 1 40 ? -10.921 15.917  -21.308 1.00 33.67 ? 39 C   A "O2'" 1 
ATOM   854  C "C1'" . C   A 1 40 ? -8.615  15.782  -21.981 1.00 33.91 ? 39 C   A "C1'" 1 
ATOM   855  N N1    . C   A 1 40 ? -7.641  14.797  -22.576 1.00 34.23 ? 39 C   A N1    1 
ATOM   856  C C2    . C   A 1 40 ? -7.942  14.148  -23.789 1.00 34.20 ? 39 C   A C2    1 
ATOM   857  O O2    . C   A 1 40 ? -9.010  14.382  -24.371 1.00 34.07 ? 39 C   A O2    1 
ATOM   858  N N3    . C   A 1 40 ? -7.037  13.275  -24.304 1.00 34.29 ? 39 C   A N3    1 
ATOM   859  C C4    . C   A 1 40 ? -5.888  13.041  -23.662 1.00 34.20 ? 39 C   A C4    1 
ATOM   860  N N4    . C   A 1 40 ? -5.031  12.173  -24.200 1.00 34.18 ? 39 C   A N4    1 
ATOM   861  C C5    . C   A 1 40 ? -5.559  13.684  -22.434 1.00 34.36 ? 39 C   A C5    1 
ATOM   862  C C6    . C   A 1 40 ? -6.456  14.542  -21.938 1.00 34.49 ? 39 C   A C6    1 
ATOM   863  P P     . C   A 1 41 ? -10.284 13.743  -17.972 1.00 37.08 ? 40 C   A P     1 
ATOM   864  O OP1   . C   A 1 41 ? -11.137 14.014  -16.791 1.00 37.22 ? 40 C   A OP1   1 
ATOM   865  O OP2   . C   A 1 41 ? -8.938  13.160  -17.760 1.00 36.81 ? 40 C   A OP2   1 
ATOM   866  O "O5'" . C   A 1 41 ? -11.077 12.833  -19.037 1.00 37.43 ? 40 C   A "O5'" 1 
ATOM   867  C "C5'" . C   A 1 41 ? -12.403 13.177  -19.435 1.00 38.35 ? 40 C   A "C5'" 1 
ATOM   868  C "C4'" . C   A 1 41 ? -12.868 12.340  -20.609 1.00 39.49 ? 40 C   A "C4'" 1 
ATOM   869  O "O4'" . C   A 1 41 ? -11.957 12.520  -21.712 1.00 39.86 ? 40 C   A "O4'" 1 
ATOM   870  C "C3'" . C   A 1 41 ? -12.846 10.833  -20.414 1.00 40.51 ? 40 C   A "C3'" 1 
ATOM   871  O "O3'" . C   A 1 41 ? -13.974 10.394  -19.668 1.00 41.90 ? 40 C   A "O3'" 1 
ATOM   872  C "C2'" . C   A 1 41 ? -12.867 10.325  -21.853 1.00 40.24 ? 40 C   A "C2'" 1 
ATOM   873  O "O2'" . C   A 1 41 ? -14.162 10.292  -22.423 1.00 40.24 ? 40 C   A "O2'" 1 
ATOM   874  C "C1'" . C   A 1 41 ? -12.002 11.374  -22.551 1.00 39.93 ? 40 C   A "C1'" 1 
ATOM   875  N N1    . C   A 1 41 ? -10.603 10.900  -22.842 1.00 39.75 ? 40 C   A N1    1 
ATOM   876  C C2    . C   A 1 41 ? -10.337 10.150  -24.002 1.00 39.54 ? 40 C   A C2    1 
ATOM   877  O O2    . C   A 1 41 ? -11.253 9.876   -24.793 1.00 39.51 ? 40 C   A O2    1 
ATOM   878  N N3    . C   A 1 41 ? -9.059  9.744   -24.225 1.00 39.48 ? 40 C   A N3    1 
ATOM   879  C C4    . C   A 1 41 ? -8.083  10.056  -23.363 1.00 39.48 ? 40 C   A C4    1 
ATOM   880  N N4    . C   A 1 41 ? -6.844  9.635   -23.625 1.00 39.54 ? 40 C   A N4    1 
ATOM   881  C C5    . C   A 1 41 ? -8.330  10.817  -22.185 1.00 39.53 ? 40 C   A C5    1 
ATOM   882  C C6    . C   A 1 41 ? -9.589  11.209  -21.971 1.00 39.75 ? 40 C   A C6    1 
ATOM   883  P P     . C   A 1 42 ? -13.805 9.167   -18.656 1.00 42.69 ? 41 C   A P     1 
ATOM   884  O OP1   . C   A 1 42 ? -14.959 9.175   -17.729 1.00 43.08 ? 41 C   A OP1   1 
ATOM   885  O OP2   . C   A 1 42 ? -12.439 9.207   -18.071 1.00 42.62 ? 41 C   A OP2   1 
ATOM   886  O "O5'" . C   A 1 42 ? -13.919 7.924   -19.660 1.00 41.86 ? 41 C   A "O5'" 1 
ATOM   887  C "C5'" . C   A 1 42 ? -15.136 7.667   -20.345 1.00 41.20 ? 41 C   A "C5'" 1 
ATOM   888  C "C4'" . C   A 1 42 ? -14.910 6.589   -21.381 1.00 41.31 ? 41 C   A "C4'" 1 
ATOM   889  O "O4'" . C   A 1 42 ? -13.929 7.056   -22.341 1.00 41.43 ? 41 C   A "O4'" 1 
ATOM   890  C "C3'" . C   A 1 42 ? -14.275 5.299   -20.879 1.00 41.21 ? 41 C   A "C3'" 1 
ATOM   891  O "O3'" . C   A 1 42 ? -15.202 4.446   -20.219 1.00 40.88 ? 41 C   A "O3'" 1 
ATOM   892  C "C2'" . C   A 1 42 ? -13.781 4.699   -22.187 1.00 41.22 ? 41 C   A "C2'" 1 
ATOM   893  O "O2'" . C   A 1 42 ? -14.819 4.102   -22.941 1.00 41.01 ? 41 C   A "O2'" 1 
ATOM   894  C "C1'" . C   A 1 42 ? -13.227 5.943   -22.881 1.00 41.23 ? 41 C   A "C1'" 1 
ATOM   895  N N1    . C   A 1 42 ? -11.737 6.125   -22.693 1.00 41.05 ? 41 C   A N1    1 
ATOM   896  C C2    . C   A 1 42 ? -10.819 5.303   -23.383 1.00 40.90 ? 41 C   A C2    1 
ATOM   897  O O2    . C   A 1 42 ? -11.221 4.425   -24.158 1.00 40.94 ? 41 C   A O2    1 
ATOM   898  N N3    . C   A 1 42 ? -9.488  5.498   -23.187 1.00 40.89 ? 41 C   A N3    1 
ATOM   899  C C4    . C   A 1 42 ? -9.064  6.453   -22.352 1.00 41.09 ? 41 C   A C4    1 
ATOM   900  N N4    . C   A 1 42 ? -7.746  6.602   -22.190 1.00 41.06 ? 41 C   A N4    1 
ATOM   901  C C5    . C   A 1 42 ? -9.971  7.297   -21.640 1.00 41.06 ? 41 C   A C5    1 
ATOM   902  C C6    . C   A 1 42 ? -11.280 7.097   -21.840 1.00 41.01 ? 41 C   A C6    1 
ATOM   903  P P     . G   A 1 43 ? -14.707 3.619   -18.933 1.00 40.53 ? 42 G   A P     1 
ATOM   904  O OP1   . G   A 1 43 ? -15.883 2.884   -18.399 1.00 40.35 ? 42 G   A OP1   1 
ATOM   905  O OP2   . G   A 1 43 ? -13.940 4.532   -18.045 1.00 40.24 ? 42 G   A OP2   1 
ATOM   906  O "O5'" . G   A 1 43 ? -13.679 2.566   -19.568 1.00 38.64 ? 42 G   A "O5'" 1 
ATOM   907  C "C5'" . G   A 1 43 ? -14.202 1.479   -20.310 1.00 35.94 ? 42 G   A "C5'" 1 
ATOM   908  C "C4'" . G   A 1 43 ? -13.162 0.822   -21.195 1.00 33.71 ? 42 G   A "C4'" 1 
ATOM   909  O "O4'" . G   A 1 43 ? -12.379 1.805   -21.918 1.00 32.89 ? 42 G   A "O4'" 1 
ATOM   910  C "C3'" . G   A 1 43 ? -12.085 0.019   -20.487 1.00 32.49 ? 42 G   A "C3'" 1 
ATOM   911  O "O3'" . G   A 1 43 ? -12.569 -1.192  -19.930 1.00 31.01 ? 42 G   A "O3'" 1 
ATOM   912  C "C2'" . G   A 1 43 ? -11.141 -0.194  -21.662 1.00 32.39 ? 42 G   A "C2'" 1 
ATOM   913  O "O2'" . G   A 1 43 ? -11.609 -1.123  -22.619 1.00 32.76 ? 42 G   A "O2'" 1 
ATOM   914  C "C1'" . G   A 1 43 ? -11.121 1.229   -22.226 1.00 31.79 ? 42 G   A "C1'" 1 
ATOM   915  N N9    . G   A 1 43 ? -10.070 2.022   -21.597 1.00 31.33 ? 42 G   A N9    1 
ATOM   916  C C8    . G   A 1 43 ? -10.225 3.118   -20.788 1.00 31.24 ? 42 G   A C8    1 
ATOM   917  N N7    . G   A 1 43 ? -9.096  3.602   -20.361 1.00 31.31 ? 42 G   A N7    1 
ATOM   918  C C5    . G   A 1 43 ? -8.133  2.772   -20.916 1.00 31.08 ? 42 G   A C5    1 
ATOM   919  C C6    . G   A 1 43 ? -6.724  2.800   -20.808 1.00 31.28 ? 42 G   A C6    1 
ATOM   920  O O6    . G   A 1 43 ? -6.028  3.604   -20.175 1.00 31.39 ? 42 G   A O6    1 
ATOM   921  N N1    . G   A 1 43 ? -6.117  1.771   -21.529 1.00 31.25 ? 42 G   A N1    1 
ATOM   922  C C2    . G   A 1 43 ? -6.799  0.830   -22.264 1.00 31.25 ? 42 G   A C2    1 
ATOM   923  N N2    . G   A 1 43 ? -6.070  -0.095  -22.902 1.00 31.36 ? 42 G   A N2    1 
ATOM   924  N N3    . G   A 1 43 ? -8.117  0.798   -22.370 1.00 31.05 ? 42 G   A N3    1 
ATOM   925  C C4    . G   A 1 43 ? -8.718  1.792   -21.675 1.00 30.93 ? 42 G   A C4    1 
ATOM   926  P P     . A   A 1 44 ? -12.059 -1.614  -18.469 1.00 30.08 ? 43 A   A P     1 
ATOM   927  O OP1   . A   A 1 44 ? -12.914 -2.732  -18.016 1.00 30.32 ? 43 A   A OP1   1 
ATOM   928  O OP2   . A   A 1 44 ? -11.908 -0.417  -17.597 1.00 29.86 ? 43 A   A OP2   1 
ATOM   929  O "O5'" . A   A 1 44 ? -10.598 -2.167  -18.799 1.00 28.23 ? 43 A   A "O5'" 1 
ATOM   930  C "C5'" . A   A 1 44 ? -10.473 -3.414  -19.449 1.00 25.22 ? 43 A   A "C5'" 1 
ATOM   931  C "C4'" . A   A 1 44 ? -9.094  -3.578  -20.044 1.00 23.03 ? 43 A   A "C4'" 1 
ATOM   932  O "O4'" . A   A 1 44 ? -8.623  -2.315  -20.549 1.00 22.37 ? 43 A   A "O4'" 1 
ATOM   933  C "C3'" . A   A 1 44 ? -8.006  -3.972  -19.068 1.00 21.80 ? 43 A   A "C3'" 1 
ATOM   934  O "O3'" . A   A 1 44 ? -8.077  -5.338  -18.806 1.00 20.83 ? 43 A   A "O3'" 1 
ATOM   935  C "C2'" . A   A 1 44 ? -6.771  -3.642  -19.887 1.00 21.87 ? 43 A   A "C2'" 1 
ATOM   936  O "O2'" . A   A 1 44 ? -6.493  -4.575  -20.920 1.00 21.77 ? 43 A   A "O2'" 1 
ATOM   937  C "C1'" . A   A 1 44 ? -7.212  -2.310  -20.472 1.00 22.14 ? 43 A   A "C1'" 1 
ATOM   938  N N9    . A   A 1 44 ? -6.786  -1.167  -19.677 1.00 22.04 ? 43 A   A N9    1 
ATOM   939  C C8    . A   A 1 44 ? -7.570  -0.297  -18.971 1.00 22.23 ? 43 A   A C8    1 
ATOM   940  N N7    . A   A 1 44 ? -6.896  0.643   -18.357 1.00 22.37 ? 43 A   A N7    1 
ATOM   941  C C5    . A   A 1 44 ? -5.578  0.366   -18.687 1.00 22.32 ? 43 A   A C5    1 
ATOM   942  C C6    . A   A 1 44 ? -4.356  0.989   -18.364 1.00 22.25 ? 43 A   A C6    1 
ATOM   943  N N6    . A   A 1 44 ? -4.277  2.073   -17.593 1.00 22.40 ? 43 A   A N6    1 
ATOM   944  N N1    . A   A 1 44 ? -3.214  0.461   -18.855 1.00 22.09 ? 43 A   A N1    1 
ATOM   945  C C2    . A   A 1 44 ? -3.289  -0.625  -19.630 1.00 22.26 ? 43 A   A C2    1 
ATOM   946  N N3    . A   A 1 44 ? -4.377  -1.295  -20.011 1.00 22.32 ? 43 A   A N3    1 
ATOM   947  C C4    . A   A 1 44 ? -5.494  -0.746  -19.501 1.00 22.14 ? 43 A   A C4    1 
ATOM   948  P P     . A   A 1 45 ? -7.583  -5.871  -17.394 1.00 20.48 ? 44 A   A P     1 
ATOM   949  O OP1   . A   A 1 45 ? -8.100  -7.246  -17.284 1.00 21.90 ? 44 A   A OP1   1 
ATOM   950  O OP2   . A   A 1 45 ? -7.910  -4.870  -16.351 1.00 20.77 ? 44 A   A OP2   1 
ATOM   951  O "O5'" . A   A 1 45 ? -6.002  -5.952  -17.539 1.00 20.08 ? 44 A   A "O5'" 1 
ATOM   952  C "C5'" . A   A 1 45 ? -5.418  -6.860  -18.459 1.00 19.75 ? 44 A   A "C5'" 1 
ATOM   953  C "C4'" . A   A 1 45 ? -3.929  -6.598  -18.536 1.00 19.59 ? 44 A   A "C4'" 1 
ATOM   954  O "O4'" . A   A 1 45 ? -3.688  -5.242  -18.980 1.00 19.35 ? 44 A   A "O4'" 1 
ATOM   955  C "C3'" . A   A 1 45 ? -3.250  -6.721  -17.187 1.00 19.74 ? 44 A   A "C3'" 1 
ATOM   956  O "O3'" . A   A 1 45 ? -2.720  -8.009  -17.071 1.00 19.93 ? 44 A   A "O3'" 1 
ATOM   957  C "C2'" . A   A 1 45 ? -2.140  -5.688  -17.235 1.00 19.63 ? 44 A   A "C2'" 1 
ATOM   958  O "O2'" . A   A 1 45 ? -0.942  -6.223  -17.751 1.00 20.61 ? 44 A   A "O2'" 1 
ATOM   959  C "C1'" . A   A 1 45 ? -2.698  -4.629  -18.174 1.00 18.80 ? 44 A   A "C1'" 1 
ATOM   960  N N9    . A   A 1 45 ? -3.247  -3.492  -17.439 1.00 18.22 ? 44 A   A N9    1 
ATOM   961  C C8    . A   A 1 45 ? -4.554  -3.222  -17.157 1.00 18.08 ? 44 A   A C8    1 
ATOM   962  N N7    . A   A 1 45 ? -4.730  -2.116  -16.477 1.00 18.17 ? 44 A   A N7    1 
ATOM   963  C C5    . A   A 1 45 ? -3.447  -1.630  -16.294 1.00 17.98 ? 44 A   A C5    1 
ATOM   964  C C6    . A   A 1 45 ? -2.935  -0.484  -15.640 1.00 18.32 ? 44 A   A C6    1 
ATOM   965  N N6    . A   A 1 45 ? -3.704  0.422   -15.019 1.00 18.15 ? 44 A   A N6    1 
ATOM   966  N N1    . A   A 1 45 ? -1.594  -0.301  -15.641 1.00 18.21 ? 44 A   A N1    1 
ATOM   967  C C2    . A   A 1 45 ? -0.823  -1.209  -16.255 1.00 18.16 ? 44 A   A C2    1 
ATOM   968  N N3    . A   A 1 45 ? -1.188  -2.316  -16.900 1.00 17.82 ? 44 A   A N3    1 
ATOM   969  C C4    . A   A 1 45 ? -2.522  -2.471  -16.880 1.00 17.80 ? 44 A   A C4    1 
ATOM   970  P P     . G   A 1 46 ? -2.952  -8.819  -15.721 1.00 20.46 ? 45 G   A P     1 
ATOM   971  O OP1   . G   A 1 46 ? -2.603  -10.219 -16.059 1.00 20.54 ? 45 G   A OP1   1 
ATOM   972  O OP2   . G   A 1 46 ? -4.280  -8.469  -15.154 1.00 20.03 ? 45 G   A OP2   1 
ATOM   973  O "O5'" . G   A 1 46 ? -1.858  -8.218  -14.724 1.00 20.77 ? 45 G   A "O5'" 1 
ATOM   974  C "C5'" . G   A 1 46 ? -0.464  -8.348  -14.981 1.00 21.10 ? 45 G   A "C5'" 1 
ATOM   975  C "C4'" . G   A 1 46 ? 0.302   -7.280  -14.221 1.00 21.60 ? 45 G   A "C4'" 1 
ATOM   976  O "O4'" . G   A 1 46 ? -0.078  -5.980  -14.725 1.00 20.95 ? 45 G   A "O4'" 1 
ATOM   977  C "C3'" . G   A 1 46 ? 0.003   -7.206  -12.732 1.00 22.08 ? 45 G   A "C3'" 1 
ATOM   978  O "O3'" . G   A 1 46 ? 0.879   -8.037  -12.021 1.00 23.71 ? 45 G   A "O3'" 1 
ATOM   979  C "C2'" . G   A 1 46 ? 0.264   -5.751  -12.395 1.00 21.34 ? 45 G   A "C2'" 1 
ATOM   980  O "O2'" . G   A 1 46 ? 1.631   -5.504  -12.149 1.00 21.75 ? 45 G   A "O2'" 1 
ATOM   981  C "C1'" . G   A 1 46 ? -0.205  -5.061  -13.666 1.00 20.52 ? 45 G   A "C1'" 1 
ATOM   982  N N9    . G   A 1 46 ? -1.599  -4.650  -13.592 1.00 20.21 ? 45 G   A N9    1 
ATOM   983  C C8    . G   A 1 46 ? -2.709  -5.380  -13.919 1.00 20.33 ? 45 G   A C8    1 
ATOM   984  N N7    . G   A 1 46 ? -3.827  -4.740  -13.742 1.00 20.54 ? 45 G   A N7    1 
ATOM   985  C C5    . G   A 1 46 ? -3.431  -3.502  -13.260 1.00 20.36 ? 45 G   A C5    1 
ATOM   986  C C6    . G   A 1 46 ? -4.202  -2.373  -12.884 1.00 20.35 ? 45 G   A C6    1 
ATOM   987  O O6    . G   A 1 46 ? -5.432  -2.259  -12.913 1.00 20.78 ? 45 G   A O6    1 
ATOM   988  N N1    . G   A 1 46 ? -3.420  -1.309  -12.446 1.00 19.75 ? 45 G   A N1    1 
ATOM   989  C C2    . G   A 1 46 ? -2.047  -1.353  -12.394 1.00 20.30 ? 45 G   A C2    1 
ATOM   990  N N2    . G   A 1 46 ? -1.426  -0.250  -11.963 1.00 20.80 ? 45 G   A N2    1 
ATOM   991  N N3    . G   A 1 46 ? -1.309  -2.398  -12.741 1.00 20.40 ? 45 G   A N3    1 
ATOM   992  C C4    . G   A 1 46 ? -2.064  -3.436  -13.163 1.00 20.24 ? 45 G   A C4    1 
ATOM   993  P P     . A   A 1 47 ? 0.254   -8.960  -10.888 1.00 25.28 ? 46 A   A P     1 
ATOM   994  O OP1   . A   A 1 47 ? 1.133   -10.147 -10.784 1.00 25.42 ? 46 A   A OP1   1 
ATOM   995  O OP2   . A   A 1 47 ? -1.191  -9.139  -11.163 1.00 25.19 ? 46 A   A OP2   1 
ATOM   996  O "O5'" . A   A 1 47 ? 0.397   -8.040  -9.583  1.00 26.62 ? 46 A   A "O5'" 1 
ATOM   997  C "C5'" . A   A 1 47 ? 1.542   -8.147  -8.735  1.00 28.16 ? 46 A   A "C5'" 1 
ATOM   998  C "C4'" . A   A 1 47 ? 1.255   -7.645  -7.338  1.00 29.14 ? 46 A   A "C4'" 1 
ATOM   999  O "O4'" . A   A 1 47 ? 0.393   -6.508  -7.420  1.00 27.42 ? 46 A   A "O4'" 1 
ATOM   1000 C "C3'" . A   A 1 47 ? 0.370   -8.550  -6.522  1.00 32.08 ? 46 A   A "C3'" 1 
ATOM   1001 O "O3'" . A   A 1 47 ? 1.096   -9.613  -5.971  1.00 39.42 ? 46 A   A "O3'" 1 
ATOM   1002 C "C2'" . A   A 1 47 ? -0.208  -7.650  -5.446  1.00 29.73 ? 46 A   A "C2'" 1 
ATOM   1003 O "O2'" . A   A 1 47 ? 0.602   -7.629  -4.293  1.00 29.85 ? 46 A   A "O2'" 1 
ATOM   1004 C "C1'" . A   A 1 47 ? -0.154  -6.304  -6.139  1.00 27.15 ? 46 A   A "C1'" 1 
ATOM   1005 N N9    . A   A 1 47 ? -1.439  -5.650  -6.312  1.00 26.23 ? 46 A   A N9    1 
ATOM   1006 C C8    . A   A 1 47 ? -2.533  -6.085  -6.996  1.00 26.03 ? 46 A   A C8    1 
ATOM   1007 N N7    . A   A 1 47 ? -3.539  -5.248  -6.972  1.00 25.45 ? 46 A   A N7    1 
ATOM   1008 C C5    . A   A 1 47 ? -3.064  -4.193  -6.219  1.00 25.99 ? 46 A   A C5    1 
ATOM   1009 C C6    . A   A 1 47 ? -3.632  -2.964  -5.809  1.00 26.54 ? 46 A   A C6    1 
ATOM   1010 N N6    . A   A 1 47 ? -4.872  -2.591  -6.126  1.00 26.83 ? 46 A   A N6    1 
ATOM   1011 N N1    . A   A 1 47 ? -2.884  -2.118  -5.060  1.00 26.36 ? 46 A   A N1    1 
ATOM   1012 C C2    . A   A 1 47 ? -1.634  -2.482  -4.739  1.00 26.31 ? 46 A   A C2    1 
ATOM   1013 N N3    . A   A 1 47 ? -0.998  -3.612  -5.065  1.00 26.49 ? 46 A   A N3    1 
ATOM   1014 C C4    . A   A 1 47 ? -1.770  -4.425  -5.809  1.00 26.09 ? 46 A   A C4    1 
ATOM   1015 P P     . U   A 1 48 ? 0.335   -11.031 -6.030  1.00 46.02 ? 47 U   A P     1 
ATOM   1016 O OP1   . U   A 1 48 ? 1.303   -12.048 -5.536  1.00 46.98 ? 47 U   A OP1   1 
ATOM   1017 O OP2   . U   A 1 48 ? -0.302  -11.200 -7.374  1.00 45.17 ? 47 U   A OP2   1 
ATOM   1018 O "O5'" . U   A 1 48 ? -0.850  -10.907 -4.952  1.00 45.96 ? 47 U   A "O5'" 1 
ATOM   1019 C "C5'" . U   A 1 48 ? -1.888  -11.875 -5.032  1.00 46.88 ? 47 U   A "C5'" 1 
ATOM   1020 C "C4'" . U   A 1 48 ? -2.237  -12.498 -3.687  1.00 47.48 ? 47 U   A "C4'" 1 
ATOM   1021 O "O4'" . U   A 1 48 ? -2.380  -13.942 -3.869  1.00 49.33 ? 47 U   A "O4'" 1 
ATOM   1022 C "C3'" . U   A 1 48 ? -1.254  -12.350 -2.518  1.00 45.79 ? 47 U   A "C3'" 1 
ATOM   1023 O "O3'" . U   A 1 48 ? -1.320  -11.020 -1.906  1.00 38.70 ? 47 U   A "O3'" 1 
ATOM   1024 C "C2'" . U   A 1 48 ? -1.756  -13.503 -1.620  1.00 49.03 ? 47 U   A "C2'" 1 
ATOM   1025 O "O2'" . U   A 1 48 ? -2.885  -13.166 -0.821  1.00 50.37 ? 47 U   A "O2'" 1 
ATOM   1026 C "C1'" . U   A 1 48 ? -2.188  -14.588 -2.616  1.00 51.38 ? 47 U   A "C1'" 1 
ATOM   1027 N N1    . U   A 1 48 ? -1.266  -15.814 -2.757  1.00 53.22 ? 47 U   A N1    1 
ATOM   1028 C C2    . U   A 1 48 ? -1.835  -17.096 -2.867  1.00 54.04 ? 47 U   A C2    1 
ATOM   1029 O O2    . U   A 1 48 ? -3.040  -17.340 -2.861  1.00 54.23 ? 47 U   A O2    1 
ATOM   1030 N N3    . U   A 1 48 ? -0.927  -18.128 -2.993  1.00 53.88 ? 47 U   A N3    1 
ATOM   1031 C C4    . U   A 1 48 ? 0.456   -18.027 -3.021  1.00 53.48 ? 47 U   A C4    1 
ATOM   1032 O O4    . U   A 1 48 ? 1.116   -19.057 -3.139  1.00 53.55 ? 47 U   A O4    1 
ATOM   1033 C C5    . U   A 1 48 ? 0.983   -16.679 -2.902  1.00 53.87 ? 47 U   A C5    1 
ATOM   1034 C C6    . U   A 1 48 ? 0.123   -15.650 -2.779  1.00 53.61 ? 47 U   A C6    1 
ATOM   1035 P P     . C   A 1 49 ? -0.662  -10.689 -0.470  1.00 33.29 ? 48 C   A P     1 
ATOM   1036 O OP1   . C   A 1 49 ? 0.690   -11.296 -0.478  1.00 34.03 ? 48 C   A OP1   1 
ATOM   1037 O OP2   . C   A 1 49 ? -1.610  -11.060 0.594   1.00 33.62 ? 48 C   A OP2   1 
ATOM   1038 O "O5'" . C   A 1 49 ? -0.581  -9.094  -0.396  1.00 29.47 ? 48 C   A "O5'" 1 
ATOM   1039 C "C5'" . C   A 1 49 ? 0.646   -8.409  -0.610  1.00 23.91 ? 48 C   A "C5'" 1 
ATOM   1040 C "C4'" . C   A 1 49 ? 0.643   -7.062  0.081   1.00 20.28 ? 48 C   A "C4'" 1 
ATOM   1041 O "O4'" . C   A 1 49 ? -0.568  -6.355  -0.265  1.00 18.24 ? 48 C   A "O4'" 1 
ATOM   1042 C "C3'" . C   A 1 49 ? 0.679   -7.103  1.605   1.00 18.90 ? 48 C   A "C3'" 1 
ATOM   1043 O "O3'" . C   A 1 49 ? 1.506   -6.061  2.088   1.00 17.56 ? 48 C   A "O3'" 1 
ATOM   1044 C "C2'" . C   A 1 49 ? -0.776  -6.876  2.006   1.00 18.07 ? 48 C   A "C2'" 1 
ATOM   1045 O "O2'" . C   A 1 49 ? -0.887  -6.260  3.269   1.00 18.28 ? 48 C   A "O2'" 1 
ATOM   1046 C "C1'" . C   A 1 49 ? -1.202  -5.911  0.915   1.00 16.48 ? 48 C   A "C1'" 1 
ATOM   1047 N N1    . C   A 1 49 ? -2.633  -5.905  0.616   1.00 15.25 ? 48 C   A N1    1 
ATOM   1048 C C2    . C   A 1 49 ? -3.446  -4.832  1.017   1.00 15.48 ? 48 C   A C2    1 
ATOM   1049 O O2    . C   A 1 49 ? -2.986  -3.873  1.660   1.00 15.52 ? 48 C   A O2    1 
ATOM   1050 N N3    . C   A 1 49 ? -4.762  -4.877  0.702   1.00 15.50 ? 48 C   A N3    1 
ATOM   1051 C C4    . C   A 1 49 ? -5.250  -5.902  0.009   1.00 15.19 ? 48 C   A C4    1 
ATOM   1052 N N4    . C   A 1 49 ? -6.548  -5.889  -0.289  1.00 15.43 ? 48 C   A N4    1 
ATOM   1053 C C5    . C   A 1 49 ? -4.431  -6.984  -0.412  1.00 14.82 ? 48 C   A C5    1 
ATOM   1054 C C6    . C   A 1 49 ? -3.142  -6.947  -0.089  1.00 14.56 ? 48 C   A C6    1 
ATOM   1055 P P     . G   A 1 50 ? 2.443   -6.269  3.363   1.00 17.06 ? 49 G   A P     1 
ATOM   1056 O OP1   . G   A 1 50 ? 2.323   -7.637  3.909   1.00 17.08 ? 49 G   A OP1   1 
ATOM   1057 O OP2   . G   A 1 50 ? 2.227   -5.107  4.246   1.00 17.91 ? 49 G   A OP2   1 
ATOM   1058 O "O5'" . G   A 1 50 ? 3.888   -6.085  2.715   1.00 17.51 ? 49 G   A "O5'" 1 
ATOM   1059 C "C5'" . G   A 1 50 ? 4.379   -6.970  1.730   1.00 17.21 ? 49 G   A "C5'" 1 
ATOM   1060 C "C4'" . G   A 1 50 ? 5.683   -7.627  2.159   1.00 17.89 ? 49 G   A "C4'" 1 
ATOM   1061 O "O4'" . G   A 1 50 ? 6.474   -6.844  3.097   1.00 17.69 ? 49 G   A "O4'" 1 
ATOM   1062 C "C3'" . G   A 1 50 ? 5.497   -8.957  2.852   1.00 18.39 ? 49 G   A "C3'" 1 
ATOM   1063 O "O3'" . G   A 1 50 ? 5.253   -9.889  1.830   1.00 20.22 ? 49 G   A "O3'" 1 
ATOM   1064 C "C2'" . G   A 1 50 ? 6.868   -9.125  3.508   1.00 18.01 ? 49 G   A "C2'" 1 
ATOM   1065 O "O2'" . G   A 1 50 ? 7.893   -9.508  2.616   1.00 18.22 ? 49 G   A "O2'" 1 
ATOM   1066 C "C1'" . G   A 1 50 ? 7.147   -7.713  4.004   1.00 17.50 ? 49 G   A "C1'" 1 
ATOM   1067 N N9    . G   A 1 50 ? 6.657   -7.502  5.368   1.00 17.37 ? 49 G   A N9    1 
ATOM   1068 C C8    . G   A 1 50 ? 5.749   -6.549  5.753   1.00 17.26 ? 49 G   A C8    1 
ATOM   1069 N N7    . G   A 1 50 ? 5.470   -6.572  7.018   1.00 17.29 ? 49 G   A N7    1 
ATOM   1070 C C5    . G   A 1 50 ? 6.238   -7.611  7.512   1.00 17.24 ? 49 G   A C5    1 
ATOM   1071 C C6    . G   A 1 50 ? 6.338   -8.098  8.831   1.00 17.07 ? 49 G   A C6    1 
ATOM   1072 O O6    . G   A 1 50 ? 5.746   -7.674  9.820   1.00 17.51 ? 49 G   A O6    1 
ATOM   1073 N N1    . G   A 1 50 ? 7.212   -9.168  8.959   1.00 16.91 ? 49 G   A N1    1 
ATOM   1074 C C2    . G   A 1 50 ? 7.915   -9.691  7.909   1.00 17.30 ? 49 G   A C2    1 
ATOM   1075 N N2    . G   A 1 50 ? 8.720   -10.713 8.222   1.00 17.57 ? 49 G   A N2    1 
ATOM   1076 N N3    . G   A 1 50 ? 7.840   -9.247  6.650   1.00 17.49 ? 49 G   A N3    1 
ATOM   1077 C C4    . G   A 1 50 ? 6.978   -8.202  6.518   1.00 17.38 ? 49 G   A C4    1 
ATOM   1078 P P     . U   A 1 51 ? 4.550   -11.303 2.081   1.00 21.96 ? 50 U   A P     1 
ATOM   1079 O OP1   . U   A 1 51 ? 4.680   -12.014 0.788   1.00 22.76 ? 50 U   A OP1   1 
ATOM   1080 O OP2   . U   A 1 51 ? 3.196   -11.149 2.675   1.00 21.88 ? 50 U   A OP2   1 
ATOM   1081 O "O5'" . U   A 1 51 ? 5.492   -11.961 3.193   1.00 21.51 ? 50 U   A "O5'" 1 
ATOM   1082 C "C5'" . U   A 1 51 ? 6.627   -12.693 2.795   1.00 22.15 ? 50 U   A "C5'" 1 
ATOM   1083 C "C4'" . U   A 1 51 ? 7.168   -13.442 3.984   1.00 22.60 ? 50 U   A "C4'" 1 
ATOM   1084 O "O4'" . U   A 1 51 ? 7.403   -12.497 5.045   1.00 22.60 ? 50 U   A "O4'" 1 
ATOM   1085 C "C3'" . U   A 1 51 ? 6.193   -14.418 4.611   1.00 23.23 ? 50 U   A "C3'" 1 
ATOM   1086 O "O3'" . U   A 1 51 ? 6.178   -15.621 3.877   1.00 23.77 ? 50 U   A "O3'" 1 
ATOM   1087 C "C2'" . U   A 1 51 ? 6.789   -14.572 6.002   1.00 23.39 ? 50 U   A "C2'" 1 
ATOM   1088 O "O2'" . U   A 1 51 ? 7.941   -15.394 6.050   1.00 24.64 ? 50 U   A "O2'" 1 
ATOM   1089 C "C1'" . U   A 1 51 ? 7.193   -13.136 6.288   1.00 22.56 ? 50 U   A "C1'" 1 
ATOM   1090 N N1    . U   A 1 51 ? 6.198   -12.353 7.052   1.00 21.77 ? 50 U   A N1    1 
ATOM   1091 C C2    . U   A 1 51 ? 6.112   -12.549 8.408   1.00 21.31 ? 50 U   A C2    1 
ATOM   1092 O O2    . U   A 1 51 ? 6.796   -13.344 9.016   1.00 21.82 ? 50 U   A O2    1 
ATOM   1093 N N3    . U   A 1 51 ? 5.182   -11.771 9.033   1.00 21.65 ? 50 U   A N3    1 
ATOM   1094 C C4    . U   A 1 51 ? 4.349   -10.834 8.444   1.00 22.51 ? 50 U   A C4    1 
ATOM   1095 O O4    . U   A 1 51 ? 3.553   -10.201 9.139   1.00 22.69 ? 50 U   A O4    1 
ATOM   1096 C C5    . U   A 1 51 ? 4.502   -10.685 7.019   1.00 22.04 ? 50 U   A C5    1 
ATOM   1097 C C6    . U   A 1 51 ? 5.405   -11.436 6.392   1.00 21.65 ? 50 U   A C6    1 
ATOM   1098 P P     . C   A 1 52 ? 4.902   -16.580 3.943   1.00 24.79 ? 51 C   A P     1 
ATOM   1099 O OP1   . C   A 1 52 ? 5.158   -17.635 2.938   1.00 25.75 ? 51 C   A OP1   1 
ATOM   1100 O OP2   . C   A 1 52 ? 3.639   -15.808 3.878   1.00 24.64 ? 51 C   A OP2   1 
ATOM   1101 O "O5'" . C   A 1 52 ? 5.006   -17.197 5.411   1.00 24.46 ? 51 C   A "O5'" 1 
ATOM   1102 C "C5'" . C   A 1 52 ? 6.019   -18.147 5.702   1.00 24.12 ? 51 C   A "C5'" 1 
ATOM   1103 C "C4'" . C   A 1 52 ? 5.946   -18.494 7.167   1.00 23.85 ? 51 C   A "C4'" 1 
ATOM   1104 O "O4'" . C   A 1 52 ? 6.177   -17.295 7.947   1.00 23.60 ? 51 C   A "O4'" 1 
ATOM   1105 C "C3'" . C   A 1 52 ? 4.577   -18.974 7.620   1.00 23.42 ? 51 C   A "C3'" 1 
ATOM   1106 O "O3'" . C   A 1 52 ? 4.424   -20.341 7.327   1.00 23.19 ? 51 C   A "O3'" 1 
ATOM   1107 C "C2'" . C   A 1 52 ? 4.670   -18.713 9.116   1.00 23.56 ? 51 C   A "C2'" 1 
ATOM   1108 O "O2'" . C   A 1 52 ? 5.404   -19.715 9.804   1.00 23.23 ? 51 C   A "O2'" 1 
ATOM   1109 C "C1'" . C   A 1 52 ? 5.394   -17.364 9.124   1.00 23.44 ? 51 C   A "C1'" 1 
ATOM   1110 N N1    . C   A 1 52 ? 4.456   -16.204 9.159   1.00 23.21 ? 51 C   A N1    1 
ATOM   1111 C C2    . C   A 1 52 ? 4.003   -15.721 10.394  1.00 23.00 ? 51 C   A C2    1 
ATOM   1112 O O2    . C   A 1 52 ? 4.390   -16.258 11.436  1.00 22.79 ? 51 C   A O2    1 
ATOM   1113 N N3    . C   A 1 52 ? 3.148   -14.663 10.403  1.00 23.02 ? 51 C   A N3    1 
ATOM   1114 C C4    . C   A 1 52 ? 2.749   -14.099 9.256   1.00 23.16 ? 51 C   A C4    1 
ATOM   1115 N N4    . C   A 1 52 ? 1.905   -13.066 9.306   1.00 22.96 ? 51 C   A N4    1 
ATOM   1116 C C5    . C   A 1 52 ? 3.195   -14.579 7.989   1.00 23.44 ? 51 C   A C5    1 
ATOM   1117 C C6    . C   A 1 52 ? 4.037   -15.619 7.994   1.00 23.50 ? 51 C   A C6    1 
ATOM   1118 P P     . G   A 1 53 ? 2.967   -20.961 7.092   1.00 23.64 ? 52 G   A P     1 
ATOM   1119 O OP1   . G   A 1 53 ? 3.140   -22.420 7.283   1.00 23.37 ? 52 G   A OP1   1 
ATOM   1120 O OP2   . G   A 1 53 ? 2.414   -20.434 5.819   1.00 23.48 ? 52 G   A OP2   1 
ATOM   1121 O "O5'" . G   A 1 53 ? 2.065   -20.339 8.274   1.00 23.00 ? 52 G   A "O5'" 1 
ATOM   1122 C "C5'" . G   A 1 53 ? 1.228   -21.141 9.124   1.00 20.28 ? 52 G   A "C5'" 1 
ATOM   1123 C "C4'" . G   A 1 53 ? 1.280   -20.712 10.584  1.00 18.32 ? 52 G   A "C4'" 1 
ATOM   1124 O "O4'" . G   A 1 53 ? 2.039   -19.490 10.771  1.00 17.94 ? 52 G   A "O4'" 1 
ATOM   1125 C "C3'" . G   A 1 53 ? -0.065  -20.370 11.194  1.00 17.53 ? 52 G   A "C3'" 1 
ATOM   1126 O "O3'" . G   A 1 53 ? -0.704  -21.530 11.637  1.00 17.03 ? 52 G   A "O3'" 1 
ATOM   1127 C "C2'" . G   A 1 53 ? 0.369   -19.581 12.414  1.00 17.67 ? 52 G   A "C2'" 1 
ATOM   1128 O "O2'" . G   A 1 53 ? 0.845   -20.401 13.467  1.00 18.56 ? 52 G   A "O2'" 1 
ATOM   1129 C "C1'" . G   A 1 53 ? 1.477   -18.719 11.819  1.00 16.85 ? 52 G   A "C1'" 1 
ATOM   1130 N N9    . G   A 1 53 ? 0.876   -17.500 11.293  1.00 16.38 ? 52 G   A N9    1 
ATOM   1131 C C8    . G   A 1 53 ? 0.898   -17.065 9.994   1.00 16.29 ? 52 G   A C8    1 
ATOM   1132 N N7    . G   A 1 53 ? 0.249   -15.949 9.827   1.00 16.31 ? 52 G   A N7    1 
ATOM   1133 C C5    . G   A 1 53 ? -0.237  -15.632 11.085  1.00 15.97 ? 52 G   A C5    1 
ATOM   1134 C C6    . G   A 1 53 ? -1.017  -14.533 11.516  1.00 16.05 ? 52 G   A C6    1 
ATOM   1135 O O6    . G   A 1 53 ? -1.447  -13.601 10.840  1.00 16.43 ? 52 G   A O6    1 
ATOM   1136 N N1    . G   A 1 53 ? -1.305  -14.567 12.873  1.00 16.03 ? 52 G   A N1    1 
ATOM   1137 C C2    . G   A 1 53 ? -0.882  -15.561 13.710  1.00 16.26 ? 52 G   A C2    1 
ATOM   1138 N N2    . G   A 1 53 ? -1.254  -15.443 14.987  1.00 16.33 ? 52 G   A N2    1 
ATOM   1139 N N3    . G   A 1 53 ? -0.154  -16.601 13.323  1.00 16.21 ? 52 G   A N3    1 
ATOM   1140 C C4    . G   A 1 53 ? 0.136   -16.577 12.000  1.00 16.02 ? 52 G   A C4    1 
ATOM   1141 P P     . G   A 1 54 ? -2.225  -21.820 11.265  1.00 16.34 ? 53 G   A P     1 
ATOM   1142 O OP1   . G   A 1 54 ? -2.377  -23.274 11.491  1.00 17.03 ? 53 G   A OP1   1 
ATOM   1143 O OP2   . G   A 1 54 ? -2.486  -21.253 9.922   1.00 17.31 ? 53 G   A OP2   1 
ATOM   1144 O "O5'" . G   A 1 54 ? -3.124  -21.003 12.315  1.00 14.47 ? 53 G   A "O5'" 1 
ATOM   1145 C "C5'" . G   A 1 54 ? -2.996  -21.268 13.704  1.00 12.51 ? 53 G   A "C5'" 1 
ATOM   1146 C "C4'" . G   A 1 54 ? -3.443  -20.092 14.541  1.00 11.05 ? 53 G   A "C4'" 1 
ATOM   1147 O "O4'" . G   A 1 54 ? -2.830  -18.890 14.040  1.00 10.88 ? 53 G   A "O4'" 1 
ATOM   1148 C "C3'" . G   A 1 54 ? -4.898  -19.733 14.379  1.00 11.21 ? 53 G   A "C3'" 1 
ATOM   1149 O "O3'" . G   A 1 54 ? -5.727  -20.667 15.031  1.00 11.86 ? 53 G   A "O3'" 1 
ATOM   1150 C "C2'" . G   A 1 54 ? -4.966  -18.307 14.928  1.00 10.39 ? 53 G   A "C2'" 1 
ATOM   1151 O "O2'" . G   A 1 54 ? -4.960  -18.175 16.335  1.00 9.47  ? 53 G   A "O2'" 1 
ATOM   1152 C "C1'" . G   A 1 54 ? -3.655  -17.784 14.370  1.00 9.70  ? 53 G   A "C1'" 1 
ATOM   1153 N N9    . G   A 1 54 ? -3.801  -16.915 13.208  1.00 9.37  ? 53 G   A N9    1 
ATOM   1154 C C8    . G   A 1 54 ? -3.255  -17.070 11.955  1.00 9.22  ? 53 G   A C8    1 
ATOM   1155 N N7    . G   A 1 54 ? -3.557  -16.101 11.138  1.00 9.21  ? 53 G   A N7    1 
ATOM   1156 C C5    . G   A 1 54 ? -4.346  -15.254 11.904  1.00 9.22  ? 53 G   A C5    1 
ATOM   1157 C C6    . G   A 1 54 ? -4.972  -14.033 11.568  1.00 9.36  ? 53 G   A C6    1 
ATOM   1158 O O6    . G   A 1 54 ? -4.938  -13.460 10.472  1.00 9.55  ? 53 G   A O6    1 
ATOM   1159 N N1    . G   A 1 54 ? -5.688  -13.483 12.638  1.00 9.03  ? 53 G   A N1    1 
ATOM   1160 C C2    . G   A 1 54 ? -5.778  -14.063 13.884  1.00 9.10  ? 53 G   A C2    1 
ATOM   1161 N N2    . G   A 1 54 ? -6.499  -13.424 14.813  1.00 9.29  ? 53 G   A N2    1 
ATOM   1162 N N3    . G   A 1 54 ? -5.198  -15.208 14.211  1.00 9.13  ? 53 G   A N3    1 
ATOM   1163 C C4    . G   A 1 54 ? -4.505  -15.742 13.177  1.00 9.11  ? 53 G   A C4    1 
HETATM 1164 N N1    . 5MU A 1 55 ? -8.671  -15.922 13.597  1.00 6.60  ? 54 5MU A N1    1 
HETATM 1165 C C2    . 5MU A 1 55 ? -9.137  -14.785 12.898  1.00 6.24  ? 54 5MU A C2    1 
HETATM 1166 N N3    . 5MU A 1 55 ? -8.802  -14.611 11.611  1.00 5.92  ? 54 5MU A N3    1 
HETATM 1167 C C4    . 5MU A 1 55 ? -8.030  -15.494 10.968  1.00 5.80  ? 54 5MU A C4    1 
HETATM 1168 C C5    . 5MU A 1 55 ? -7.554  -16.603 11.623  1.00 6.02  ? 54 5MU A C5    1 
HETATM 1169 C C5M   . 5MU A 1 55 ? -6.689  -17.592 10.902  1.00 6.45  ? 54 5MU A C5M   1 
HETATM 1170 C C6    . 5MU A 1 55 ? -7.890  -16.808 12.953  1.00 6.94  ? 54 5MU A C6    1 
HETATM 1171 O O2    . 5MU A 1 55 ? -9.858  -13.944 13.480  1.00 6.21  ? 54 5MU A O2    1 
HETATM 1172 O O4    . 5MU A 1 55 ? -7.727  -15.321 9.775   1.00 6.01  ? 54 5MU A O4    1 
HETATM 1173 C "C1'" . 5MU A 1 55 ? -9.024  -16.141 15.005  1.00 6.84  ? 54 5MU A "C1'" 1 
HETATM 1174 C "C2'" . 5MU A 1 55 ? -10.448 -16.674 15.044  1.00 8.28  ? 54 5MU A "C2'" 1 
HETATM 1175 O "O2'" . 5MU A 1 55 ? -11.102 -16.182 16.216  1.00 9.14  ? 54 5MU A "O2'" 1 
HETATM 1176 C "C3'" . 5MU A 1 55 ? -10.245 -18.152 15.232  1.00 9.26  ? 54 5MU A "C3'" 1 
HETATM 1177 C "C4'" . 5MU A 1 55 ? -8.995  -18.227 16.075  1.00 8.16  ? 54 5MU A "C4'" 1 
HETATM 1178 O "O3'" . 5MU A 1 55 ? -11.366 -18.786 15.849  1.00 11.13 ? 54 5MU A "O3'" 1 
HETATM 1179 O "O4'" . 5MU A 1 55 ? -8.195  -17.183 15.539  1.00 7.74  ? 54 5MU A "O4'" 1 
HETATM 1180 C "C5'" . 5MU A 1 55 ? -8.291  -19.553 15.935  1.00 8.03  ? 54 5MU A "C5'" 1 
HETATM 1181 O "O5'" . 5MU A 1 55 ? -8.009  -19.807 14.567  1.00 9.37  ? 54 5MU A "O5'" 1 
HETATM 1182 P P     . 5MU A 1 55 ? -7.063  -21.072 14.243  1.00 11.89 ? 54 5MU A P     1 
HETATM 1183 O OP1   . 5MU A 1 55 ? -7.606  -22.323 14.906  1.00 11.37 ? 54 5MU A OP1   1 
HETATM 1184 O OP2   . 5MU A 1 55 ? -6.748  -21.090 12.757  1.00 11.89 ? 54 5MU A OP2   1 
HETATM 1185 N N1    . PSU A 1 56 ? -10.478 -17.949 10.312  1.00 11.15 ? 55 PSU A N1    1 
HETATM 1186 C C2    . PSU A 1 56 ? -10.205 -17.394 9.132   1.00 10.81 ? 55 PSU A C2    1 
HETATM 1187 N N3    . PSU A 1 56 ? -10.902 -16.329 8.697   1.00 10.90 ? 55 PSU A N3    1 
HETATM 1188 C C4    . PSU A 1 56 ? -11.889 -15.799 9.435   1.00 10.77 ? 55 PSU A C4    1 
HETATM 1189 C C5    . PSU A 1 56 ? -12.184 -16.373 10.664  1.00 10.53 ? 55 PSU A C5    1 
HETATM 1190 C C6    . PSU A 1 56 ? -11.446 -17.466 11.087  1.00 10.63 ? 55 PSU A C6    1 
HETATM 1191 O O2    . PSU A 1 56 ? -9.283  -17.889 8.449   1.00 11.03 ? 55 PSU A O2    1 
HETATM 1192 O O4    . PSU A 1 56 ? -12.525 -14.807 9.004   1.00 10.80 ? 55 PSU A O4    1 
HETATM 1193 C "C1'" . PSU A 1 56 ? -13.261 -15.872 11.542  1.00 10.14 ? 55 PSU A "C1'" 1 
HETATM 1194 C "C2'" . PSU A 1 56 ? -14.580 -16.455 11.042  1.00 9.91  ? 55 PSU A "C2'" 1 
HETATM 1195 O "O2'" . PSU A 1 56 ? -15.636 -15.539 11.363  1.00 9.27  ? 55 PSU A "O2'" 1 
HETATM 1196 C "C3'" . PSU A 1 56 ? -14.744 -17.688 11.901  1.00 10.46 ? 55 PSU A "C3'" 1 
HETATM 1197 C "C4'" . PSU A 1 56 ? -14.186 -17.200 13.205  1.00 10.37 ? 55 PSU A "C4'" 1 
HETATM 1198 O "O3'" . PSU A 1 56 ? -16.103 -18.098 12.066  1.00 11.80 ? 55 PSU A "O3'" 1 
HETATM 1199 O "O4'" . PSU A 1 56 ? -13.038 -16.452 12.827  1.00 10.14 ? 55 PSU A "O4'" 1 
HETATM 1200 C "C5'" . PSU A 1 56 ? -13.923 -18.318 14.185  1.00 10.29 ? 55 PSU A "C5'" 1 
HETATM 1201 O "O5'" . PSU A 1 56 ? -12.749 -19.015 13.826  1.00 11.13 ? 55 PSU A "O5'" 1 
HETATM 1202 P P     . PSU A 1 56 ? -12.064 -19.927 14.968  1.00 12.47 ? 55 PSU A P     1 
HETATM 1203 O OP1   . PSU A 1 56 ? -13.152 -20.564 15.814  1.00 12.38 ? 55 PSU A OP1   1 
HETATM 1204 O OP2   . PSU A 1 56 ? -10.995 -20.796 14.311  1.00 11.40 ? 55 PSU A OP2   1 
ATOM   1205 P P     . C   A 1 57 ? -16.490 -19.557 11.531  1.00 12.13 ? 56 C   A P     1 
ATOM   1206 O OP1   . C   A 1 57 ? -17.947 -19.556 11.297  1.00 11.79 ? 56 C   A OP1   1 
ATOM   1207 O OP2   . C   A 1 57 ? -15.847 -20.593 12.377  1.00 11.95 ? 56 C   A OP2   1 
ATOM   1208 O "O5'" . C   A 1 57 ? -15.716 -19.586 10.128  1.00 12.69 ? 56 C   A "O5'" 1 
ATOM   1209 C "C5'" . C   A 1 57 ? -16.010 -20.571 9.152   1.00 11.61 ? 56 C   A "C5'" 1 
ATOM   1210 C "C4'" . C   A 1 57 ? -16.629 -19.970 7.909   1.00 10.13 ? 56 C   A "C4'" 1 
ATOM   1211 O "O4'" . C   A 1 57 ? -17.842 -19.279 8.227   1.00 10.03 ? 56 C   A "O4'" 1 
ATOM   1212 C "C3'" . C   A 1 57 ? -15.854 -18.826 7.317   1.00 11.33 ? 56 C   A "C3'" 1 
ATOM   1213 O "O3'" . C   A 1 57 ? -14.713 -19.343 6.672   1.00 11.54 ? 56 C   A "O3'" 1 
ATOM   1214 C "C2'" . C   A 1 57 ? -16.884 -18.295 6.343   1.00 11.35 ? 56 C   A "C2'" 1 
ATOM   1215 O "O2'" . C   A 1 57 ? -17.036 -19.121 5.221   1.00 12.66 ? 56 C   A "O2'" 1 
ATOM   1216 C "C1'" . C   A 1 57 ? -18.146 -18.389 7.173   1.00 11.21 ? 56 C   A "C1'" 1 
ATOM   1217 N N1    . C   A 1 57 ? -18.489 -17.091 7.752   1.00 11.90 ? 56 C   A N1    1 
ATOM   1218 C C2    . C   A 1 57 ? -18.529 -15.938 6.948   1.00 12.40 ? 56 C   A C2    1 
ATOM   1219 O O2    . C   A 1 57 ? -18.275 -16.035 5.745   1.00 13.38 ? 56 C   A O2    1 
ATOM   1220 N N3    . C   A 1 57 ? -18.849 -14.743 7.508   1.00 12.10 ? 56 C   A N3    1 
ATOM   1221 C C4    . C   A 1 57 ? -19.108 -14.702 8.818   1.00 12.37 ? 56 C   A C4    1 
ATOM   1222 N N4    . C   A 1 57 ? -19.413 -13.531 9.366   1.00 12.34 ? 56 C   A N4    1 
ATOM   1223 C C5    . C   A 1 57 ? -19.071 -15.863 9.656   1.00 12.94 ? 56 C   A C5    1 
ATOM   1224 C C6    . C   A 1 57 ? -18.756 -17.028 9.087   1.00 12.14 ? 56 C   A C6    1 
ATOM   1225 P P     . A   A 1 58 ? -13.276 -18.835 7.141   1.00 10.30 ? 57 A   A P     1 
ATOM   1226 O OP1   . A   A 1 58 ? -12.294 -19.752 6.531   1.00 10.75 ? 57 A   A OP1   1 
ATOM   1227 O OP2   . A   A 1 58 ? -13.275 -18.576 8.607   1.00 10.04 ? 57 A   A OP2   1 
ATOM   1228 O "O5'" . A   A 1 58 ? -13.208 -17.446 6.378   1.00 9.36  ? 57 A   A "O5'" 1 
ATOM   1229 C "C5'" . A   A 1 58 ? -13.496 -17.425 5.007   1.00 7.91  ? 57 A   A "C5'" 1 
ATOM   1230 C "C4'" . A   A 1 58 ? -13.773 -16.001 4.647   1.00 7.66  ? 57 A   A "C4'" 1 
ATOM   1231 O "O4'" . A   A 1 58 ? -15.000 -15.621 5.295   1.00 7.84  ? 57 A   A "O4'" 1 
ATOM   1232 C "C3'" . A   A 1 58 ? -12.757 -15.034 5.210   1.00 7.79  ? 57 A   A "C3'" 1 
ATOM   1233 O "O3'" . A   A 1 58 ? -11.607 -14.975 4.376   1.00 9.54  ? 57 A   A "O3'" 1 
ATOM   1234 C "C2'" . A   A 1 58 ? -13.560 -13.757 5.129   1.00 7.52  ? 57 A   A "C2'" 1 
ATOM   1235 O "O2'" . A   A 1 58 ? -13.514 -13.247 3.822   1.00 7.27  ? 57 A   A "O2'" 1 
ATOM   1236 C "C1'" . A   A 1 58 ? -14.969 -14.219 5.471   1.00 9.29  ? 57 A   A "C1'" 1 
ATOM   1237 N N9    . A   A 1 58 ? -15.332 -13.893 6.843   1.00 9.97  ? 57 A   A N9    1 
ATOM   1238 C C8    . A   A 1 58 ? -15.380 -14.738 7.914   1.00 10.48 ? 57 A   A C8    1 
ATOM   1239 N N7    . A   A 1 58 ? -15.727 -14.150 9.029   1.00 10.43 ? 57 A   A N7    1 
ATOM   1240 C C5    . A   A 1 58 ? -15.923 -12.834 8.666   1.00 10.37 ? 57 A   A C5    1 
ATOM   1241 C C6    . A   A 1 58 ? -16.313 -11.689 9.392   1.00 10.62 ? 57 A   A C6    1 
ATOM   1242 N N6    . A   A 1 58 ? -16.578 -11.724 10.699  1.00 10.82 ? 57 A   A N6    1 
ATOM   1243 N N1    . A   A 1 58 ? -16.426 -10.506 8.742   1.00 10.29 ? 57 A   A N1    1 
ATOM   1244 C C2    . A   A 1 58 ? -16.143 -10.500 7.436   1.00 10.57 ? 57 A   A C2    1 
ATOM   1245 N N3    . A   A 1 58 ? -15.779 -11.514 6.642   1.00 11.04 ? 57 A   A N3    1 
ATOM   1246 C C4    . A   A 1 58 ? -15.684 -12.661 7.323   1.00 10.24 ? 57 A   A C4    1 
ATOM   1247 P P     . A   A 1 59 ? -10.135 -14.742 4.992   1.00 11.52 ? 58 A   A P     1 
ATOM   1248 O OP1   . A   A 1 59 ? -9.203  -14.627 3.856   1.00 11.38 ? 58 A   A OP1   1 
ATOM   1249 O OP2   . A   A 1 59 ? -9.854  -15.733 6.052   1.00 11.36 ? 58 A   A OP2   1 
ATOM   1250 O "O5'" . A   A 1 59 ? -10.248 -13.322 5.713   1.00 11.50 ? 58 A   A "O5'" 1 
ATOM   1251 C "C5'" . A   A 1 59 ? -10.634 -12.194 4.939   1.00 11.78 ? 58 A   A "C5'" 1 
ATOM   1252 C "C4'" . A   A 1 59 ? -9.739  -11.005 5.195   1.00 11.26 ? 58 A   A "C4'" 1 
ATOM   1253 O "O4'" . A   A 1 59 ? -9.833  -10.555 6.571   1.00 10.80 ? 58 A   A "O4'" 1 
ATOM   1254 C "C3'" . A   A 1 59 ? -8.275  -11.284 4.957   1.00 10.46 ? 58 A   A "C3'" 1 
ATOM   1255 O "O3'" . A   A 1 59 ? -7.794  -10.075 4.548   1.00 11.30 ? 58 A   A "O3'" 1 
ATOM   1256 C "C2'" . A   A 1 59 ? -7.777  -11.614 6.353   1.00 9.91  ? 58 A   A "C2'" 1 
ATOM   1257 O "O2'" . A   A 1 59 ? -6.407  -11.373 6.514   1.00 8.88  ? 58 A   A "O2'" 1 
ATOM   1258 C "C1'" . A   A 1 59 ? -8.558  -10.607 7.163   1.00 9.91  ? 58 A   A "C1'" 1 
ATOM   1259 N N9    . A   A 1 59 ? -8.870  -11.048 8.489   1.00 10.05 ? 58 A   A N9    1 
ATOM   1260 C C8    . A   A 1 59 ? -8.720  -12.283 9.052   1.00 10.28 ? 58 A   A C8    1 
ATOM   1261 N N7    . A   A 1 59 ? -9.138  -12.346 10.293  1.00 9.94  ? 58 A   A N7    1 
ATOM   1262 C C5    . A   A 1 59 ? -9.608  -11.073 10.529  1.00 9.79  ? 58 A   A C5    1 
ATOM   1263 C C6    . A   A 1 59 ? -10.178 -10.482 11.655  1.00 9.62  ? 58 A   A C6    1 
ATOM   1264 N N6    . A   A 1 59 ? -10.367 -11.145 12.788  1.00 10.09 ? 58 A   A N6    1 
ATOM   1265 N N1    . A   A 1 59 ? -10.536 -9.186  11.570  1.00 10.19 ? 58 A   A N1    1 
ATOM   1266 C C2    . A   A 1 59 ? -10.314 -8.521  10.422  1.00 10.27 ? 58 A   A C2    1 
ATOM   1267 N N3    . A   A 1 59 ? -9.778  -8.966  9.287   1.00 9.92  ? 58 A   A N3    1 
ATOM   1268 C C4    . A   A 1 59 ? -9.452  -10.260 9.425   1.00 10.05 ? 58 A   A C4    1 
ATOM   1269 P P     . A   A 1 60 ? -6.856  -9.953  3.278   1.00 13.02 ? 59 A   A P     1 
ATOM   1270 O OP1   . A   A 1 60 ? -7.626  -9.134  2.310   1.00 13.82 ? 59 A   A OP1   1 
ATOM   1271 O OP2   . A   A 1 60 ? -6.276  -11.263 2.881   1.00 12.91 ? 59 A   A OP2   1 
ATOM   1272 O "O5'" . A   A 1 60 ? -5.678  -9.104  3.935   1.00 12.32 ? 59 A   A "O5'" 1 
ATOM   1273 C "C5'" . A   A 1 60 ? -4.710  -8.474  3.159   1.00 12.53 ? 59 A   A "C5'" 1 
ATOM   1274 C "C4'" . A   A 1 60 ? -4.006  -7.449  4.021   1.00 13.05 ? 59 A   A "C4'" 1 
ATOM   1275 O "O4'" . A   A 1 60 ? -4.102  -6.206  3.300   1.00 13.74 ? 59 A   A "O4'" 1 
ATOM   1276 C "C3'" . A   A 1 60 ? -4.611  -7.158  5.398   1.00 13.04 ? 59 A   A "C3'" 1 
ATOM   1277 O "O3'" . A   A 1 60 ? -3.932  -7.868  6.424   1.00 13.44 ? 59 A   A "O3'" 1 
ATOM   1278 C "C2'" . A   A 1 60 ? -4.351  -5.671  5.563   1.00 12.66 ? 59 A   A "C2'" 1 
ATOM   1279 O "O2'" . A   A 1 60 ? -3.025  -5.394  5.929   1.00 12.17 ? 59 A   A "O2'" 1 
ATOM   1280 C "C1'" . A   A 1 60 ? -4.561  -5.183  4.154   1.00 13.29 ? 59 A   A "C1'" 1 
ATOM   1281 N N9    . A   A 1 60 ? -5.961  -4.919  3.897   1.00 13.24 ? 59 A   A N9    1 
ATOM   1282 C C8    . A   A 1 60 ? -6.834  -5.623  3.127   1.00 13.06 ? 59 A   A C8    1 
ATOM   1283 N N7    . A   A 1 60 ? -8.031  -5.100  3.112   1.00 13.16 ? 59 A   A N7    1 
ATOM   1284 C C5    . A   A 1 60 ? -7.923  -3.997  3.930   1.00 12.74 ? 59 A   A C5    1 
ATOM   1285 C C6    . A   A 1 60 ? -8.836  -3.014  4.324   1.00 13.03 ? 59 A   A C6    1 
ATOM   1286 N N6    . A   A 1 60 ? -10.109 -3.008  3.936   1.00 13.88 ? 59 A   A N6    1 
ATOM   1287 N N1    . A   A 1 60 ? -8.406  -2.043  5.141   1.00 13.07 ? 59 A   A N1    1 
ATOM   1288 C C2    . A   A 1 60 ? -7.132  -2.052  5.540   1.00 13.28 ? 59 A   A C2    1 
ATOM   1289 N N3    . A   A 1 60 ? -6.176  -2.918  5.238   1.00 13.24 ? 59 A   A N3    1 
ATOM   1290 C C4    . A   A 1 60 ? -6.653  -3.870  4.424   1.00 13.05 ? 59 A   A C4    1 
ATOM   1291 P P     . U   A 1 61 ? -4.623  -8.158  7.834   1.00 12.80 ? 60 U   A P     1 
ATOM   1292 O OP1   . U   A 1 61 ? -3.584  -8.470  8.839   1.00 13.24 ? 60 U   A OP1   1 
ATOM   1293 O OP2   . U   A 1 61 ? -5.634  -9.185  7.535   1.00 13.84 ? 60 U   A OP2   1 
ATOM   1294 O "O5'" . U   A 1 61 ? -5.398  -6.802  8.209   1.00 12.94 ? 60 U   A "O5'" 1 
ATOM   1295 C "C5'" . U   A 1 61 ? -4.798  -5.774  8.974   1.00 14.37 ? 60 U   A "C5'" 1 
ATOM   1296 C "C4'" . U   A 1 61 ? -5.831  -4.709  9.285   1.00 16.57 ? 60 U   A "C4'" 1 
ATOM   1297 O "O4'" . U   A 1 61 ? -6.709  -4.490  8.153   1.00 18.20 ? 60 U   A "O4'" 1 
ATOM   1298 C "C3'" . U   A 1 61 ? -6.765  -5.047  10.434  1.00 17.38 ? 60 U   A "C3'" 1 
ATOM   1299 O "O3'" . U   A 1 61 ? -6.976  -3.891  11.224  1.00 15.84 ? 60 U   A "O3'" 1 
ATOM   1300 C "C2'" . U   A 1 61 ? -8.028  -5.517  9.740   1.00 18.67 ? 60 U   A "C2'" 1 
ATOM   1301 O "O2'" . U   A 1 61 ? -9.176  -5.310  10.524  1.00 21.92 ? 60 U   A "O2'" 1 
ATOM   1302 C "C1'" . U   A 1 61 ? -8.052  -4.580  8.555   1.00 18.48 ? 60 U   A "C1'" 1 
ATOM   1303 N N1    . U   A 1 61 ? -8.796  -5.164  7.439   1.00 18.54 ? 60 U   A N1    1 
ATOM   1304 C C2    . U   A 1 61 ? -9.989  -4.589  7.024   1.00 18.93 ? 60 U   A C2    1 
ATOM   1305 O O2    . U   A 1 61 ? -10.492 -3.594  7.525   1.00 18.83 ? 60 U   A O2    1 
ATOM   1306 N N3    . U   A 1 61 ? -10.589 -5.233  5.968   1.00 19.15 ? 60 U   A N3    1 
ATOM   1307 C C4    . U   A 1 61 ? -10.120 -6.360  5.308   1.00 18.99 ? 60 U   A C4    1 
ATOM   1308 O O4    . U   A 1 61 ? -10.761 -6.829  4.370   1.00 18.84 ? 60 U   A O4    1 
ATOM   1309 C C5    . U   A 1 61 ? -8.871  -6.888  5.808   1.00 18.85 ? 60 U   A C5    1 
ATOM   1310 C C6    . U   A 1 61 ? -8.267  -6.285  6.832   1.00 17.99 ? 60 U   A C6    1 
ATOM   1311 P P     . C   A 1 62 ? -6.003  -3.719  12.481  1.00 14.91 ? 61 C   A P     1 
ATOM   1312 O OP1   . C   A 1 62 ? -6.346  -2.429  13.121  1.00 14.20 ? 61 C   A OP1   1 
ATOM   1313 O OP2   . C   A 1 62 ? -4.612  -4.007  12.063  1.00 13.29 ? 61 C   A OP2   1 
ATOM   1314 O "O5'" . C   A 1 62 ? -6.444  -4.938  13.420  1.00 14.11 ? 61 C   A "O5'" 1 
ATOM   1315 C "C5'" . C   A 1 62 ? -7.710  -4.928  14.067  1.00 14.28 ? 61 C   A "C5'" 1 
ATOM   1316 C "C4'" . C   A 1 62 ? -7.826  -6.106  15.020  1.00 14.98 ? 61 C   A "C4'" 1 
ATOM   1317 O "O4'" . C   A 1 62 ? -8.607  -7.149  14.374  1.00 15.00 ? 61 C   A "O4'" 1 
ATOM   1318 C "C3'" . C   A 1 62 ? -6.517  -6.782  15.416  1.00 15.20 ? 61 C   A "C3'" 1 
ATOM   1319 O "O3'" . C   A 1 62 ? -6.006  -6.245  16.626  1.00 16.67 ? 61 C   A "O3'" 1 
ATOM   1320 C "C2'" . C   A 1 62 ? -6.966  -8.206  15.669  1.00 14.16 ? 61 C   A "C2'" 1 
ATOM   1321 O "O2'" . C   A 1 62 ? -7.503  -8.301  16.966  1.00 15.06 ? 61 C   A "O2'" 1 
ATOM   1322 C "C1'" . C   A 1 62 ? -8.046  -8.415  14.625  1.00 13.02 ? 61 C   A "C1'" 1 
ATOM   1323 N N1    . C   A 1 62 ? -7.532  -8.990  13.362  1.00 12.15 ? 61 C   A N1    1 
ATOM   1324 C C2    . C   A 1 62 ? -7.205  -10.352 13.343  1.00 12.65 ? 61 C   A C2    1 
ATOM   1325 O O2    . C   A 1 62 ? -7.348  -11.031 14.367  1.00 13.07 ? 61 C   A O2    1 
ATOM   1326 N N3    . C   A 1 62 ? -6.732  -10.908 12.202  1.00 12.61 ? 61 C   A N3    1 
ATOM   1327 C C4    . C   A 1 62 ? -6.592  -10.149 11.115  1.00 12.51 ? 61 C   A C4    1 
ATOM   1328 N N4    . C   A 1 62 ? -6.134  -10.763 10.021  1.00 12.66 ? 61 C   A N4    1 
ATOM   1329 C C5    . C   A 1 62 ? -6.927  -8.753  11.105  1.00 11.90 ? 61 C   A C5    1 
ATOM   1330 C C6    . C   A 1 62 ? -7.386  -8.219  12.240  1.00 11.27 ? 61 C   A C6    1 
ATOM   1331 P P     . C   A 1 63 ? -4.478  -6.468  17.060  1.00 17.93 ? 62 C   A P     1 
ATOM   1332 O OP1   . C   A 1 63 ? -4.253  -5.563  18.206  1.00 19.10 ? 62 C   A OP1   1 
ATOM   1333 O OP2   . C   A 1 63 ? -3.585  -6.365  15.885  1.00 18.25 ? 62 C   A OP2   1 
ATOM   1334 O "O5'" . C   A 1 63 ? -4.420  -7.994  17.512  1.00 17.75 ? 62 C   A "O5'" 1 
ATOM   1335 C "C5'" . C   A 1 63 ? -4.838  -8.392  18.796  1.00 18.36 ? 62 C   A "C5'" 1 
ATOM   1336 C "C4'" . C   A 1 63 ? -4.438  -9.835  18.982  1.00 18.86 ? 62 C   A "C4'" 1 
ATOM   1337 O "O4'" . C   A 1 63 ? -5.000  -10.622 17.906  1.00 18.44 ? 62 C   A "O4'" 1 
ATOM   1338 C "C3'" . C   A 1 63 ? -2.951  -10.095 18.843  1.00 19.33 ? 62 C   A "C3'" 1 
ATOM   1339 O "O3'" . C   A 1 63 ? -2.258  -9.788  20.043  1.00 19.61 ? 62 C   A "O3'" 1 
ATOM   1340 C "C2'" . C   A 1 63 ? -2.953  -11.586 18.556  1.00 19.28 ? 62 C   A "C2'" 1 
ATOM   1341 O "O2'" . C   A 1 63 ? -3.219  -12.343 19.718  1.00 20.15 ? 62 C   A "O2'" 1 
ATOM   1342 C "C1'" . C   A 1 63 ? -4.131  -11.696 17.602  1.00 18.78 ? 62 C   A "C1'" 1 
ATOM   1343 N N1    . C   A 1 63 ? -3.786  -11.653 16.150  1.00 18.79 ? 62 C   A N1    1 
ATOM   1344 C C2    . C   A 1 63 ? -3.049  -12.687 15.533  1.00 19.20 ? 62 C   A C2    1 
ATOM   1345 O O2    . C   A 1 63 ? -2.652  -13.658 16.189  1.00 19.74 ? 62 C   A O2    1 
ATOM   1346 N N3    . C   A 1 63 ? -2.775  -12.608 14.207  1.00 18.91 ? 62 C   A N3    1 
ATOM   1347 C C4    . C   A 1 63 ? -3.213  -11.557 13.513  1.00 19.09 ? 62 C   A C4    1 
ATOM   1348 N N4    . C   A 1 63 ? -2.927  -11.504 12.212  1.00 19.76 ? 62 C   A N4    1 
ATOM   1349 C C5    . C   A 1 63 ? -3.959  -10.500 14.108  1.00 19.07 ? 62 C   A C5    1 
ATOM   1350 C C6    . C   A 1 63 ? -4.222  -10.592 15.412  1.00 18.74 ? 62 C   A C6    1 
ATOM   1351 P P     . G   A 1 64 ? -0.755  -9.264  19.921  1.00 20.09 ? 63 G   A P     1 
ATOM   1352 O OP1   . G   A 1 64 ? -0.372  -8.831  21.280  1.00 21.38 ? 63 G   A OP1   1 
ATOM   1353 O OP2   . G   A 1 64 ? -0.681  -8.313  18.787  1.00 20.33 ? 63 G   A OP2   1 
ATOM   1354 O "O5'" . G   A 1 64 ? 0.118   -10.543 19.534  1.00 19.62 ? 63 G   A "O5'" 1 
ATOM   1355 C "C5'" . G   A 1 64 ? 0.215   -11.606 20.465  1.00 19.54 ? 63 G   A "C5'" 1 
ATOM   1356 C "C4'" . G   A 1 64 ? 0.801   -12.822 19.795  1.00 19.50 ? 63 G   A "C4'" 1 
ATOM   1357 O "O4'" . G   A 1 64 ? 0.130   -13.051 18.547  1.00 19.00 ? 63 G   A "O4'" 1 
ATOM   1358 C "C3'" . G   A 1 64 ? 2.219   -12.633 19.317  1.00 20.01 ? 63 G   A "C3'" 1 
ATOM   1359 O "O3'" . G   A 1 64 ? 3.114   -12.716 20.394  1.00 21.30 ? 63 G   A "O3'" 1 
ATOM   1360 C "C2'" . G   A 1 64 ? 2.377   -13.769 18.317  1.00 19.44 ? 63 G   A "C2'" 1 
ATOM   1361 O "O2'" . G   A 1 64 ? 2.760   -15.004 18.881  1.00 19.42 ? 63 G   A "O2'" 1 
ATOM   1362 C "C1'" . G   A 1 64 ? 0.966   -13.865 17.755  1.00 19.25 ? 63 G   A "C1'" 1 
ATOM   1363 N N9    . G   A 1 64 ? 0.936   -13.322 16.417  1.00 19.20 ? 63 G   A N9    1 
ATOM   1364 C C8    . G   A 1 64 ? 0.316   -12.168 16.029  1.00 19.26 ? 63 G   A C8    1 
ATOM   1365 N N7    . G   A 1 64 ? 0.464   -11.923 14.761  1.00 19.61 ? 63 G   A N7    1 
ATOM   1366 C C5    . G   A 1 64 ? 1.229   -12.977 14.290  1.00 19.19 ? 63 G   A C5    1 
ATOM   1367 C C6    . G   A 1 64 ? 1.702   -13.240 12.992  1.00 19.28 ? 63 G   A C6    1 
ATOM   1368 O O6    . G   A 1 64 ? 1.527   -12.561 11.973  1.00 19.71 ? 63 G   A O6    1 
ATOM   1369 N N1    . G   A 1 64 ? 2.437   -14.415 12.930  1.00 19.11 ? 63 G   A N1    1 
ATOM   1370 C C2    . G   A 1 64 ? 2.688   -15.227 14.000  1.00 19.27 ? 63 G   A C2    1 
ATOM   1371 N N2    . G   A 1 64 ? 3.422   -16.316 13.751  1.00 19.69 ? 63 G   A N2    1 
ATOM   1372 N N3    . G   A 1 64 ? 2.254   -14.990 15.226  1.00 19.18 ? 63 G   A N3    1 
ATOM   1373 C C4    . G   A 1 64 ? 1.533   -13.849 15.297  1.00 19.04 ? 63 G   A C4    1 
ATOM   1374 P P     . G   A 1 65 ? 4.338   -11.694 20.379  1.00 22.73 ? 64 G   A P     1 
ATOM   1375 O OP1   . G   A 1 65 ? 4.811   -11.624 21.783  1.00 22.84 ? 64 G   A OP1   1 
ATOM   1376 O OP2   . G   A 1 65 ? 3.928   -10.456 19.670  1.00 22.61 ? 64 G   A OP2   1 
ATOM   1377 O "O5'" . G   A 1 65 ? 5.411   -12.428 19.434  1.00 22.01 ? 64 G   A "O5'" 1 
ATOM   1378 C "C5'" . G   A 1 65 ? 5.876   -13.711 19.806  1.00 21.47 ? 64 G   A "C5'" 1 
ATOM   1379 C "C4'" . G   A 1 65 ? 6.498   -14.443 18.639  1.00 21.27 ? 64 G   A "C4'" 1 
ATOM   1380 O "O4'" . G   A 1 65 ? 5.526   -14.754 17.623  1.00 20.88 ? 64 G   A "O4'" 1 
ATOM   1381 C "C3'" . G   A 1 65 ? 7.544   -13.691 17.842  1.00 21.87 ? 64 G   A "C3'" 1 
ATOM   1382 O "O3'" . G   A 1 65 ? 8.737   -13.577 18.601  1.00 22.57 ? 64 G   A "O3'" 1 
ATOM   1383 C "C2'" . G   A 1 65 ? 7.696   -14.681 16.694  1.00 21.77 ? 64 G   A "C2'" 1 
ATOM   1384 O "O2'" . G   A 1 65 ? 8.422   -15.849 17.045  1.00 22.69 ? 64 G   A "O2'" 1 
ATOM   1385 C "C1'" . G   A 1 65 ? 6.234   -15.023 16.426  1.00 20.99 ? 64 G   A "C1'" 1 
ATOM   1386 N N9    . G   A 1 65 ? 5.706   -14.158 15.391  1.00 20.81 ? 64 G   A N9    1 
ATOM   1387 C C8    . G   A 1 65 ? 4.785   -13.163 15.588  1.00 20.92 ? 64 G   A C8    1 
ATOM   1388 N N7    . G   A 1 65 ? 4.480   -12.523 14.500  1.00 21.04 ? 64 G   A N7    1 
ATOM   1389 C C5    . G   A 1 65 ? 5.260   -13.123 13.526  1.00 20.78 ? 64 G   A C5    1 
ATOM   1390 C C6    . G   A 1 65 ? 5.343   -12.830 12.150  1.00 20.73 ? 64 G   A C6    1 
ATOM   1391 O O6    . G   A 1 65 ? 4.730   -11.959 11.523  1.00 20.82 ? 64 G   A O6    1 
ATOM   1392 N N1    . G   A 1 65 ? 6.243   -13.658 11.499  1.00 20.64 ? 64 G   A N1    1 
ATOM   1393 C C2    . G   A 1 65 ? 6.967   -14.650 12.103  1.00 20.67 ? 64 G   A C2    1 
ATOM   1394 N N2    . G   A 1 65 ? 7.776   -15.335 11.287  1.00 20.92 ? 64 G   A N2    1 
ATOM   1395 N N3    . G   A 1 65 ? 6.901   -14.941 13.398  1.00 20.45 ? 64 G   A N3    1 
ATOM   1396 C C4    . G   A 1 65 ? 6.026   -14.136 14.051  1.00 20.53 ? 64 G   A C4    1 
ATOM   1397 P P     . C   A 1 66 ? 9.814   -12.425 18.333  1.00 22.37 ? 65 C   A P     1 
ATOM   1398 O OP1   . C   A 1 66 ? 10.993  -12.812 19.141  1.00 22.58 ? 65 C   A OP1   1 
ATOM   1399 O OP2   . C   A 1 66 ? 9.162   -11.117 18.576  1.00 22.41 ? 65 C   A OP2   1 
ATOM   1400 O "O5'" . C   A 1 66 ? 10.155  -12.526 16.764  1.00 21.87 ? 65 C   A "O5'" 1 
ATOM   1401 C "C5'" . C   A 1 66 ? 11.308  -13.241 16.333  1.00 21.20 ? 65 C   A "C5'" 1 
ATOM   1402 C "C4'" . C   A 1 66 ? 11.306  -13.508 14.843  1.00 20.74 ? 65 C   A "C4'" 1 
ATOM   1403 O "O4'" . C   A 1 66 ? 9.950   -13.606 14.360  1.00 20.69 ? 65 C   A "O4'" 1 
ATOM   1404 C "C3'" . C   A 1 66 ? 11.887  -12.399 13.986  1.00 20.67 ? 65 C   A "C3'" 1 
ATOM   1405 O "O3'" . C   A 1 66 ? 13.294  -12.430 13.953  1.00 21.11 ? 65 C   A "O3'" 1 
ATOM   1406 C "C2'" . C   A 1 66 ? 11.312  -12.724 12.619  1.00 20.67 ? 65 C   A "C2'" 1 
ATOM   1407 O "O2'" . C   A 1 66 ? 11.986  -13.736 11.901  1.00 21.35 ? 65 C   A "O2'" 1 
ATOM   1408 C "C1'" . C   A 1 66 ? 9.921   -13.196 13.003  1.00 20.68 ? 65 C   A "C1'" 1 
ATOM   1409 N N1    . C   A 1 66 ? 8.973   -12.079 12.828  1.00 20.57 ? 65 C   A N1    1 
ATOM   1410 C C2    . C   A 1 66 ? 8.780   -11.549 11.542  1.00 20.50 ? 65 C   A C2    1 
ATOM   1411 O O2    . C   A 1 66 ? 9.397   -12.027 10.577  1.00 20.57 ? 65 C   A O2    1 
ATOM   1412 N N3    . C   A 1 66 ? 7.917   -10.514 11.396  1.00 20.44 ? 65 C   A N3    1 
ATOM   1413 C C4    . C   A 1 66 ? 7.282   -10.033 12.470  1.00 20.50 ? 65 C   A C4    1 
ATOM   1414 N N4    . C   A 1 66 ? 6.441   -9.022  12.289  1.00 20.83 ? 65 C   A N4    1 
ATOM   1415 C C5    . C   A 1 66 ? 7.470   -10.553 13.784  1.00 20.42 ? 65 C   A C5    1 
ATOM   1416 C C6    . C   A 1 66 ? 8.323   -11.570 13.916  1.00 20.43 ? 65 C   A C6    1 
ATOM   1417 P P     . C   A 1 67 ? 14.063  -11.032 13.860  1.00 21.76 ? 66 C   A P     1 
ATOM   1418 O OP1   . C   A 1 67 ? 15.478  -11.278 14.222  1.00 21.64 ? 66 C   A OP1   1 
ATOM   1419 O OP2   . C   A 1 67 ? 13.293  -10.016 14.616  1.00 22.32 ? 66 C   A OP2   1 
ATOM   1420 O "O5'" . C   A 1 67 ? 13.922  -10.651 12.312  1.00 20.92 ? 66 C   A "O5'" 1 
ATOM   1421 C "C5'" . C   A 1 67 ? 14.487  -11.479 11.308  1.00 20.26 ? 66 C   A "C5'" 1 
ATOM   1422 C "C4'" . C   A 1 67 ? 14.153  -10.936 9.936   1.00 19.68 ? 66 C   A "C4'" 1 
ATOM   1423 O "O4'" . C   A 1 67 ? 12.717  -10.978 9.731   1.00 19.85 ? 66 C   A "O4'" 1 
ATOM   1424 C "C3'" . C   A 1 67 ? 14.488  -9.472  9.721   1.00 19.32 ? 66 C   A "C3'" 1 
ATOM   1425 O "O3'" . C   A 1 67 ? 15.855  -9.293  9.416   1.00 18.69 ? 66 C   A "O3'" 1 
ATOM   1426 C "C2'" . C   A 1 67 ? 13.595  -9.146  8.536   1.00 19.45 ? 66 C   A "C2'" 1 
ATOM   1427 O "O2'" . C   A 1 67 ? 14.094  -9.671  7.320   1.00 20.10 ? 66 C   A "O2'" 1 
ATOM   1428 C "C1'" . C   A 1 67 ? 12.318  -9.870  8.942   1.00 19.20 ? 66 C   A "C1'" 1 
ATOM   1429 N N1    . C   A 1 67 ? 11.366  -9.019  9.719   1.00 18.67 ? 66 C   A N1    1 
ATOM   1430 C C2    . C   A 1 67 ? 10.653  -7.994  9.080   1.00 18.37 ? 66 C   A C2    1 
ATOM   1431 O O2    . C   A 1 67 ? 10.817  -7.783  7.873   1.00 18.63 ? 66 C   A O2    1 
ATOM   1432 N N3    . C   A 1 67 ? 9.795   -7.243  9.810   1.00 18.30 ? 66 C   A N3    1 
ATOM   1433 C C4    . C   A 1 67 ? 9.635   -7.488  11.112  1.00 18.79 ? 66 C   A C4    1 
ATOM   1434 N N4    . C   A 1 67 ? 8.775   -6.726  11.795  1.00 18.98 ? 66 C   A N4    1 
ATOM   1435 C C5    . C   A 1 67 ? 10.349  -8.524  11.785  1.00 18.68 ? 66 C   A C5    1 
ATOM   1436 C C6    . C   A 1 67 ? 11.190  -9.255  11.053  1.00 18.67 ? 66 C   A C6    1 
ATOM   1437 P P     . C   A 1 68 ? 16.566  -7.937  9.879   1.00 18.37 ? 67 C   A P     1 
ATOM   1438 O OP1   . C   A 1 68 ? 18.021  -8.147  9.681   1.00 18.26 ? 67 C   A OP1   1 
ATOM   1439 O OP2   . C   A 1 68 ? 16.052  -7.565  11.217  1.00 18.61 ? 67 C   A OP2   1 
ATOM   1440 O "O5'" . C   A 1 68 ? 16.024  -6.842  8.848   1.00 16.77 ? 67 C   A "O5'" 1 
ATOM   1441 C "C5'" . C   A 1 68 ? 16.423  -6.951  7.500   1.00 15.86 ? 67 C   A "C5'" 1 
ATOM   1442 C "C4'" . C   A 1 68 ? 15.610  -6.023  6.638   1.00 15.24 ? 67 C   A "C4'" 1 
ATOM   1443 O "O4'" . C   A 1 68 ? 14.210  -6.333  6.789   1.00 15.55 ? 67 C   A "O4'" 1 
ATOM   1444 C "C3'" . C   A 1 68 ? 15.675  -4.577  7.061   1.00 15.29 ? 67 C   A "C3'" 1 
ATOM   1445 O "O3'" . C   A 1 68 ? 16.872  -4.007  6.592   1.00 15.87 ? 67 C   A "O3'" 1 
ATOM   1446 C "C2'" . C   A 1 68 ? 14.437  -4.046  6.350   1.00 15.40 ? 67 C   A "C2'" 1 
ATOM   1447 O "O2'" . C   A 1 68 ? 14.570  -3.951  4.949   1.00 15.72 ? 67 C   A "O2'" 1 
ATOM   1448 C "C1'" . C   A 1 68 ? 13.443  -5.147  6.674   1.00 15.33 ? 67 C   A "C1'" 1 
ATOM   1449 N N1    . C   A 1 68 ? 12.725  -4.869  7.947   1.00 15.32 ? 67 C   A N1    1 
ATOM   1450 C C2    . C   A 1 68 ? 11.764  -3.855  7.985   1.00 14.93 ? 67 C   A C2    1 
ATOM   1451 O O2    . C   A 1 68 ? 11.517  -3.216  6.965   1.00 15.60 ? 67 C   A O2    1 
ATOM   1452 N N3    . C   A 1 68 ? 11.120  -3.597  9.144   1.00 14.68 ? 67 C   A N3    1 
ATOM   1453 C C4    . C   A 1 68 ? 11.413  -4.309  10.229  1.00 15.10 ? 67 C   A C4    1 
ATOM   1454 N N4    . C   A 1 68 ? 10.757  -4.022  11.347  1.00 15.51 ? 67 C   A N4    1 
ATOM   1455 C C5    . C   A 1 68 ? 12.391  -5.346  10.231  1.00 15.61 ? 67 C   A C5    1 
ATOM   1456 C C6    . C   A 1 68 ? 13.016  -5.587  9.075   1.00 15.81 ? 67 C   A C6    1 
ATOM   1457 P P     . C   A 1 69 ? 17.581  -2.827  7.410   1.00 16.31 ? 68 C   A P     1 
ATOM   1458 O OP1   . C   A 1 69 ? 18.941  -2.711  6.851   1.00 16.50 ? 68 C   A OP1   1 
ATOM   1459 O OP2   . C   A 1 69 ? 17.424  -3.019  8.871   1.00 16.67 ? 68 C   A OP2   1 
ATOM   1460 O "O5'" . C   A 1 69 ? 16.691  -1.552  7.031   1.00 16.08 ? 68 C   A "O5'" 1 
ATOM   1461 C "C5'" . C   A 1 69 ? 16.512  -1.153  5.681   1.00 15.85 ? 68 C   A "C5'" 1 
ATOM   1462 C "C4'" . C   A 1 69 ? 15.528  -0.008  5.626   1.00 15.99 ? 68 C   A "C4'" 1 
ATOM   1463 O "O4'" . C   A 1 69 ? 14.211  -0.509  5.935   1.00 16.14 ? 68 C   A "O4'" 1 
ATOM   1464 C "C3'" . C   A 1 69 ? 15.743  1.062   6.683   1.00 16.11 ? 68 C   A "C3'" 1 
ATOM   1465 O "O3'" . C   A 1 69 ? 16.749  1.972   6.300   1.00 16.45 ? 68 C   A "O3'" 1 
ATOM   1466 C "C2'" . C   A 1 69 ? 14.370  1.714   6.746   1.00 16.28 ? 68 C   A "C2'" 1 
ATOM   1467 O "O2'" . C   A 1 69 ? 14.072  2.591   5.680   1.00 16.50 ? 68 C   A "O2'" 1 
ATOM   1468 C "C1'" . C   A 1 69 ? 13.494  0.478   6.656   1.00 16.60 ? 68 C   A "C1'" 1 
ATOM   1469 N N1    . C   A 1 69 ? 13.139  0.001   8.016   1.00 16.87 ? 68 C   A N1    1 
ATOM   1470 C C2    . C   A 1 69 ? 12.101  0.652   8.686   1.00 16.87 ? 68 C   A C2    1 
ATOM   1471 O O2    . C   A 1 69 ? 11.511  1.581   8.132   1.00 17.34 ? 68 C   A O2    1 
ATOM   1472 N N3    . C   A 1 69 ? 11.758  0.244   9.925   1.00 16.92 ? 68 C   A N3    1 
ATOM   1473 C C4    . C   A 1 69 ? 12.412  -0.763  10.495  1.00 16.90 ? 68 C   A C4    1 
ATOM   1474 N N4    . C   A 1 69 ? 12.027  -1.123  11.720  1.00 16.87 ? 68 C   A N4    1 
ATOM   1475 C C5    . C   A 1 69 ? 13.485  -1.438  9.838   1.00 17.44 ? 68 C   A C5    1 
ATOM   1476 C C6    . C   A 1 69 ? 13.816  -1.026  8.610   1.00 17.23 ? 68 C   A C6    1 
ATOM   1477 P P     . C   A 1 70 ? 17.568  2.737   7.442   1.00 16.76 ? 69 C   A P     1 
ATOM   1478 O OP1   . C   A 1 70 ? 18.689  3.414   6.749   1.00 17.15 ? 69 C   A OP1   1 
ATOM   1479 O OP2   . C   A 1 70 ? 17.886  1.784   8.530   1.00 17.07 ? 69 C   A OP2   1 
ATOM   1480 O "O5'" . C   A 1 70 ? 16.519  3.800   8.036   1.00 14.50 ? 69 C   A "O5'" 1 
ATOM   1481 C "C5'" . C   A 1 70 ? 16.319  5.013   7.344   1.00 12.29 ? 69 C   A "C5'" 1 
ATOM   1482 C "C4'" . C   A 1 70 ? 15.112  5.758   7.851   1.00 10.67 ? 69 C   A "C4'" 1 
ATOM   1483 O "O4'" . C   A 1 70 ? 14.070  4.814   8.147   1.00 10.11 ? 69 C   A "O4'" 1 
ATOM   1484 C "C3'" . C   A 1 70 ? 15.296  6.471   9.168   1.00 10.37 ? 69 C   A "C3'" 1 
ATOM   1485 O "O3'" . C   A 1 70 ? 15.914  7.708   8.970   1.00 10.98 ? 69 C   A "O3'" 1 
ATOM   1486 C "C2'" . C   A 1 70 ? 13.853  6.659   9.592   1.00 10.20 ? 69 C   A "C2'" 1 
ATOM   1487 O "O2'" . C   A 1 70 ? 13.168  7.692   8.912   1.00 11.81 ? 69 C   A "O2'" 1 
ATOM   1488 C "C1'" . C   A 1 70 ? 13.262  5.321   9.190   1.00 8.92  ? 69 C   A "C1'" 1 
ATOM   1489 N N1    . C   A 1 70 ? 13.268  4.364   10.318  1.00 8.02  ? 69 C   A N1    1 
ATOM   1490 C C2    . C   A 1 70 ? 12.589  4.678   11.505  1.00 7.61  ? 69 C   A C2    1 
ATOM   1491 O O2    . C   A 1 70 ? 11.980  5.755   11.598  1.00 7.59  ? 69 C   A O2    1 
ATOM   1492 N N3    . C   A 1 70 ? 12.615  3.778   12.521  1.00 7.18  ? 69 C   A N3    1 
ATOM   1493 C C4    . C   A 1 70 ? 13.281  2.629   12.379  1.00 7.35  ? 69 C   A C4    1 
ATOM   1494 N N4    . C   A 1 70 ? 13.286  1.771   13.399  1.00 7.50  ? 69 C   A N4    1 
ATOM   1495 C C5    . C   A 1 70 ? 13.973  2.297   11.181  1.00 7.43  ? 69 C   A C5    1 
ATOM   1496 C C6    . C   A 1 70 ? 13.944  3.185   10.187  1.00 7.73  ? 69 C   A C6    1 
ATOM   1497 P P     . G   A 1 71 ? 16.981  8.198   10.055  1.00 12.36 ? 70 G   A P     1 
ATOM   1498 O OP1   . G   A 1 71 ? 17.895  9.136   9.368   1.00 12.49 ? 70 G   A OP1   1 
ATOM   1499 O OP2   . G   A 1 71 ? 17.554  7.036   10.773  1.00 11.92 ? 70 G   A OP2   1 
ATOM   1500 O "O5'" . G   A 1 71 ? 16.067  8.993   11.089  1.00 12.44 ? 70 G   A "O5'" 1 
ATOM   1501 C "C5'" . G   A 1 71 ? 15.108  9.901   10.599  1.00 13.60 ? 70 G   A "C5'" 1 
ATOM   1502 C "C4'" . G   A 1 71 ? 14.044  10.130  11.648  1.00 14.95 ? 70 G   A "C4'" 1 
ATOM   1503 O "O4'" . G   A 1 71 ? 13.386  8.901   12.013  1.00 15.66 ? 70 G   A "O4'" 1 
ATOM   1504 C "C3'" . G   A 1 71 ? 14.542  10.580  12.997  1.00 15.25 ? 70 G   A "C3'" 1 
ATOM   1505 O "O3'" . G   A 1 71 ? 14.889  11.912  12.896  1.00 17.63 ? 70 G   A "O3'" 1 
ATOM   1506 C "C2'" . G   A 1 71 ? 13.273  10.438  13.798  1.00 14.64 ? 70 G   A "C2'" 1 
ATOM   1507 O "O2'" . G   A 1 71 ? 12.356  11.451  13.450  1.00 14.01 ? 70 G   A "O2'" 1 
ATOM   1508 C "C1'" . G   A 1 71 ? 12.790  9.092   13.282  1.00 15.00 ? 70 G   A "C1'" 1 
ATOM   1509 N N9    . G   A 1 71 ? 13.176  7.966   14.117  1.00 14.91 ? 70 G   A N9    1 
ATOM   1510 C C8    . G   A 1 71 ? 14.092  6.989   13.813  1.00 14.95 ? 70 G   A C8    1 
ATOM   1511 N N7    . G   A 1 71 ? 14.237  6.096   14.749  1.00 14.78 ? 70 G   A N7    1 
ATOM   1512 C C5    . G   A 1 71 ? 13.354  6.515   15.732  1.00 14.94 ? 70 G   A C5    1 
ATOM   1513 C C6    . G   A 1 71 ? 13.068  5.942   16.988  1.00 15.05 ? 70 G   A C6    1 
ATOM   1514 O O6    . G   A 1 71 ? 13.568  4.922   17.469  1.00 15.05 ? 70 G   A O6    1 
ATOM   1515 N N1    . G   A 1 71 ? 12.112  6.670   17.696  1.00 15.08 ? 70 G   A N1    1 
ATOM   1516 C C2    . G   A 1 71 ? 11.508  7.817   17.235  1.00 15.06 ? 70 G   A C2    1 
ATOM   1517 N N2    . G   A 1 71 ? 10.616  8.393   18.046  1.00 15.15 ? 70 G   A N2    1 
ATOM   1518 N N3    . G   A 1 71 ? 11.764  8.365   16.055  1.00 15.09 ? 70 G   A N3    1 
ATOM   1519 C C4    . G   A 1 71 ? 12.695  7.664   15.362  1.00 14.92 ? 70 G   A C4    1 
ATOM   1520 P P     . C   A 1 72 ? 15.969  12.460  13.930  1.00 19.46 ? 71 C   A P     1 
ATOM   1521 O OP1   . C   A 1 72 ? 16.628  13.633  13.304  1.00 18.71 ? 71 C   A OP1   1 
ATOM   1522 O OP2   . C   A 1 72 ? 16.766  11.311  14.448  1.00 19.70 ? 71 C   A OP2   1 
ATOM   1523 O "O5'" . C   A 1 72 ? 14.990  12.944  15.095  1.00 18.72 ? 71 C   A "O5'" 1 
ATOM   1524 C "C5'" . C   A 1 72 ? 15.429  12.876  16.424  1.00 17.65 ? 71 C   A "C5'" 1 
ATOM   1525 C "C4'" . C   A 1 72 ? 14.231  12.652  17.302  1.00 16.34 ? 71 C   A "C4'" 1 
ATOM   1526 O "O4'" . C   A 1 72 ? 13.652  11.376  16.995  1.00 15.74 ? 71 C   A "O4'" 1 
ATOM   1527 C "C3'" . C   A 1 72 ? 14.614  12.529  18.750  1.00 16.62 ? 71 C   A "C3'" 1 
ATOM   1528 O "O3'" . C   A 1 72 ? 14.722  13.811  19.280  1.00 17.42 ? 71 C   A "O3'" 1 
ATOM   1529 C "C2'" . C   A 1 72 ? 13.451  11.756  19.323  1.00 16.64 ? 71 C   A "C2'" 1 
ATOM   1530 O "O2'" . C   A 1 72 ? 12.323  12.572  19.569  1.00 17.73 ? 71 C   A "O2'" 1 
ATOM   1531 C "C1'" . C   A 1 72 ? 13.219  10.756  18.191  1.00 15.88 ? 71 C   A "C1'" 1 
ATOM   1532 N N1    . C   A 1 72 ? 14.011  9.503   18.380  1.00 15.42 ? 71 C   A N1    1 
ATOM   1533 C C2    . C   A 1 72 ? 13.746  8.651   19.463  1.00 15.23 ? 71 C   A C2    1 
ATOM   1534 O O2    . C   A 1 72 ? 12.840  8.921   20.260  1.00 15.58 ? 71 C   A O2    1 
ATOM   1535 N N3    . C   A 1 72 ? 14.490  7.529   19.607  1.00 15.00 ? 71 C   A N3    1 
ATOM   1536 C C4    . C   A 1 72 ? 15.459  7.249   18.739  1.00 15.20 ? 71 C   A C4    1 
ATOM   1537 N N4    . C   A 1 72 ? 16.164  6.131   18.928  1.00 15.46 ? 71 C   A N4    1 
ATOM   1538 C C5    . C   A 1 72 ? 15.749  8.101   17.634  1.00 15.43 ? 71 C   A C5    1 
ATOM   1539 C C6    . C   A 1 72 ? 15.009  9.203   17.497  1.00 15.41 ? 71 C   A C6    1 
ATOM   1540 P P     . A   A 1 73 ? 16.127  14.168  19.938  1.00 18.55 ? 72 A   A P     1 
ATOM   1541 O OP1   . A   A 1 73 ? 16.310  15.637  19.935  1.00 18.73 ? 72 A   A OP1   1 
ATOM   1542 O OP2   . A   A 1 73 ? 17.176  13.319  19.328  1.00 18.60 ? 72 A   A OP2   1 
ATOM   1543 O "O5'" . A   A 1 73 ? 15.848  13.649  21.417  1.00 18.65 ? 72 A   A "O5'" 1 
ATOM   1544 C "C5'" . A   A 1 73 ? 14.664  14.045  22.066  1.00 19.74 ? 72 A   A "C5'" 1 
ATOM   1545 C "C4'" . A   A 1 73 ? 14.394  13.037  23.143  1.00 21.09 ? 72 A   A "C4'" 1 
ATOM   1546 O "O4'" . A   A 1 73 ? 14.252  11.730  22.551  1.00 22.17 ? 72 A   A "O4'" 1 
ATOM   1547 C "C3'" . A   A 1 73 ? 15.556  12.854  24.094  1.00 21.52 ? 72 A   A "C3'" 1 
ATOM   1548 O "O3'" . A   A 1 73 ? 15.563  13.905  25.033  1.00 21.03 ? 72 A   A "O3'" 1 
ATOM   1549 C "C2'" . A   A 1 73 ? 15.169  11.532  24.727  1.00 22.79 ? 72 A   A "C2'" 1 
ATOM   1550 O "O2'" . A   A 1 73 ? 14.244  11.685  25.790  1.00 23.91 ? 72 A   A "O2'" 1 
ATOM   1551 C "C1'" . A   A 1 73 ? 14.564  10.771  23.541  1.00 23.61 ? 72 A   A "C1'" 1 
ATOM   1552 N N9    . A   A 1 73 ? 15.531  9.820   23.002  1.00 24.01 ? 72 A   A N9    1 
ATOM   1553 C C8    . A   A 1 73 ? 16.141  9.854   21.779  1.00 24.23 ? 72 A   A C8    1 
ATOM   1554 N N7    . A   A 1 73 ? 16.986  8.868   21.581  1.00 24.28 ? 72 A   A N7    1 
ATOM   1555 C C5    . A   A 1 73 ? 16.933  8.138   22.759  1.00 24.41 ? 72 A   A C5    1 
ATOM   1556 C C6    . A   A 1 73 ? 17.593  6.964   23.204  1.00 24.32 ? 72 A   A C6    1 
ATOM   1557 N N6    . A   A 1 73 ? 18.481  6.286   22.470  1.00 24.15 ? 72 A   A N6    1 
ATOM   1558 N N1    . A   A 1 73 ? 17.309  6.504   24.446  1.00 24.39 ? 72 A   A N1    1 
ATOM   1559 C C2    . A   A 1 73 ? 16.417  7.164   25.199  1.00 24.44 ? 72 A   A C2    1 
ATOM   1560 N N3    . A   A 1 73 ? 15.738  8.272   24.888  1.00 24.65 ? 72 A   A N3    1 
ATOM   1561 C C4    . A   A 1 73 ? 16.041  8.714   23.648  1.00 24.40 ? 72 A   A C4    1 
ATOM   1562 P P     . A   A 1 74 ? 16.930  14.553  25.553  1.00 20.74 ? 73 A   A P     1 
ATOM   1563 O OP1   . A   A 1 74 ? 16.521  15.746  26.316  1.00 21.22 ? 73 A   A OP1   1 
ATOM   1564 O OP2   . A   A 1 74 ? 17.894  14.758  24.450  1.00 20.56 ? 73 A   A OP2   1 
ATOM   1565 O "O5'" . A   A 1 74 ? 17.475  13.414  26.543  1.00 21.04 ? 73 A   A "O5'" 1 
ATOM   1566 C "C5'" . A   A 1 74 ? 16.747  13.103  27.735  1.00 21.31 ? 73 A   A "C5'" 1 
ATOM   1567 C "C4'" . A   A 1 74 ? 17.094  11.753  28.348  1.00 21.14 ? 73 A   A "C4'" 1 
ATOM   1568 O "O4'" . A   A 1 74 ? 16.693  10.678  27.456  1.00 21.11 ? 73 A   A "O4'" 1 
ATOM   1569 C "C3'" . A   A 1 74 ? 18.567  11.492  28.638  1.00 20.61 ? 73 A   A "C3'" 1 
ATOM   1570 O "O3'" . A   A 1 74 ? 18.968  12.029  29.878  1.00 19.99 ? 73 A   A "O3'" 1 
ATOM   1571 C "C2'" . A   A 1 74 ? 18.600  9.970   28.677  1.00 21.07 ? 73 A   A "C2'" 1 
ATOM   1572 O "O2'" . A   A 1 74 ? 18.181  9.424   29.917  1.00 21.04 ? 73 A   A "O2'" 1 
ATOM   1573 C "C1'" . A   A 1 74 ? 17.639  9.628   27.538  1.00 21.84 ? 73 A   A "C1'" 1 
ATOM   1574 N N9    . A   A 1 74 ? 18.404  9.554   26.298  1.00 22.08 ? 73 A   A N9    1 
ATOM   1575 C C8    . A   A 1 74 ? 18.484  10.492  25.307  1.00 22.13 ? 73 A   A C8    1 
ATOM   1576 N N7    . A   A 1 74 ? 19.277  10.152  24.322  1.00 22.03 ? 73 A   A N7    1 
ATOM   1577 C C5    . A   A 1 74 ? 19.760  8.912   24.698  1.00 22.12 ? 73 A   A C5    1 
ATOM   1578 C C6    . A   A 1 74 ? 20.649  8.005   24.082  1.00 22.21 ? 73 A   A C6    1 
ATOM   1579 N N6    . A   A 1 74 ? 21.231  8.244   22.901  1.00 22.26 ? 73 A   A N6    1 
ATOM   1580 N N1    . A   A 1 74 ? 20.924  6.845   24.725  1.00 22.36 ? 73 A   A N1    1 
ATOM   1581 C C2    . A   A 1 74 ? 20.340  6.607   25.910  1.00 22.48 ? 73 A   A C2    1 
ATOM   1582 N N3    . A   A 1 74 ? 19.486  7.384   26.583  1.00 22.77 ? 73 A   A N3    1 
ATOM   1583 C C4    . A   A 1 74 ? 19.238  8.530   25.919  1.00 22.31 ? 73 A   A C4    1 
ATOM   1584 P P     . C   A 1 75 ? 20.504  12.446  30.072  1.00 20.20 ? 74 C   A P     1 
ATOM   1585 O OP1   . C   A 1 75 ? 20.683  12.959  31.447  1.00 20.46 ? 74 C   A OP1   1 
ATOM   1586 O OP2   . C   A 1 75 ? 20.865  13.330  28.944  1.00 20.95 ? 74 C   A OP2   1 
ATOM   1587 O "O5'" . C   A 1 75 ? 21.322  11.076  29.900  1.00 19.65 ? 74 C   A "O5'" 1 
ATOM   1588 C "C5'" . C   A 1 75 ? 21.429  10.158  31.000  1.00 18.51 ? 74 C   A "C5'" 1 
ATOM   1589 C "C4'" . C   A 1 75 ? 22.025  8.819   30.594  1.00 17.50 ? 74 C   A "C4'" 1 
ATOM   1590 O "O4'" . C   A 1 75 ? 21.569  8.357   29.283  1.00 17.77 ? 74 C   A "O4'" 1 
ATOM   1591 C "C3'" . C   A 1 75 ? 23.539  8.786   30.462  1.00 16.36 ? 74 C   A "C3'" 1 
ATOM   1592 O "O3'" . C   A 1 75 ? 24.185  8.846   31.729  1.00 14.29 ? 74 C   A "O3'" 1 
ATOM   1593 C "C2'" . C   A 1 75 ? 23.686  7.418   29.808  1.00 17.09 ? 74 C   A "C2'" 1 
ATOM   1594 O "O2'" . C   A 1 75 ? 23.562  6.338   30.724  1.00 17.21 ? 74 C   A "O2'" 1 
ATOM   1595 C "C1'" . C   A 1 75 ? 22.522  7.417   28.792  1.00 17.98 ? 74 C   A "C1'" 1 
ATOM   1596 N N1    . C   A 1 75 ? 23.043  7.799   27.413  1.00 18.38 ? 74 C   A N1    1 
ATOM   1597 C C2    . C   A 1 75 ? 23.845  6.903   26.662  1.00 18.58 ? 74 C   A C2    1 
ATOM   1598 O O2    . C   A 1 75 ? 24.117  5.774   27.101  1.00 18.78 ? 74 C   A O2    1 
ATOM   1599 N N3    . C   A 1 75 ? 24.316  7.294   25.442  1.00 18.54 ? 74 C   A N3    1 
ATOM   1600 C C4    . C   A 1 75 ? 24.033  8.505   24.955  1.00 18.30 ? 74 C   A C4    1 
ATOM   1601 N N4    . C   A 1 75 ? 24.528  8.836   23.750  1.00 18.33 ? 74 C   A N4    1 
ATOM   1602 C C5    . C   A 1 75 ? 23.233  9.432   25.695  1.00 18.54 ? 74 C   A C5    1 
ATOM   1603 C C6    . C   A 1 75 ? 22.768  9.042   26.899  1.00 18.46 ? 74 C   A C6    1 
ATOM   1604 P P     . C   A 1 76 ? 25.545  9.684   31.896  1.00 13.19 ? 75 C   A P     1 
ATOM   1605 O OP1   . C   A 1 76 ? 25.929  9.667   33.325  1.00 13.43 ? 75 C   A OP1   1 
ATOM   1606 O OP2   . C   A 1 76 ? 25.373  11.000  31.242  1.00 13.25 ? 75 C   A OP2   1 
ATOM   1607 O "O5'" . C   A 1 76 ? 26.615  8.829   31.057  1.00 13.09 ? 75 C   A "O5'" 1 
ATOM   1608 C "C5'" . C   A 1 76 ? 26.892  7.478   31.467  1.00 12.69 ? 75 C   A "C5'" 1 
ATOM   1609 C "C4'" . C   A 1 76 ? 27.702  6.692   30.450  1.00 12.67 ? 75 C   A "C4'" 1 
ATOM   1610 O "O4'" . C   A 1 76 ? 26.964  6.549   29.190  1.00 12.71 ? 75 C   A "O4'" 1 
ATOM   1611 C "C3'" . C   A 1 76 ? 29.042  7.315   30.067  1.00 12.45 ? 75 C   A "C3'" 1 
ATOM   1612 O "O3'" . C   A 1 76 ? 30.013  6.943   31.033  1.00 12.52 ? 75 C   A "O3'" 1 
ATOM   1613 C "C2'" . C   A 1 76 ? 29.323  6.668   28.713  1.00 12.53 ? 75 C   A "C2'" 1 
ATOM   1614 O "O2'" . C   A 1 76 ? 29.972  5.397   28.827  1.00 12.40 ? 75 C   A "O2'" 1 
ATOM   1615 C "C1'" . C   A 1 76 ? 27.893  6.494   28.116  1.00 12.90 ? 75 C   A "C1'" 1 
ATOM   1616 N N1    . C   A 1 76 ? 27.611  7.601   27.108  1.00 13.06 ? 75 C   A N1    1 
ATOM   1617 C C2    . C   A 1 76 ? 28.104  7.488   25.797  1.00 13.10 ? 75 C   A C2    1 
ATOM   1618 O O2    . C   A 1 76 ? 28.757  6.474   25.465  1.00 13.20 ? 75 C   A O2    1 
ATOM   1619 N N3    . C   A 1 76 ? 27.857  8.531   24.921  1.00 13.17 ? 75 C   A N3    1 
ATOM   1620 C C4    . C   A 1 76 ? 27.171  9.651   25.308  1.00 13.09 ? 75 C   A C4    1 
ATOM   1621 N N4    . C   A 1 76 ? 26.961  10.636  24.411  1.00 13.09 ? 75 C   A N4    1 
ATOM   1622 C C5    . C   A 1 76 ? 26.657  9.773   26.630  1.00 13.19 ? 75 C   A C5    1 
ATOM   1623 C C6    . C   A 1 76 ? 26.900  8.736   27.484  1.00 13.17 ? 75 C   A C6    1 
ATOM   1624 P P     . A   A 1 77 ? 31.005  8.038   31.667  1.00 12.82 ? 76 A   A P     1 
ATOM   1625 O OP1   . A   A 1 77 ? 31.909  8.572   30.596  1.00 12.78 ? 76 A   A OP1   1 
ATOM   1626 O OP2   . A   A 1 77 ? 31.605  7.433   32.893  1.00 12.81 ? 76 A   A OP2   1 
ATOM   1627 O "O5'" . A   A 1 77 ? 29.996  9.222   32.091  1.00 13.79 ? 76 A   A "O5'" 1 
ATOM   1628 C "C5'" . A   A 1 77 ? 30.492  10.535  32.404  1.00 14.86 ? 76 A   A "C5'" 1 
ATOM   1629 C "C4'" . A   A 1 77 ? 30.050  11.568  31.377  1.00 16.18 ? 76 A   A "C4'" 1 
ATOM   1630 O "O4'" . A   A 1 77 ? 30.732  11.352  30.083  1.00 16.72 ? 76 A   A "O4'" 1 
ATOM   1631 C "C3'" . A   A 1 77 ? 28.565  11.617  30.905  1.00 16.95 ? 76 A   A "C3'" 1 
ATOM   1632 O "O3'" . A   A 1 77 ? 27.641  11.971  31.962  1.00 17.43 ? 76 A   A "O3'" 1 
ATOM   1633 C "C2'" . A   A 1 77 ? 28.741  12.806  29.918  1.00 17.08 ? 76 A   A "C2'" 1 
ATOM   1634 O "O2'" . A   A 1 77 ? 28.886  14.053  30.627  1.00 17.68 ? 76 A   A "O2'" 1 
ATOM   1635 C "C1'" . A   A 1 77 ? 30.099  12.427  29.230  1.00 16.83 ? 76 A   A "C1'" 1 
ATOM   1636 N N9    . A   A 1 77 ? 30.030  12.175  27.753  1.00 16.43 ? 76 A   A N9    1 
ATOM   1637 C C8    . A   A 1 77 ? 29.600  13.103  26.817  1.00 16.36 ? 76 A   A C8    1 
ATOM   1638 N N7    . A   A 1 77 ? 29.658  12.708  25.570  1.00 16.22 ? 76 A   A N7    1 
ATOM   1639 C C5    . A   A 1 77 ? 30.165  11.426  25.676  1.00 16.33 ? 76 A   A C5    1 
ATOM   1640 C C6    . A   A 1 77 ? 30.475  10.464  24.701  1.00 16.71 ? 76 A   A C6    1 
ATOM   1641 N N6    . A   A 1 77 ? 30.311  10.700  23.410  1.00 16.93 ? 76 A   A N6    1 
ATOM   1642 N N1    . A   A 1 77 ? 30.972  9.274   25.115  1.00 16.68 ? 76 A   A N1    1 
ATOM   1643 C C2    . A   A 1 77 ? 31.146  9.066   26.432  1.00 16.67 ? 76 A   A C2    1 
ATOM   1644 N N3    . A   A 1 77 ? 30.902  9.892   27.449  1.00 16.56 ? 76 A   A N3    1 
ATOM   1645 C C4    . A   A 1 77 ? 30.414  11.080  27.011  1.00 16.24 ? 76 A   A C4    1 
# 
loop_
_pdbx_poly_seq_scheme.asym_id 
_pdbx_poly_seq_scheme.entity_id 
_pdbx_poly_seq_scheme.seq_id 
_pdbx_poly_seq_scheme.mon_id 
_pdbx_poly_seq_scheme.ndb_seq_num 
_pdbx_poly_seq_scheme.pdb_seq_num 
_pdbx_poly_seq_scheme.auth_seq_num 
_pdbx_poly_seq_scheme.pdb_mon_id 
_pdbx_poly_seq_scheme.auth_mon_id 
_pdbx_poly_seq_scheme.pdb_strand_id 
_pdbx_poly_seq_scheme.pdb_ins_code 
_pdbx_poly_seq_scheme.hetero 
A 1 1  C   1  1  1  C   C   A . n 
A 1 2  G   2  2  2  G   G   A . n 
A 1 3  C   3  3  3  C   C   A . n 
A 1 4  G   4  4  4  G   G   A . n 
A 1 5  G   5  5  5  G   G   A . n 
A 1 6  G   6  6  6  G   G   A . n 
A 1 7  G   7  7  7  G   G   A . n 
A 1 8  4SU 8  8  8  4SU 4SU A . n 
A 1 9  G   9  9  9  G   G   A . n 
A 1 10 G   10 10 10 G   G   A . n 
A 1 11 A   11 11 11 A   A   A . n 
A 1 12 G   12 12 12 G   G   A . n 
A 1 13 C   13 13 13 C   C   A . n 
A 1 14 A   14 14 14 A   A   A . n 
A 1 15 G   15 15 15 G   G   A . n 
A 1 16 C   16 16 16 C   C   A . n 
A 1 17 C   17 17 17 C   C   A . n 
A 1 18 U   18 17 17 U   U   A A n 
A 1 19 G   19 18 18 G   G   A . n 
A 1 20 G   20 19 19 G   G   A . n 
A 1 21 H2U 21 20 20 H2U H2U A . n 
A 1 22 A   22 21 21 A   A   A . n 
A 1 23 G   23 22 22 G   G   A . n 
A 1 24 C   24 23 23 C   C   A . n 
A 1 25 U   25 24 24 U   U   A . n 
A 1 26 C   26 25 25 C   C   A . n 
A 1 27 G   27 26 26 G   G   A . n 
A 1 28 U   28 27 27 U   U   A . n 
A 1 29 C   29 28 28 C   C   A . n 
A 1 30 G   30 29 29 G   G   A . n 
A 1 31 G   31 30 30 G   G   A . n 
A 1 32 G   32 31 31 G   G   A . n 
A 1 33 OMC 33 32 32 OMC OMC A . n 
A 1 34 U   34 33 33 U   U   A . n 
A 1 35 C   35 34 34 C   C   A . n 
A 1 36 A   36 35 35 A   A   A . n 
A 1 37 U   37 36 36 U   U   A . n 
A 1 38 A   38 37 37 A   A   A . n 
A 1 39 A   39 38 38 A   A   A . n 
A 1 40 C   40 39 39 C   C   A . n 
A 1 41 C   41 40 40 C   C   A . n 
A 1 42 C   42 41 41 C   C   A . n 
A 1 43 G   43 42 42 G   G   A . n 
A 1 44 A   44 43 43 A   A   A . n 
A 1 45 A   45 44 44 A   A   A . n 
A 1 46 G   46 45 45 G   G   A . n 
A 1 47 A   47 46 46 A   A   A . n 
A 1 48 U   48 47 47 U   U   A . n 
A 1 49 C   49 48 48 C   C   A . n 
A 1 50 G   50 49 49 G   G   A . n 
A 1 51 U   51 50 50 U   U   A . n 
A 1 52 C   52 51 51 C   C   A . n 
A 1 53 G   53 52 52 G   G   A . n 
A 1 54 G   54 53 53 G   G   A . n 
A 1 55 5MU 55 54 54 5MU 5MU A . n 
A 1 56 PSU 56 55 55 PSU PSU A . n 
A 1 57 C   57 56 56 C   C   A . n 
A 1 58 A   58 57 57 A   A   A . n 
A 1 59 A   59 58 58 A   A   A . n 
A 1 60 A   60 59 59 A   A   A . n 
A 1 61 U   61 60 60 U   U   A . n 
A 1 62 C   62 61 61 C   C   A . n 
A 1 63 C   63 62 62 C   C   A . n 
A 1 64 G   64 63 63 G   G   A . n 
A 1 65 G   65 64 64 G   G   A . n 
A 1 66 C   66 65 65 C   C   A . n 
A 1 67 C   67 66 66 C   C   A . n 
A 1 68 C   68 67 67 C   C   A . n 
A 1 69 C   69 68 68 C   C   A . n 
A 1 70 C   70 69 69 C   C   A . n 
A 1 71 G   71 70 70 G   G   A . n 
A 1 72 C   72 71 71 C   C   A . n 
A 1 73 A   73 72 72 A   A   A . n 
A 1 74 A   74 73 73 A   A   A . n 
A 1 75 C   75 74 74 C   C   A . n 
A 1 76 C   76 75 75 C   C   A . n 
A 1 77 A   77 76 76 A   A   A . n 
# 
loop_
_pdbx_struct_mod_residue.id 
_pdbx_struct_mod_residue.label_asym_id 
_pdbx_struct_mod_residue.label_comp_id 
_pdbx_struct_mod_residue.label_seq_id 
_pdbx_struct_mod_residue.auth_asym_id 
_pdbx_struct_mod_residue.auth_comp_id 
_pdbx_struct_mod_residue.auth_seq_id 
_pdbx_struct_mod_residue.PDB_ins_code 
_pdbx_struct_mod_residue.parent_comp_id 
_pdbx_struct_mod_residue.details 
1 A 4SU 8  A 4SU 8  ? U "4-THIOURIDINE-5'-MONOPHOSPHATE"       
2 A H2U 21 A H2U 20 ? U "5,6-DIHYDROURIDINE-5'-MONOPHOSPHATE"  
3 A OMC 33 A OMC 32 ? C "O2'-METHYLYCYTIDINE-5'-MONOPHOSPHATE" 
4 A 5MU 55 A 5MU 54 ? U 
;5-METHYLURIDINE 5'-MONOPHOSPHATE
;
5 A PSU 56 A PSU 55 ? U "PSEUDOURIDINE-5'-MONOPHOSPHATE"       
# 
_pdbx_struct_assembly.id                   1 
_pdbx_struct_assembly.details              author_and_software_defined_assembly 
_pdbx_struct_assembly.method_details       PISA 
_pdbx_struct_assembly.oligomeric_details   monomeric 
_pdbx_struct_assembly.oligomeric_count     1 
# 
_pdbx_struct_assembly_gen.assembly_id       1 
_pdbx_struct_assembly_gen.oper_expression   1 
_pdbx_struct_assembly_gen.asym_id_list      A 
# 
_pdbx_struct_oper_list.id                   1 
_pdbx_struct_oper_list.type                 'identity operation' 
_pdbx_struct_oper_list.name                 1_555 
_pdbx_struct_oper_list.symmetry_operation   x,y,z 
_pdbx_struct_oper_list.matrix[1][1]         1.0000000000 
_pdbx_struct_oper_list.matrix[1][2]         0.0000000000 
_pdbx_struct_oper_list.matrix[1][3]         0.0000000000 
_pdbx_struct_oper_list.vector[1]            0.0000000000 
_pdbx_struct_oper_list.matrix[2][1]         0.0000000000 
_pdbx_struct_oper_list.matrix[2][2]         1.0000000000 
_pdbx_struct_oper_list.matrix[2][3]         0.0000000000 
_pdbx_struct_oper_list.vector[2]            0.0000000000 
_pdbx_struct_oper_list.matrix[3][1]         0.0000000000 
_pdbx_struct_oper_list.matrix[3][2]         0.0000000000 
_pdbx_struct_oper_list.matrix[3][3]         1.0000000000 
_pdbx_struct_oper_list.vector[3]            0.0000000000 
# 
loop_
_pdbx_audit_revision_history.ordinal 
_pdbx_audit_revision_history.data_content_type 
_pdbx_audit_revision_history.major_revision 
_pdbx_audit_revision_history.minor_revision 
_pdbx_audit_revision_history.revision_date 
1 'Structure model' 1 0 2008-09-02 
2 'Structure model' 1 1 2011-07-13 
3 'Structure model' 1 2 2023-08-30 
# 
_pdbx_audit_revision_details.ordinal             1 
_pdbx_audit_revision_details.revision_ordinal    1 
_pdbx_audit_revision_details.data_content_type   'Structure model' 
_pdbx_audit_revision_details.provider            repository 
_pdbx_audit_revision_details.type                'Initial release' 
_pdbx_audit_revision_details.description         ? 
_pdbx_audit_revision_details.details             ? 
# 
loop_
_pdbx_audit_revision_group.ordinal 
_pdbx_audit_revision_group.revision_ordinal 
_pdbx_audit_revision_group.data_content_type 
_pdbx_audit_revision_group.group 
1 2 'Structure model' Advisory                    
2 2 'Structure model' 'Version format compliance' 
3 3 'Structure model' 'Data collection'           
4 3 'Structure model' 'Database references'       
5 3 'Structure model' 'Derived calculations'      
6 3 'Structure model' 'Refinement description'    
# 
loop_
_pdbx_audit_revision_category.ordinal 
_pdbx_audit_revision_category.revision_ordinal 
_pdbx_audit_revision_category.data_content_type 
_pdbx_audit_revision_category.category 
1 3 'Structure model' chem_comp_atom                
2 3 'Structure model' chem_comp_bond                
3 3 'Structure model' database_2                    
4 3 'Structure model' pdbx_database_related         
5 3 'Structure model' pdbx_initial_refinement_model 
6 3 'Structure model' struct_conn                   
# 
loop_
_pdbx_audit_revision_item.ordinal 
_pdbx_audit_revision_item.revision_ordinal 
_pdbx_audit_revision_item.data_content_type 
_pdbx_audit_revision_item.item 
1 3 'Structure model' '_database_2.pdbx_DOI'                
2 3 'Structure model' '_database_2.pdbx_database_accession' 
3 3 'Structure model' '_pdbx_database_related.content_type' 
4 3 'Structure model' '_struct_conn.pdbx_leaving_atom_flag' 
# 
_pdbx_refine_tls.id               1 
_pdbx_refine_tls.details          ? 
_pdbx_refine_tls.method           refined 
_pdbx_refine_tls.origin_x         -0.0150 
_pdbx_refine_tls.origin_y         0.0079 
_pdbx_refine_tls.origin_z         0.0026 
_pdbx_refine_tls.T[1][1]          0.0404 
_pdbx_refine_tls.T[2][2]          -0.0537 
_pdbx_refine_tls.T[3][3]          -0.0725 
_pdbx_refine_tls.T[1][2]          -0.2911 
_pdbx_refine_tls.T[1][3]          0.0376 
_pdbx_refine_tls.T[2][3]          -0.0545 
_pdbx_refine_tls.L[1][1]          3.3820 
_pdbx_refine_tls.L[2][2]          2.8038 
_pdbx_refine_tls.L[3][3]          0.9004 
_pdbx_refine_tls.L[1][2]          0.5936 
_pdbx_refine_tls.L[1][3]          -1.3887 
_pdbx_refine_tls.L[2][3]          -0.5472 
_pdbx_refine_tls.S[1][1]          0.0207 
_pdbx_refine_tls.S[2][2]          0.1729 
_pdbx_refine_tls.S[3][3]          -0.1936 
_pdbx_refine_tls.S[1][2]          0.1727 
_pdbx_refine_tls.S[1][3]          -0.2858 
_pdbx_refine_tls.S[2][3]          -0.5165 
_pdbx_refine_tls.S[2][1]          -0.5513 
_pdbx_refine_tls.S[3][1]          0.0073 
_pdbx_refine_tls.S[3][2]          0.3517 
_pdbx_refine_tls.pdbx_refine_id   'X-RAY DIFFRACTION' 
# 
_pdbx_refine_tls_group.id                  1 
_pdbx_refine_tls_group.refine_tls_id       1 
_pdbx_refine_tls_group.beg_auth_asym_id    A 
_pdbx_refine_tls_group.end_auth_asym_id    A 
_pdbx_refine_tls_group.end_auth_seq_id     76 
_pdbx_refine_tls_group.selection           ? 
_pdbx_refine_tls_group.beg_auth_seq_id     1 
_pdbx_refine_tls_group.beg_label_asym_id   A 
_pdbx_refine_tls_group.beg_label_seq_id    1 
_pdbx_refine_tls_group.end_label_asym_id   A 
_pdbx_refine_tls_group.end_label_seq_id    77 
_pdbx_refine_tls_group.pdbx_refine_id      'X-RAY DIFFRACTION' 
_pdbx_refine_tls_group.selection_details   ? 
# 
loop_
_software.name 
_software.version 
_software.date 
_software.type 
_software.contact_author 
_software.contact_author_email 
_software.classification 
_software.location 
_software.language 
_software.citation_id 
_software.pdbx_ordinal 
MOSFLM      .      ?                    package 'A.G.W. Leslie'   andrew@mrc-lmb.cam.ac.uk 'data reduction'  
http://www.mrc-lmb.cam.ac.uk/harry/mosflm/ ?          ? 1 
SCALA       3.2.25 21/9/2006            other   'Phil Evans'      pre@mrc-lmb.cam.ac.uk    'data scaling'    
http://www.ccp4.ac.uk/dist/html/INDEX.html Fortran_77 ? 2 
REFMAC      .      ?                    program 'Murshudov, G.N.' ccp4@dl.ac.uk            refinement        
http://www.ccp4.ac.uk/main.html            Fortran_77 ? 3 
PDB_EXTRACT 3.005  'September 10, 2007' package PDB               sw-help@rcsb.rutgers.edu 'data extraction' 
http://pdb.rutgers.edu/software/           C++        ? 4 
PHASER      .      ?                    ?       ?                 ?                        phasing           ? ?          ? 5 
# 
loop_
_pdbx_validate_rmsd_bond.id 
_pdbx_validate_rmsd_bond.PDB_model_num 
_pdbx_validate_rmsd_bond.auth_atom_id_1 
_pdbx_validate_rmsd_bond.auth_asym_id_1 
_pdbx_validate_rmsd_bond.auth_comp_id_1 
_pdbx_validate_rmsd_bond.auth_seq_id_1 
_pdbx_validate_rmsd_bond.PDB_ins_code_1 
_pdbx_validate_rmsd_bond.label_alt_id_1 
_pdbx_validate_rmsd_bond.auth_atom_id_2 
_pdbx_validate_rmsd_bond.auth_asym_id_2 
_pdbx_validate_rmsd_bond.auth_comp_id_2 
_pdbx_validate_rmsd_bond.auth_seq_id_2 
_pdbx_validate_rmsd_bond.PDB_ins_code_2 
_pdbx_validate_rmsd_bond.label_alt_id_2 
_pdbx_validate_rmsd_bond.bond_value 
_pdbx_validate_rmsd_bond.bond_target_value 
_pdbx_validate_rmsd_bond.bond_deviation 
_pdbx_validate_rmsd_bond.bond_standard_deviation 
_pdbx_validate_rmsd_bond.linker_flag 
1 1 P     A C 1  ? ? OP3   A C 1  ? ? 1.480 1.607 -0.127 0.012 N 
2 1 "O4'" A A 76 ? ? "C1'" A A 76 ? ? 1.511 1.415 0.096  0.012 N 
# 
loop_
_pdbx_validate_rmsd_angle.id 
_pdbx_validate_rmsd_angle.PDB_model_num 
_pdbx_validate_rmsd_angle.auth_atom_id_1 
_pdbx_validate_rmsd_angle.auth_asym_id_1 
_pdbx_validate_rmsd_angle.auth_comp_id_1 
_pdbx_validate_rmsd_angle.auth_seq_id_1 
_pdbx_validate_rmsd_angle.PDB_ins_code_1 
_pdbx_validate_rmsd_angle.label_alt_id_1 
_pdbx_validate_rmsd_angle.auth_atom_id_2 
_pdbx_validate_rmsd_angle.auth_asym_id_2 
_pdbx_validate_rmsd_angle.auth_comp_id_2 
_pdbx_validate_rmsd_angle.auth_seq_id_2 
_pdbx_validate_rmsd_angle.PDB_ins_code_2 
_pdbx_validate_rmsd_angle.label_alt_id_2 
_pdbx_validate_rmsd_angle.auth_atom_id_3 
_pdbx_validate_rmsd_angle.auth_asym_id_3 
_pdbx_validate_rmsd_angle.auth_comp_id_3 
_pdbx_validate_rmsd_angle.auth_seq_id_3 
_pdbx_validate_rmsd_angle.PDB_ins_code_3 
_pdbx_validate_rmsd_angle.label_alt_id_3 
_pdbx_validate_rmsd_angle.angle_value 
_pdbx_validate_rmsd_angle.angle_target_value 
_pdbx_validate_rmsd_angle.angle_deviation 
_pdbx_validate_rmsd_angle.angle_standard_deviation 
_pdbx_validate_rmsd_angle.linker_flag 
1  1 OP1   A C 1  ? ? P     A C 1  ? ? OP2   A C 1  ? ? 106.20 119.60 -13.40 1.50 N 
2  1 "O5'" A G 7  ? ? "C5'" A G 7  ? ? "C4'" A G 7  ? ? 103.97 109.40 -5.43  0.80 N 
3  1 "O4'" A C 17 ? ? "C1'" A C 17 ? ? N1    A C 17 ? ? 113.76 108.50 5.26   0.70 N 
4  1 N1    A C 17 ? ? C2    A C 17 ? ? O2    A C 17 ? ? 123.13 118.90 4.23   0.60 N 
5  1 N3    A C 17 ? ? C2    A C 17 ? ? O2    A C 17 ? ? 117.32 121.90 -4.58  0.70 N 
6  1 "C3'" A U 24 ? ? "O3'" A U 24 ? ? P     A C 25 ? ? 111.71 119.70 -7.99  1.20 Y 
7  1 "O4'" A A 58 ? ? "C1'" A A 58 ? ? N9    A A 58 ? ? 101.79 108.20 -6.41  0.80 N 
8  1 "C1'" A A 76 ? ? "O4'" A A 76 ? ? "C4'" A A 76 ? ? 101.41 109.70 -8.29  0.70 N 
9  1 "C4'" A A 76 ? ? "C3'" A A 76 ? ? "C2'" A A 76 ? ? 96.23  102.60 -6.37  1.00 N 
10 1 "O4'" A A 76 ? ? "C1'" A A 76 ? ? N9    A A 76 ? ? 117.13 108.50 8.63   0.70 N 
# 
loop_
_chem_comp_atom.comp_id 
_chem_comp_atom.atom_id 
_chem_comp_atom.type_symbol 
_chem_comp_atom.pdbx_aromatic_flag 
_chem_comp_atom.pdbx_stereo_config 
_chem_comp_atom.pdbx_ordinal 
4SU N1     N N N 1   
4SU C2     C N N 2   
4SU N3     N N N 3   
4SU C4     C N N 4   
4SU C5     C N N 5   
4SU C6     C N N 6   
4SU O2     O N N 7   
4SU S4     S N N 8   
4SU "C1'"  C N R 9   
4SU "C2'"  C N R 10  
4SU "O2'"  O N N 11  
4SU "C3'"  C N S 12  
4SU "C4'"  C N R 13  
4SU "O3'"  O N N 14  
4SU "O4'"  O N N 15  
4SU "C5'"  C N N 16  
4SU "O5'"  O N N 17  
4SU P      P N N 18  
4SU OP1    O N N 19  
4SU OP2    O N N 20  
4SU OP3    O N N 21  
4SU HN3    H N N 22  
4SU H5     H N N 23  
4SU H6     H N N 24  
4SU "H1'"  H N N 25  
4SU "H2'"  H N N 26  
4SU "HO2'" H N N 27  
4SU "H3'"  H N N 28  
4SU "H4'"  H N N 29  
4SU "HO3'" H N N 30  
4SU "H5'"  H N N 31  
4SU "H5''" H N N 32  
4SU HOP2   H N N 33  
4SU HOP3   H N N 34  
5MU N1     N N N 35  
5MU C2     C N N 36  
5MU N3     N N N 37  
5MU C4     C N N 38  
5MU C5     C N N 39  
5MU C5M    C N N 40  
5MU C6     C N N 41  
5MU O2     O N N 42  
5MU O4     O N N 43  
5MU "C1'"  C N R 44  
5MU "C2'"  C N R 45  
5MU "O2'"  O N N 46  
5MU "C3'"  C N S 47  
5MU "C4'"  C N R 48  
5MU "O3'"  O N N 49  
5MU "O4'"  O N N 50  
5MU "C5'"  C N N 51  
5MU "O5'"  O N N 52  
5MU P      P N N 53  
5MU OP1    O N N 54  
5MU OP2    O N N 55  
5MU OP3    O N N 56  
5MU HN3    H N N 57  
5MU H71    H N N 58  
5MU H72    H N N 59  
5MU H73    H N N 60  
5MU H6     H N N 61  
5MU "H1'"  H N N 62  
5MU "H2'"  H N N 63  
5MU "HO2'" H N N 64  
5MU "H3'"  H N N 65  
5MU "H4'"  H N N 66  
5MU "HO3'" H N N 67  
5MU "H5'"  H N N 68  
5MU "H5''" H N N 69  
5MU HOP2   H N N 70  
5MU HOP3   H N N 71  
A   OP3    O N N 72  
A   P      P N N 73  
A   OP1    O N N 74  
A   OP2    O N N 75  
A   "O5'"  O N N 76  
A   "C5'"  C N N 77  
A   "C4'"  C N R 78  
A   "O4'"  O N N 79  
A   "C3'"  C N S 80  
A   "O3'"  O N N 81  
A   "C2'"  C N R 82  
A   "O2'"  O N N 83  
A   "C1'"  C N R 84  
A   N9     N Y N 85  
A   C8     C Y N 86  
A   N7     N Y N 87  
A   C5     C Y N 88  
A   C6     C Y N 89  
A   N6     N N N 90  
A   N1     N Y N 91  
A   C2     C Y N 92  
A   N3     N Y N 93  
A   C4     C Y N 94  
A   HOP3   H N N 95  
A   HOP2   H N N 96  
A   "H5'"  H N N 97  
A   "H5''" H N N 98  
A   "H4'"  H N N 99  
A   "H3'"  H N N 100 
A   "HO3'" H N N 101 
A   "H2'"  H N N 102 
A   "HO2'" H N N 103 
A   "H1'"  H N N 104 
A   H8     H N N 105 
A   H61    H N N 106 
A   H62    H N N 107 
A   H2     H N N 108 
C   OP3    O N N 109 
C   P      P N N 110 
C   OP1    O N N 111 
C   OP2    O N N 112 
C   "O5'"  O N N 113 
C   "C5'"  C N N 114 
C   "C4'"  C N R 115 
C   "O4'"  O N N 116 
C   "C3'"  C N S 117 
C   "O3'"  O N N 118 
C   "C2'"  C N R 119 
C   "O2'"  O N N 120 
C   "C1'"  C N R 121 
C   N1     N N N 122 
C   C2     C N N 123 
C   O2     O N N 124 
C   N3     N N N 125 
C   C4     C N N 126 
C   N4     N N N 127 
C   C5     C N N 128 
C   C6     C N N 129 
C   HOP3   H N N 130 
C   HOP2   H N N 131 
C   "H5'"  H N N 132 
C   "H5''" H N N 133 
C   "H4'"  H N N 134 
C   "H3'"  H N N 135 
C   "HO3'" H N N 136 
C   "H2'"  H N N 137 
C   "HO2'" H N N 138 
C   "H1'"  H N N 139 
C   H41    H N N 140 
C   H42    H N N 141 
C   H5     H N N 142 
C   H6     H N N 143 
G   OP3    O N N 144 
G   P      P N N 145 
G   OP1    O N N 146 
G   OP2    O N N 147 
G   "O5'"  O N N 148 
G   "C5'"  C N N 149 
G   "C4'"  C N R 150 
G   "O4'"  O N N 151 
G   "C3'"  C N S 152 
G   "O3'"  O N N 153 
G   "C2'"  C N R 154 
G   "O2'"  O N N 155 
G   "C1'"  C N R 156 
G   N9     N Y N 157 
G   C8     C Y N 158 
G   N7     N Y N 159 
G   C5     C Y N 160 
G   C6     C N N 161 
G   O6     O N N 162 
G   N1     N N N 163 
G   C2     C N N 164 
G   N2     N N N 165 
G   N3     N N N 166 
G   C4     C Y N 167 
G   HOP3   H N N 168 
G   HOP2   H N N 169 
G   "H5'"  H N N 170 
G   "H5''" H N N 171 
G   "H4'"  H N N 172 
G   "H3'"  H N N 173 
G   "HO3'" H N N 174 
G   "H2'"  H N N 175 
G   "HO2'" H N N 176 
G   "H1'"  H N N 177 
G   H8     H N N 178 
G   H1     H N N 179 
G   H21    H N N 180 
G   H22    H N N 181 
H2U P      P N N 182 
H2U OP1    O N N 183 
H2U OP2    O N N 184 
H2U OP3    O N N 185 
H2U "O5'"  O N N 186 
H2U "C5'"  C N N 187 
H2U "C4'"  C N R 188 
H2U "O4'"  O N N 189 
H2U "C3'"  C N S 190 
H2U "O3'"  O N N 191 
H2U "C1'"  C N R 192 
H2U "C2'"  C N R 193 
H2U "O2'"  O N N 194 
H2U N1     N N N 195 
H2U C2     C N N 196 
H2U O2     O N N 197 
H2U N3     N N N 198 
H2U C4     C N N 199 
H2U O4     O N N 200 
H2U C5     C N N 201 
H2U C6     C N N 202 
H2U HOP2   H N N 203 
H2U HOP3   H N N 204 
H2U "H5'"  H N N 205 
H2U "H5''" H N N 206 
H2U "H4'"  H N N 207 
H2U "H3'"  H N N 208 
H2U "HO3'" H N N 209 
H2U "H1'"  H N N 210 
H2U "H2'"  H N N 211 
H2U "HO2'" H N N 212 
H2U HN3    H N N 213 
H2U H51    H N N 214 
H2U H52    H N N 215 
H2U H61    H N N 216 
H2U H62    H N N 217 
OMC N1     N N N 218 
OMC C2     C N N 219 
OMC N3     N N N 220 
OMC C4     C N N 221 
OMC C5     C N N 222 
OMC C6     C N N 223 
OMC O2     O N N 224 
OMC N4     N N N 225 
OMC "C1'"  C N R 226 
OMC "C2'"  C N R 227 
OMC "O2'"  O N N 228 
OMC CM2    C N N 229 
OMC "C3'"  C N R 230 
OMC "C4'"  C N R 231 
OMC "O4'"  O N N 232 
OMC "O3'"  O N N 233 
OMC "C5'"  C N N 234 
OMC "O5'"  O N N 235 
OMC P      P N N 236 
OMC OP1    O N N 237 
OMC OP2    O N N 238 
OMC OP3    O N N 239 
OMC H5     H N N 240 
OMC H6     H N N 241 
OMC HN41   H N N 242 
OMC HN42   H N N 243 
OMC "H1'"  H N N 244 
OMC "H2'"  H N N 245 
OMC HM21   H N N 246 
OMC HM22   H N N 247 
OMC HM23   H N N 248 
OMC "H3'"  H N N 249 
OMC "H4'"  H N N 250 
OMC "HO3'" H N N 251 
OMC "H5'"  H N N 252 
OMC "H5''" H N N 253 
OMC HOP2   H N N 254 
OMC HOP3   H N N 255 
PSU N1     N N N 256 
PSU C2     C N N 257 
PSU N3     N N N 258 
PSU C4     C N N 259 
PSU C5     C N N 260 
PSU C6     C N N 261 
PSU O2     O N N 262 
PSU O4     O N N 263 
PSU "C1'"  C N S 264 
PSU "C2'"  C N R 265 
PSU "O2'"  O N N 266 
PSU "C3'"  C N S 267 
PSU "C4'"  C N R 268 
PSU "O3'"  O N N 269 
PSU "O4'"  O N N 270 
PSU "C5'"  C N N 271 
PSU "O5'"  O N N 272 
PSU P      P N N 273 
PSU OP1    O N N 274 
PSU OP2    O N N 275 
PSU OP3    O N N 276 
PSU HN1    H N N 277 
PSU HN3    H N N 278 
PSU H6     H N N 279 
PSU "H1'"  H N N 280 
PSU "H2'"  H N N 281 
PSU "HO2'" H N N 282 
PSU "H3'"  H N N 283 
PSU "H4'"  H N N 284 
PSU "HO3'" H N N 285 
PSU "H5'"  H N N 286 
PSU "H5''" H N N 287 
PSU HOP2   H N N 288 
PSU HOP3   H N N 289 
U   OP3    O N N 290 
U   P      P N N 291 
U   OP1    O N N 292 
U   OP2    O N N 293 
U   "O5'"  O N N 294 
U   "C5'"  C N N 295 
U   "C4'"  C N R 296 
U   "O4'"  O N N 297 
U   "C3'"  C N S 298 
U   "O3'"  O N N 299 
U   "C2'"  C N R 300 
U   "O2'"  O N N 301 
U   "C1'"  C N R 302 
U   N1     N N N 303 
U   C2     C N N 304 
U   O2     O N N 305 
U   N3     N N N 306 
U   C4     C N N 307 
U   O4     O N N 308 
U   C5     C N N 309 
U   C6     C N N 310 
U   HOP3   H N N 311 
U   HOP2   H N N 312 
U   "H5'"  H N N 313 
U   "H5''" H N N 314 
U   "H4'"  H N N 315 
U   "H3'"  H N N 316 
U   "HO3'" H N N 317 
U   "H2'"  H N N 318 
U   "HO2'" H N N 319 
U   "H1'"  H N N 320 
U   H3     H N N 321 
U   H5     H N N 322 
U   H6     H N N 323 
# 
loop_
_chem_comp_bond.comp_id 
_chem_comp_bond.atom_id_1 
_chem_comp_bond.atom_id_2 
_chem_comp_bond.value_order 
_chem_comp_bond.pdbx_aromatic_flag 
_chem_comp_bond.pdbx_stereo_config 
_chem_comp_bond.pdbx_ordinal 
4SU N1    C2     sing N N 1   
4SU N1    C6     sing N N 2   
4SU N1    "C1'"  sing N N 3   
4SU C2    N3     sing N N 4   
4SU C2    O2     doub N N 5   
4SU N3    C4     sing N N 6   
4SU N3    HN3    sing N N 7   
4SU C4    C5     sing N N 8   
4SU C4    S4     doub N N 9   
4SU C5    C6     doub N N 10  
4SU C5    H5     sing N N 11  
4SU C6    H6     sing N N 12  
4SU "C1'" "C2'"  sing N N 13  
4SU "C1'" "O4'"  sing N N 14  
4SU "C1'" "H1'"  sing N N 15  
4SU "C2'" "O2'"  sing N N 16  
4SU "C2'" "C3'"  sing N N 17  
4SU "C2'" "H2'"  sing N N 18  
4SU "O2'" "HO2'" sing N N 19  
4SU "C3'" "C4'"  sing N N 20  
4SU "C3'" "O3'"  sing N N 21  
4SU "C3'" "H3'"  sing N N 22  
4SU "C4'" "O4'"  sing N N 23  
4SU "C4'" "C5'"  sing N N 24  
4SU "C4'" "H4'"  sing N N 25  
4SU "O3'" "HO3'" sing N N 26  
4SU "C5'" "O5'"  sing N N 27  
4SU "C5'" "H5'"  sing N N 28  
4SU "C5'" "H5''" sing N N 29  
4SU "O5'" P      sing N N 30  
4SU P     OP1    doub N N 31  
4SU P     OP2    sing N N 32  
4SU P     OP3    sing N N 33  
4SU OP2   HOP2   sing N N 34  
4SU OP3   HOP3   sing N N 35  
5MU N1    C2     sing N N 36  
5MU N1    C6     sing N N 37  
5MU N1    "C1'"  sing N N 38  
5MU C2    N3     sing N N 39  
5MU C2    O2     doub N N 40  
5MU N3    C4     sing N N 41  
5MU N3    HN3    sing N N 42  
5MU C4    C5     sing N N 43  
5MU C4    O4     doub N N 44  
5MU C5    C5M    sing N N 45  
5MU C5    C6     doub N N 46  
5MU C5M   H71    sing N N 47  
5MU C5M   H72    sing N N 48  
5MU C5M   H73    sing N N 49  
5MU C6    H6     sing N N 50  
5MU "C1'" "C2'"  sing N N 51  
5MU "C1'" "O4'"  sing N N 52  
5MU "C1'" "H1'"  sing N N 53  
5MU "C2'" "O2'"  sing N N 54  
5MU "C2'" "C3'"  sing N N 55  
5MU "C2'" "H2'"  sing N N 56  
5MU "O2'" "HO2'" sing N N 57  
5MU "C3'" "C4'"  sing N N 58  
5MU "C3'" "O3'"  sing N N 59  
5MU "C3'" "H3'"  sing N N 60  
5MU "C4'" "O4'"  sing N N 61  
5MU "C4'" "C5'"  sing N N 62  
5MU "C4'" "H4'"  sing N N 63  
5MU "O3'" "HO3'" sing N N 64  
5MU "C5'" "O5'"  sing N N 65  
5MU "C5'" "H5'"  sing N N 66  
5MU "C5'" "H5''" sing N N 67  
5MU "O5'" P      sing N N 68  
5MU P     OP1    doub N N 69  
5MU P     OP2    sing N N 70  
5MU P     OP3    sing N N 71  
5MU OP2   HOP2   sing N N 72  
5MU OP3   HOP3   sing N N 73  
A   OP3   P      sing N N 74  
A   OP3   HOP3   sing N N 75  
A   P     OP1    doub N N 76  
A   P     OP2    sing N N 77  
A   P     "O5'"  sing N N 78  
A   OP2   HOP2   sing N N 79  
A   "O5'" "C5'"  sing N N 80  
A   "C5'" "C4'"  sing N N 81  
A   "C5'" "H5'"  sing N N 82  
A   "C5'" "H5''" sing N N 83  
A   "C4'" "O4'"  sing N N 84  
A   "C4'" "C3'"  sing N N 85  
A   "C4'" "H4'"  sing N N 86  
A   "O4'" "C1'"  sing N N 87  
A   "C3'" "O3'"  sing N N 88  
A   "C3'" "C2'"  sing N N 89  
A   "C3'" "H3'"  sing N N 90  
A   "O3'" "HO3'" sing N N 91  
A   "C2'" "O2'"  sing N N 92  
A   "C2'" "C1'"  sing N N 93  
A   "C2'" "H2'"  sing N N 94  
A   "O2'" "HO2'" sing N N 95  
A   "C1'" N9     sing N N 96  
A   "C1'" "H1'"  sing N N 97  
A   N9    C8     sing Y N 98  
A   N9    C4     sing Y N 99  
A   C8    N7     doub Y N 100 
A   C8    H8     sing N N 101 
A   N7    C5     sing Y N 102 
A   C5    C6     sing Y N 103 
A   C5    C4     doub Y N 104 
A   C6    N6     sing N N 105 
A   C6    N1     doub Y N 106 
A   N6    H61    sing N N 107 
A   N6    H62    sing N N 108 
A   N1    C2     sing Y N 109 
A   C2    N3     doub Y N 110 
A   C2    H2     sing N N 111 
A   N3    C4     sing Y N 112 
C   OP3   P      sing N N 113 
C   OP3   HOP3   sing N N 114 
C   P     OP1    doub N N 115 
C   P     OP2    sing N N 116 
C   P     "O5'"  sing N N 117 
C   OP2   HOP2   sing N N 118 
C   "O5'" "C5'"  sing N N 119 
C   "C5'" "C4'"  sing N N 120 
C   "C5'" "H5'"  sing N N 121 
C   "C5'" "H5''" sing N N 122 
C   "C4'" "O4'"  sing N N 123 
C   "C4'" "C3'"  sing N N 124 
C   "C4'" "H4'"  sing N N 125 
C   "O4'" "C1'"  sing N N 126 
C   "C3'" "O3'"  sing N N 127 
C   "C3'" "C2'"  sing N N 128 
C   "C3'" "H3'"  sing N N 129 
C   "O3'" "HO3'" sing N N 130 
C   "C2'" "O2'"  sing N N 131 
C   "C2'" "C1'"  sing N N 132 
C   "C2'" "H2'"  sing N N 133 
C   "O2'" "HO2'" sing N N 134 
C   "C1'" N1     sing N N 135 
C   "C1'" "H1'"  sing N N 136 
C   N1    C2     sing N N 137 
C   N1    C6     sing N N 138 
C   C2    O2     doub N N 139 
C   C2    N3     sing N N 140 
C   N3    C4     doub N N 141 
C   C4    N4     sing N N 142 
C   C4    C5     sing N N 143 
C   N4    H41    sing N N 144 
C   N4    H42    sing N N 145 
C   C5    C6     doub N N 146 
C   C5    H5     sing N N 147 
C   C6    H6     sing N N 148 
G   OP3   P      sing N N 149 
G   OP3   HOP3   sing N N 150 
G   P     OP1    doub N N 151 
G   P     OP2    sing N N 152 
G   P     "O5'"  sing N N 153 
G   OP2   HOP2   sing N N 154 
G   "O5'" "C5'"  sing N N 155 
G   "C5'" "C4'"  sing N N 156 
G   "C5'" "H5'"  sing N N 157 
G   "C5'" "H5''" sing N N 158 
G   "C4'" "O4'"  sing N N 159 
G   "C4'" "C3'"  sing N N 160 
G   "C4'" "H4'"  sing N N 161 
G   "O4'" "C1'"  sing N N 162 
G   "C3'" "O3'"  sing N N 163 
G   "C3'" "C2'"  sing N N 164 
G   "C3'" "H3'"  sing N N 165 
G   "O3'" "HO3'" sing N N 166 
G   "C2'" "O2'"  sing N N 167 
G   "C2'" "C1'"  sing N N 168 
G   "C2'" "H2'"  sing N N 169 
G   "O2'" "HO2'" sing N N 170 
G   "C1'" N9     sing N N 171 
G   "C1'" "H1'"  sing N N 172 
G   N9    C8     sing Y N 173 
G   N9    C4     sing Y N 174 
G   C8    N7     doub Y N 175 
G   C8    H8     sing N N 176 
G   N7    C5     sing Y N 177 
G   C5    C6     sing N N 178 
G   C5    C4     doub Y N 179 
G   C6    O6     doub N N 180 
G   C6    N1     sing N N 181 
G   N1    C2     sing N N 182 
G   N1    H1     sing N N 183 
G   C2    N2     sing N N 184 
G   C2    N3     doub N N 185 
G   N2    H21    sing N N 186 
G   N2    H22    sing N N 187 
G   N3    C4     sing N N 188 
H2U P     OP1    doub N N 189 
H2U P     OP2    sing N N 190 
H2U P     OP3    sing N N 191 
H2U P     "O5'"  sing N N 192 
H2U OP2   HOP2   sing N N 193 
H2U OP3   HOP3   sing N N 194 
H2U "O5'" "C5'"  sing N N 195 
H2U "C5'" "C4'"  sing N N 196 
H2U "C5'" "H5'"  sing N N 197 
H2U "C5'" "H5''" sing N N 198 
H2U "C4'" "O4'"  sing N N 199 
H2U "C4'" "C3'"  sing N N 200 
H2U "C4'" "H4'"  sing N N 201 
H2U "O4'" "C1'"  sing N N 202 
H2U "C3'" "O3'"  sing N N 203 
H2U "C3'" "C2'"  sing N N 204 
H2U "C3'" "H3'"  sing N N 205 
H2U "O3'" "HO3'" sing N N 206 
H2U "C1'" "C2'"  sing N N 207 
H2U "C1'" N1     sing N N 208 
H2U "C1'" "H1'"  sing N N 209 
H2U "C2'" "O2'"  sing N N 210 
H2U "C2'" "H2'"  sing N N 211 
H2U "O2'" "HO2'" sing N N 212 
H2U N1    C2     sing N N 213 
H2U N1    C6     sing N N 214 
H2U C2    O2     doub N N 215 
H2U C2    N3     sing N N 216 
H2U N3    C4     sing N N 217 
H2U N3    HN3    sing N N 218 
H2U C4    O4     doub N N 219 
H2U C4    C5     sing N N 220 
H2U C5    C6     sing N N 221 
H2U C5    H51    sing N N 222 
H2U C5    H52    sing N N 223 
H2U C6    H61    sing N N 224 
H2U C6    H62    sing N N 225 
OMC N1    C2     sing N N 226 
OMC N1    C6     sing N N 227 
OMC N1    "C1'"  sing N N 228 
OMC C2    N3     sing N N 229 
OMC C2    O2     doub N N 230 
OMC N3    C4     doub N N 231 
OMC C4    C5     sing N N 232 
OMC C4    N4     sing N N 233 
OMC C5    C6     doub N N 234 
OMC C5    H5     sing N N 235 
OMC C6    H6     sing N N 236 
OMC N4    HN41   sing N N 237 
OMC N4    HN42   sing N N 238 
OMC "C1'" "C2'"  sing N N 239 
OMC "C1'" "O4'"  sing N N 240 
OMC "C1'" "H1'"  sing N N 241 
OMC "C2'" "O2'"  sing N N 242 
OMC "C2'" "C3'"  sing N N 243 
OMC "C2'" "H2'"  sing N N 244 
OMC "O2'" CM2    sing N N 245 
OMC CM2   HM21   sing N N 246 
OMC CM2   HM22   sing N N 247 
OMC CM2   HM23   sing N N 248 
OMC "C3'" "C4'"  sing N N 249 
OMC "C3'" "O3'"  sing N N 250 
OMC "C3'" "H3'"  sing N N 251 
OMC "C4'" "O4'"  sing N N 252 
OMC "C4'" "C5'"  sing N N 253 
OMC "C4'" "H4'"  sing N N 254 
OMC "O3'" "HO3'" sing N N 255 
OMC "C5'" "O5'"  sing N N 256 
OMC "C5'" "H5'"  sing N N 257 
OMC "C5'" "H5''" sing N N 258 
OMC "O5'" P      sing N N 259 
OMC P     OP1    doub N N 260 
OMC P     OP2    sing N N 261 
OMC P     OP3    sing N N 262 
OMC OP2   HOP2   sing N N 263 
OMC OP3   HOP3   sing N N 264 
PSU N1    C2     sing N N 265 
PSU N1    C6     sing N N 266 
PSU N1    HN1    sing N N 267 
PSU C2    N3     sing N N 268 
PSU C2    O2     doub N N 269 
PSU N3    C4     sing N N 270 
PSU N3    HN3    sing N N 271 
PSU C4    C5     sing N N 272 
PSU C4    O4     doub N N 273 
PSU C5    C6     doub N N 274 
PSU C5    "C1'"  sing N N 275 
PSU C6    H6     sing N N 276 
PSU "C1'" "C2'"  sing N N 277 
PSU "C1'" "O4'"  sing N N 278 
PSU "C1'" "H1'"  sing N N 279 
PSU "C2'" "O2'"  sing N N 280 
PSU "C2'" "C3'"  sing N N 281 
PSU "C2'" "H2'"  sing N N 282 
PSU "O2'" "HO2'" sing N N 283 
PSU "C3'" "C4'"  sing N N 284 
PSU "C3'" "O3'"  sing N N 285 
PSU "C3'" "H3'"  sing N N 286 
PSU "C4'" "O4'"  sing N N 287 
PSU "C4'" "C5'"  sing N N 288 
PSU "C4'" "H4'"  sing N N 289 
PSU "O3'" "HO3'" sing N N 290 
PSU "C5'" "O5'"  sing N N 291 
PSU "C5'" "H5'"  sing N N 292 
PSU "C5'" "H5''" sing N N 293 
PSU "O5'" P      sing N N 294 
PSU P     OP1    doub N N 295 
PSU P     OP2    sing N N 296 
PSU P     OP3    sing N N 297 
PSU OP2   HOP2   sing N N 298 
PSU OP3   HOP3   sing N N 299 
U   OP3   P      sing N N 300 
U   OP3   HOP3   sing N N 301 
U   P     OP1    doub N N 302 
U   P     OP2    sing N N 303 
U   P     "O5'"  sing N N 304 
U   OP2   HOP2   sing N N 305 
U   "O5'" "C5'"  sing N N 306 
U   "C5'" "C4'"  sing N N 307 
U   "C5'" "H5'"  sing N N 308 
U   "C5'" "H5''" sing N N 309 
U   "C4'" "O4'"  sing N N 310 
U   "C4'" "C3'"  sing N N 311 
U   "C4'" "H4'"  sing N N 312 
U   "O4'" "C1'"  sing N N 313 
U   "C3'" "O3'"  sing N N 314 
U   "C3'" "C2'"  sing N N 315 
U   "C3'" "H3'"  sing N N 316 
U   "O3'" "HO3'" sing N N 317 
U   "C2'" "O2'"  sing N N 318 
U   "C2'" "C1'"  sing N N 319 
U   "C2'" "H2'"  sing N N 320 
U   "O2'" "HO2'" sing N N 321 
U   "C1'" N1     sing N N 322 
U   "C1'" "H1'"  sing N N 323 
U   N1    C2     sing N N 324 
U   N1    C6     sing N N 325 
U   C2    O2     doub N N 326 
U   C2    N3     sing N N 327 
U   N3    C4     sing N N 328 
U   N3    H3     sing N N 329 
U   C4    O4     doub N N 330 
U   C4    C5     sing N N 331 
U   C5    C6     doub N N 332 
U   C5    H5     sing N N 333 
U   C6    H6     sing N N 334 
# 
loop_
_ndb_struct_conf_na.entry_id 
_ndb_struct_conf_na.feature 
3CW5 'double helix'         
3CW5 'a-form double helix'  
3CW5 'parallel strands'     
3CW5 'hairpin loop'         
3CW5 'mismatched base pair' 
3CW5 'four-way junction'    
# 
loop_
_ndb_struct_na_base_pair.model_number 
_ndb_struct_na_base_pair.i_label_asym_id 
_ndb_struct_na_base_pair.i_label_comp_id 
_ndb_struct_na_base_pair.i_label_seq_id 
_ndb_struct_na_base_pair.i_symmetry 
_ndb_struct_na_base_pair.j_label_asym_id 
_ndb_struct_na_base_pair.j_label_comp_id 
_ndb_struct_na_base_pair.j_label_seq_id 
_ndb_struct_na_base_pair.j_symmetry 
_ndb_struct_na_base_pair.shear 
_ndb_struct_na_base_pair.stretch 
_ndb_struct_na_base_pair.stagger 
_ndb_struct_na_base_pair.buckle 
_ndb_struct_na_base_pair.propeller 
_ndb_struct_na_base_pair.opening 
_ndb_struct_na_base_pair.pair_number 
_ndb_struct_na_base_pair.pair_name 
_ndb_struct_na_base_pair.i_auth_asym_id 
_ndb_struct_na_base_pair.i_auth_seq_id 
_ndb_struct_na_base_pair.i_PDB_ins_code 
_ndb_struct_na_base_pair.j_auth_asym_id 
_ndb_struct_na_base_pair.j_auth_seq_id 
_ndb_struct_na_base_pair.j_PDB_ins_code 
_ndb_struct_na_base_pair.hbond_type_28 
_ndb_struct_na_base_pair.hbond_type_12 
1 A G   2  1_555 A C   72 1_555 -0.484 -0.473 -0.234 -10.480 -12.640 -0.452   1  A_G2:C71_A    A 2  ? A 71 ? 19 1 
1 A C   3  1_555 A G   71 1_555 -0.122 -0.430 0.663  -8.534  -3.878  -3.109   2  A_C3:G70_A    A 3  ? A 70 ? 19 1 
1 A G   4  1_555 A C   70 1_555 -0.582 -0.289 0.167  8.281   2.732   -0.154   3  A_G4:C69_A    A 4  ? A 69 ? 19 1 
1 A G   5  1_555 A C   69 1_555 -0.642 -0.504 -0.425 -8.099  -8.956  2.793    4  A_G5:C68_A    A 5  ? A 68 ? 19 1 
1 A G   6  1_555 A C   68 1_555 -0.842 -0.372 -0.005 -8.493  -7.059  0.813    5  A_G6:C67_A    A 6  ? A 67 ? 19 1 
1 A G   7  1_555 A C   67 1_555 -0.801 -0.435 -0.001 -1.284  1.616   -1.487   6  A_G7:C66_A    A 7  ? A 66 ? 19 1 
1 A G   50 1_555 A C   66 1_555 0.298  -0.107 0.042  -1.610  -0.629  -1.904   7  A_G49:C65_A   A 49 ? A 65 ? 19 1 
1 A U   51 1_555 A G   65 1_555 1.930  -0.811 -0.109 1.632   -4.269  -4.212   8  A_U50:G64_A   A 50 ? A 64 ? 28 1 
1 A C   52 1_555 A G   64 1_555 0.693  -0.534 -0.074 3.410   -11.201 1.047    9  A_C51:G63_A   A 51 ? A 63 ? 19 1 
1 A G   53 1_555 A C   63 1_555 0.089  -0.163 0.007  -1.224  -1.630  1.571    10 A_G52:C62_A   A 52 ? A 62 ? 19 1 
1 A G   54 1_555 A C   62 1_555 -0.371 -0.158 -0.364 -17.200 -0.342  3.571    11 A_G53:C61_A   A 53 ? A 61 ? 19 1 
1 A 5MU 55 1_555 A A   59 1_555 3.986  -1.817 0.855  -4.017  14.609  -102.600 12 A_5MU54:A58_A A 54 ? A 58 ? 24 4 
1 A PSU 56 1_555 A G   19 1_555 0.301  -5.214 0.342  21.412  22.308  -98.785  13 A_PSU55:G18_A A 55 ? A 18 ? ?  2 
1 A A   39 1_555 A OMC 33 1_555 -3.134 -0.784 0.739  18.444  4.447   0.753    14 A_A38:OMC32_A A 38 ? A 32 ? ?  1 
1 A C   40 1_555 A G   32 1_555 0.150  -0.004 0.085  26.510  -15.753 5.613    15 A_C39:G31_A   A 39 ? A 31 ? 19 1 
1 A C   41 1_555 A G   31 1_555 -0.386 -0.362 -0.903 19.033  -13.333 -0.571   16 A_C40:G30_A   A 40 ? A 30 ? 19 1 
1 A C   42 1_555 A G   30 1_555 0.267  -0.303 -0.378 2.832   -2.298  -2.937   17 A_C41:G29_A   A 41 ? A 29 ? 19 1 
1 A G   43 1_555 A C   29 1_555 -0.853 -0.161 0.528  -4.793  -12.528 7.710    18 A_G42:C28_A   A 42 ? A 28 ? 19 1 
1 A A   44 1_555 A U   28 1_555 -0.593 -0.312 -0.207 -17.926 -18.974 -3.109   19 A_A43:U27_A   A 43 ? A 27 ? 20 1 
1 A A   45 1_555 A G   27 1_555 0.410  1.580  0.201  -24.268 -11.645 -9.378   20 A_A44:G26_A   A 44 ? A 26 ? 8  ? 
1 A G   10 1_555 A C   26 1_555 -0.384 -0.434 -0.595 0.432   -2.833  0.590    21 A_G10:C25_A   A 10 ? A 25 ? 19 1 
1 A A   11 1_555 A U   25 1_555 0.369  -0.276 0.145  -3.423  11.169  2.234    22 A_A11:U24_A   A 11 ? A 24 ? 20 1 
1 A G   12 1_555 A C   24 1_555 0.002  -0.053 -0.607 -17.633 -19.406 5.989    23 A_G12:C23_A   A 12 ? A 23 ? 19 1 
1 A C   13 1_555 A G   23 1_555 0.095  -0.132 -0.243 -5.200  -13.065 1.224    24 A_C13:G22_A   A 13 ? A 22 ? 19 1 
1 A A   14 1_555 A 4SU 8  1_555 -4.056 -2.246 1.153  8.646   25.282  -96.321  25 A_A14:4SU8_A  A 14 ? A 8  ? 24 4 
1 A G   15 1_555 A C   49 1_555 0.324  3.547  -0.079 -13.428 -2.542  158.256  26 A_G15:C48_A   A 15 ? A 48 ? 22 2 
1 A G   20 1_555 A C   57 1_555 0.302  -0.507 0.112  -13.452 -11.513 -7.841   27 A_G19:C56_A   A 19 ? A 56 ? 19 1 
# 
loop_
_ndb_struct_na_base_pair_step.model_number 
_ndb_struct_na_base_pair_step.i_label_asym_id_1 
_ndb_struct_na_base_pair_step.i_label_comp_id_1 
_ndb_struct_na_base_pair_step.i_label_seq_id_1 
_ndb_struct_na_base_pair_step.i_symmetry_1 
_ndb_struct_na_base_pair_step.j_label_asym_id_1 
_ndb_struct_na_base_pair_step.j_label_comp_id_1 
_ndb_struct_na_base_pair_step.j_label_seq_id_1 
_ndb_struct_na_base_pair_step.j_symmetry_1 
_ndb_struct_na_base_pair_step.i_label_asym_id_2 
_ndb_struct_na_base_pair_step.i_label_comp_id_2 
_ndb_struct_na_base_pair_step.i_label_seq_id_2 
_ndb_struct_na_base_pair_step.i_symmetry_2 
_ndb_struct_na_base_pair_step.j_label_asym_id_2 
_ndb_struct_na_base_pair_step.j_label_comp_id_2 
_ndb_struct_na_base_pair_step.j_label_seq_id_2 
_ndb_struct_na_base_pair_step.j_symmetry_2 
_ndb_struct_na_base_pair_step.shift 
_ndb_struct_na_base_pair_step.slide 
_ndb_struct_na_base_pair_step.rise 
_ndb_struct_na_base_pair_step.tilt 
_ndb_struct_na_base_pair_step.roll 
_ndb_struct_na_base_pair_step.twist 
_ndb_struct_na_base_pair_step.x_displacement 
_ndb_struct_na_base_pair_step.y_displacement 
_ndb_struct_na_base_pair_step.helical_rise 
_ndb_struct_na_base_pair_step.inclination 
_ndb_struct_na_base_pair_step.tip 
_ndb_struct_na_base_pair_step.helical_twist 
_ndb_struct_na_base_pair_step.step_number 
_ndb_struct_na_base_pair_step.step_name 
_ndb_struct_na_base_pair_step.i_auth_asym_id_1 
_ndb_struct_na_base_pair_step.i_auth_seq_id_1 
_ndb_struct_na_base_pair_step.i_PDB_ins_code_1 
_ndb_struct_na_base_pair_step.j_auth_asym_id_1 
_ndb_struct_na_base_pair_step.j_auth_seq_id_1 
_ndb_struct_na_base_pair_step.j_PDB_ins_code_1 
_ndb_struct_na_base_pair_step.i_auth_asym_id_2 
_ndb_struct_na_base_pair_step.i_auth_seq_id_2 
_ndb_struct_na_base_pair_step.i_PDB_ins_code_2 
_ndb_struct_na_base_pair_step.j_auth_asym_id_2 
_ndb_struct_na_base_pair_step.j_auth_seq_id_2 
_ndb_struct_na_base_pair_step.j_PDB_ins_code_2 
1 A G   2  1_555 A C   72 1_555 A C   3  1_555 A G   71 1_555 -0.665 -2.295 3.179 -6.134 -1.276 31.407  -3.931 0.092  3.333 -2.328 
11.191  32.010  1  AA_G2C3:G70C71_AA       A 2  ? A 71 ? A 3  ? A 70 ? 
1 A C   3  1_555 A G   71 1_555 A G   4  1_555 A C   70 1_555 1.014  -2.887 2.696 3.629  -4.961 18.977  -6.093 -1.287 3.462 
-14.559 -10.650 19.939  2  AA_C3G4:C69G70_AA       A 3  ? A 70 ? A 4  ? A 69 ? 
1 A G   4  1_555 A C   70 1_555 A G   5  1_555 A C   69 1_555 0.294  -2.441 3.643 3.536  6.412  28.745  -6.178 0.201  3.052 12.658 
-6.981  29.645  3  AA_G4G5:C68C69_AA       A 4  ? A 69 ? A 5  ? A 68 ? 
1 A G   5  1_555 A C   69 1_555 A G   6  1_555 A C   68 1_555 0.138  -2.149 3.085 -3.111 6.430  30.056  -5.128 -0.787 2.555 12.183 
5.895   30.874  4  AA_G5G6:C67C68_AA       A 5  ? A 68 ? A 6  ? A 67 ? 
1 A G   6  1_555 A C   68 1_555 A G   7  1_555 A C   67 1_555 0.230  -2.124 3.035 2.206  5.187  28.604  -5.211 -0.036 2.627 10.372 
-4.412  29.143  5  AA_G6G7:C66C67_AA       A 6  ? A 67 ? A 7  ? A 66 ? 
1 A G   7  1_555 A C   67 1_555 A G   50 1_555 A C   66 1_555 -0.053 -2.070 3.280 1.638  1.320  39.496  -3.213 0.270  3.207 1.951 
-2.422  39.549  6  AA_G7G49:C65C66_AA      A 7  ? A 66 ? A 49 ? A 65 ? 
1 A G   50 1_555 A C   66 1_555 A U   51 1_555 A G   65 1_555 -0.795 -2.132 3.227 0.568  -2.877 37.563  -2.926 1.306  3.364 -4.459 
-0.881  37.674  7  AA_G49U50:G64C65_AA     A 49 ? A 65 ? A 50 ? A 64 ? 
1 A U   51 1_555 A G   65 1_555 A C   52 1_555 A G   64 1_555 0.298  -1.631 3.015 5.483  6.588  29.963  -4.143 0.365  2.618 12.425 
-10.341 31.138  8  AA_U50C51:G63G64_AA     A 50 ? A 64 ? A 51 ? A 63 ? 
1 A C   52 1_555 A G   64 1_555 A G   53 1_555 A C   63 1_555 0.653  -2.251 3.224 0.080  6.462  22.197  -7.624 -1.606 2.479 16.344 
-0.201  23.108  9  AA_C51G52:C62G63_AA     A 51 ? A 63 ? A 52 ? A 62 ? 
1 A G   53 1_555 A C   63 1_555 A G   54 1_555 A C   62 1_555 0.899  -2.559 3.495 6.030  7.612  31.009  -5.920 -0.546 2.921 13.818 
-10.947 32.458  10 AA_G52G53:C61C62_AA     A 52 ? A 62 ? A 53 ? A 61 ? 
1 A G   54 1_555 A C   62 1_555 A 5MU 55 1_555 A A   59 1_555 -2.462 -2.247 3.086 -0.644 2.089  88.574  -1.650 1.750  3.058 1.495 
0.461   88.595  11 AA_G535MU54:A58C61_AA   A 53 ? A 61 ? A 54 ? A 58 ? 
1 A 5MU 55 1_555 A A   59 1_555 A PSU 56 1_555 A G   19 1_555 1.866  -2.177 3.514 7.463  -0.665 41.173  -2.971 -1.731 3.814 -0.936 
-10.507 41.820  12 AA_5MU54PSU55:G18A58_AA A 54 ? A 58 ? A 55 ? A 18 ? 
1 A A   39 1_555 A OMC 33 1_555 A C   40 1_555 A G   32 1_555 0.101  -1.251 3.295 3.381  -6.053 46.404  -1.055 0.162  3.422 -7.631 
-4.262  46.891  13 AA_A38C39:G31OMC32_AA   A 38 ? A 32 ? A 39 ? A 31 ? 
1 A C   40 1_555 A G   32 1_555 A C   41 1_555 A G   31 1_555 -0.353 -1.934 3.298 4.476  8.273  29.915  -5.024 1.434  2.605 15.549 
-8.414  31.326  14 AA_C39C40:G30G31_AA     A 39 ? A 31 ? A 40 ? A 30 ? 
1 A C   41 1_555 A G   31 1_555 A C   42 1_555 A G   30 1_555 -0.595 -1.710 3.809 -4.013 9.529  32.636  -4.571 0.311  3.245 16.450 
6.927   34.192  15 AA_C40C41:G29G30_AA     A 40 ? A 30 ? A 41 ? A 29 ? 
1 A C   42 1_555 A G   30 1_555 A G   43 1_555 A C   29 1_555 1.234  -2.015 3.165 -1.725 8.229  25.499  -6.172 -3.043 2.325 18.030 
3.780   26.828  16 AA_C41G42:C28G29_AA     A 41 ? A 29 ? A 42 ? A 28 ? 
1 A G   43 1_555 A C   29 1_555 A A   44 1_555 A U   28 1_555 -0.006 -1.870 3.501 9.102  6.736  35.055  -3.899 1.274  3.009 10.839 
-14.646 36.784  17 AA_G42A43:U27C28_AA     A 42 ? A 28 ? A 43 ? A 27 ? 
1 A A   44 1_555 A U   28 1_555 A A   45 1_555 A G   27 1_555 -0.346 -1.614 3.129 0.204  7.817  40.840  -3.031 0.507  2.786 11.080 
-0.289  41.551  18 AA_A43A44:G26U27_AA     A 43 ? A 27 ? A 44 ? A 26 ? 
1 A A   45 1_555 A G   27 1_555 A G   10 1_555 A C   26 1_555 -3.062 -2.643 3.072 19.116 5.220  53.210  -3.014 4.049  1.720 5.613 
-20.554 56.527  19 AA_A44G10:C25G26_AA     A 44 ? A 26 ? A 10 ? A 25 ? 
1 A G   10 1_555 A C   26 1_555 A A   11 1_555 A U   25 1_555 -0.955 -1.846 3.228 -9.240 0.884  36.119  -3.008 0.248  3.320 1.397 
14.607  37.254  20 AA_G10A11:U24C25_AA     A 10 ? A 25 ? A 11 ? A 24 ? 
1 A A   11 1_555 A U   25 1_555 A G   12 1_555 A C   24 1_555 0.584  -1.896 3.657 11.328 11.871 29.402  -5.322 0.936  2.750 21.417 
-20.436 33.582  21 AA_A11G12:C23U24_AA     A 11 ? A 24 ? A 12 ? A 23 ? 
1 A G   12 1_555 A C   24 1_555 A C   13 1_555 A G   23 1_555 0.761  -1.982 2.849 5.201  1.080  27.547  -4.315 -0.490 2.863 2.242 
-10.795 28.045  22 AA_G12C13:G22C23_AA     A 12 ? A 23 ? A 13 ? A 22 ? 
1 A C   13 1_555 A G   23 1_555 A A   14 1_555 A 4SU 8  1_555 -1.129 -0.282 3.021 -1.970 -3.399 67.385  -0.132 0.946  3.059 -3.061 
1.774   67.486  23 AA_C13A14:4SU8G22_AA    A 13 ? A 22 ? A 14 ? A 8  ? 
1 A A   14 1_555 A 4SU 8  1_555 A G   15 1_555 A C   49 1_555 1.835  -3.310 3.310 5.647  12.199 -65.409 2.493  1.911  3.657 
-11.166 5.168   -66.626 24 AA_A14G15:C484SU8_AA    A 14 ? A 8  ? A 15 ? A 48 ? 
# 
_pdbx_initial_refinement_model.id               1 
_pdbx_initial_refinement_model.entity_id_list   ? 
_pdbx_initial_refinement_model.type             'experimental model' 
_pdbx_initial_refinement_model.source_name      PDB 
_pdbx_initial_refinement_model.accession_code   2FMT 
_pdbx_initial_refinement_model.details          'E. coli tRNAfMet from 2FMT' 
# 
